data_4KDR
# 
_entry.id   4KDR 
# 
_audit_conform.dict_name       mmcif_pdbx.dic 
_audit_conform.dict_version    5.387 
_audit_conform.dict_location   http://mmcif.pdb.org/dictionaries/ascii/mmcif_pdbx.dic 
# 
loop_
_database_2.database_id 
_database_2.database_code 
_database_2.pdbx_database_accession 
_database_2.pdbx_DOI 
PDB   4KDR         pdb_00004kdr 10.2210/pdb4kdr/pdb 
RCSB  RCSB079210   ?            ?                   
WWPDB D_1000079210 ?            ?                   
# 
loop_
_pdbx_audit_revision_history.ordinal 
_pdbx_audit_revision_history.data_content_type 
_pdbx_audit_revision_history.major_revision 
_pdbx_audit_revision_history.minor_revision 
_pdbx_audit_revision_history.revision_date 
1 'Structure model' 1 0 2014-04-30 
2 'Structure model' 1 1 2017-08-16 
3 'Structure model' 1 2 2019-07-17 
4 'Structure model' 1 3 2024-02-28 
# 
_pdbx_audit_revision_details.ordinal             1 
_pdbx_audit_revision_details.revision_ordinal    1 
_pdbx_audit_revision_details.data_content_type   'Structure model' 
_pdbx_audit_revision_details.provider            repository 
_pdbx_audit_revision_details.type                'Initial release' 
_pdbx_audit_revision_details.description         ? 
_pdbx_audit_revision_details.details             ? 
# 
loop_
_pdbx_audit_revision_group.ordinal 
_pdbx_audit_revision_group.revision_ordinal 
_pdbx_audit_revision_group.data_content_type 
_pdbx_audit_revision_group.group 
1 2 'Structure model' 'Refinement description' 
2 2 'Structure model' 'Source and taxonomy'    
3 3 'Structure model' 'Data collection'        
4 3 'Structure model' 'Refinement description' 
5 4 'Structure model' 'Data collection'        
6 4 'Structure model' 'Database references'    
7 4 'Structure model' 'Derived calculations'   
# 
loop_
_pdbx_audit_revision_category.ordinal 
_pdbx_audit_revision_category.revision_ordinal 
_pdbx_audit_revision_category.data_content_type 
_pdbx_audit_revision_category.category 
1 2 'Structure model' entity_src_gen     
2 2 'Structure model' software           
3 3 'Structure model' software           
4 4 'Structure model' chem_comp_atom     
5 4 'Structure model' chem_comp_bond     
6 4 'Structure model' database_2         
7 4 'Structure model' struct_ref_seq_dif 
8 4 'Structure model' struct_site        
# 
loop_
_pdbx_audit_revision_item.ordinal 
_pdbx_audit_revision_item.revision_ordinal 
_pdbx_audit_revision_item.data_content_type 
_pdbx_audit_revision_item.item 
1 3 'Structure model' '_software.classification'            
2 3 'Structure model' '_software.name'                      
3 3 'Structure model' '_software.version'                   
4 4 'Structure model' '_database_2.pdbx_DOI'                
5 4 'Structure model' '_database_2.pdbx_database_accession' 
6 4 'Structure model' '_struct_ref_seq_dif.details'         
7 4 'Structure model' '_struct_site.pdbx_auth_asym_id'      
8 4 'Structure model' '_struct_site.pdbx_auth_comp_id'      
9 4 'Structure model' '_struct_site.pdbx_auth_seq_id'       
# 
_pdbx_database_status.status_code                     REL 
_pdbx_database_status.entry_id                        4KDR 
_pdbx_database_status.recvd_initial_deposition_date   2013-04-25 
_pdbx_database_status.deposit_site                    RCSB 
_pdbx_database_status.process_site                    RCSB 
_pdbx_database_status.status_code_sf                  REL 
_pdbx_database_status.status_code_mr                  ? 
_pdbx_database_status.SG_entry                        ? 
_pdbx_database_status.status_code_cs                  ? 
_pdbx_database_status.methods_development_category    ? 
_pdbx_database_status.pdb_format_compatible           Y 
_pdbx_database_status.status_code_nmr_data            ? 
# 
_pdbx_database_related.db_name        PDB 
_pdbx_database_related.db_id          4KDC 
_pdbx_database_related.details        . 
_pdbx_database_related.content_type   unspecified 
# 
loop_
_audit_author.name 
_audit_author.pdbx_ordinal 
'Zhu, Y.'  1 
'Teng, M.' 2 
'Li, X.'   3 
# 
_citation.id                        primary 
_citation.title                     'Crystal Structure of the UBIG/SAH complex' 
_citation.journal_abbrev            'To be Published' 
_citation.journal_volume            ? 
_citation.page_first                ? 
_citation.page_last                 ? 
_citation.year                      ? 
_citation.journal_id_ASTM           ? 
_citation.country                   ? 
_citation.journal_id_ISSN           ? 
_citation.journal_id_CSD            0353 
_citation.book_publisher            ? 
_citation.pdbx_database_id_PubMed   ? 
_citation.pdbx_database_id_DOI      ? 
# 
loop_
_citation_author.citation_id 
_citation_author.name 
_citation_author.ordinal 
_citation_author.identifier_ORCID 
primary 'Zhu, Y.'  1 ? 
primary 'Teng, M.' 2 ? 
primary 'Li, X.'   3 ? 
# 
loop_
_entity.id 
_entity.type 
_entity.src_method 
_entity.pdbx_description 
_entity.formula_weight 
_entity.pdbx_number_of_molecules 
_entity.pdbx_ec 
_entity.pdbx_mutation 
_entity.pdbx_fragment 
_entity.details 
1 polymer     man '3-demethylubiquinone-9 3-methyltransferase' 24832.242 1  '2.1.1.64, 2.1.1.222' ? ? ? 
2 non-polymer syn S-ADENOSYL-L-HOMOCYSTEINE                    384.411   1  ?                     ? ? ? 
3 water       nat water                                        18.015    72 ?                     ? ? ? 
# 
_entity_name_com.entity_id   1 
_entity_name_com.name        
'2-polyprenyl-6-hydroxyphenyl methylase, 3,4-dihydroxy-5-hexaprenylbenzoate methyltransferase, DHHB methyltransferase' 
# 
_entity_poly.entity_id                      1 
_entity_poly.type                           'polypeptide(L)' 
_entity_poly.nstd_linkage                   no 
_entity_poly.nstd_monomer                   no 
_entity_poly.pdbx_seq_one_letter_code       
;HHHHHHMNAEKSPVNHNVDHEEIAKFEAVASRWWDLEGEFKPLHRINPLRLGYIAERAGGLFGKKVLDVGCGGGILAESM
AREGATVTGLDMGFEPLQVAKLHALESGIQVDYVQETVEEHAAKHAGQYDVVTCMEMLEHVPDPQSVVRACAQLVKPGGD
VFFSTLNRNGVKKFIKPAELLGWVDQTSLKERHITGLHYNPITNTFKLGPGVDVNYMLHTQNK
;
_entity_poly.pdbx_seq_one_letter_code_can   
;HHHHHHMNAEKSPVNHNVDHEEIAKFEAVASRWWDLEGEFKPLHRINPLRLGYIAERAGGLFGKKVLDVGCGGGILAESM
AREGATVTGLDMGFEPLQVAKLHALESGIQVDYVQETVEEHAAKHAGQYDVVTCMEMLEHVPDPQSVVRACAQLVKPGGD
VFFSTLNRNGVKKFIKPAELLGWVDQTSLKERHITGLHYNPITNTFKLGPGVDVNYMLHTQNK
;
_entity_poly.pdbx_strand_id                 A 
_entity_poly.pdbx_target_identifier         ? 
# 
loop_
_pdbx_entity_nonpoly.entity_id 
_pdbx_entity_nonpoly.name 
_pdbx_entity_nonpoly.comp_id 
2 S-ADENOSYL-L-HOMOCYSTEINE SAH 
3 water                     HOH 
# 
loop_
_entity_poly_seq.entity_id 
_entity_poly_seq.num 
_entity_poly_seq.mon_id 
_entity_poly_seq.hetero 
1 1   HIS n 
1 2   HIS n 
1 3   HIS n 
1 4   HIS n 
1 5   HIS n 
1 6   HIS n 
1 7   MET n 
1 8   ASN n 
1 9   ALA n 
1 10  GLU n 
1 11  LYS n 
1 12  SER n 
1 13  PRO n 
1 14  VAL n 
1 15  ASN n 
1 16  HIS n 
1 17  ASN n 
1 18  VAL n 
1 19  ASP n 
1 20  HIS n 
1 21  GLU n 
1 22  GLU n 
1 23  ILE n 
1 24  ALA n 
1 25  LYS n 
1 26  PHE n 
1 27  GLU n 
1 28  ALA n 
1 29  VAL n 
1 30  ALA n 
1 31  SER n 
1 32  ARG n 
1 33  TRP n 
1 34  TRP n 
1 35  ASP n 
1 36  LEU n 
1 37  GLU n 
1 38  GLY n 
1 39  GLU n 
1 40  PHE n 
1 41  LYS n 
1 42  PRO n 
1 43  LEU n 
1 44  HIS n 
1 45  ARG n 
1 46  ILE n 
1 47  ASN n 
1 48  PRO n 
1 49  LEU n 
1 50  ARG n 
1 51  LEU n 
1 52  GLY n 
1 53  TYR n 
1 54  ILE n 
1 55  ALA n 
1 56  GLU n 
1 57  ARG n 
1 58  ALA n 
1 59  GLY n 
1 60  GLY n 
1 61  LEU n 
1 62  PHE n 
1 63  GLY n 
1 64  LYS n 
1 65  LYS n 
1 66  VAL n 
1 67  LEU n 
1 68  ASP n 
1 69  VAL n 
1 70  GLY n 
1 71  CYS n 
1 72  GLY n 
1 73  GLY n 
1 74  GLY n 
1 75  ILE n 
1 76  LEU n 
1 77  ALA n 
1 78  GLU n 
1 79  SER n 
1 80  MET n 
1 81  ALA n 
1 82  ARG n 
1 83  GLU n 
1 84  GLY n 
1 85  ALA n 
1 86  THR n 
1 87  VAL n 
1 88  THR n 
1 89  GLY n 
1 90  LEU n 
1 91  ASP n 
1 92  MET n 
1 93  GLY n 
1 94  PHE n 
1 95  GLU n 
1 96  PRO n 
1 97  LEU n 
1 98  GLN n 
1 99  VAL n 
1 100 ALA n 
1 101 LYS n 
1 102 LEU n 
1 103 HIS n 
1 104 ALA n 
1 105 LEU n 
1 106 GLU n 
1 107 SER n 
1 108 GLY n 
1 109 ILE n 
1 110 GLN n 
1 111 VAL n 
1 112 ASP n 
1 113 TYR n 
1 114 VAL n 
1 115 GLN n 
1 116 GLU n 
1 117 THR n 
1 118 VAL n 
1 119 GLU n 
1 120 GLU n 
1 121 HIS n 
1 122 ALA n 
1 123 ALA n 
1 124 LYS n 
1 125 HIS n 
1 126 ALA n 
1 127 GLY n 
1 128 GLN n 
1 129 TYR n 
1 130 ASP n 
1 131 VAL n 
1 132 VAL n 
1 133 THR n 
1 134 CYS n 
1 135 MET n 
1 136 GLU n 
1 137 MET n 
1 138 LEU n 
1 139 GLU n 
1 140 HIS n 
1 141 VAL n 
1 142 PRO n 
1 143 ASP n 
1 144 PRO n 
1 145 GLN n 
1 146 SER n 
1 147 VAL n 
1 148 VAL n 
1 149 ARG n 
1 150 ALA n 
1 151 CYS n 
1 152 ALA n 
1 153 GLN n 
1 154 LEU n 
1 155 VAL n 
1 156 LYS n 
1 157 PRO n 
1 158 GLY n 
1 159 GLY n 
1 160 ASP n 
1 161 VAL n 
1 162 PHE n 
1 163 PHE n 
1 164 SER n 
1 165 THR n 
1 166 LEU n 
1 167 ASN n 
1 168 ARG n 
1 169 ASN n 
1 170 GLY n 
1 171 VAL n 
1 172 LYS n 
1 173 LYS n 
1 174 PHE n 
1 175 ILE n 
1 176 LYS n 
1 177 PRO n 
1 178 ALA n 
1 179 GLU n 
1 180 LEU n 
1 181 LEU n 
1 182 GLY n 
1 183 TRP n 
1 184 VAL n 
1 185 ASP n 
1 186 GLN n 
1 187 THR n 
1 188 SER n 
1 189 LEU n 
1 190 LYS n 
1 191 GLU n 
1 192 ARG n 
1 193 HIS n 
1 194 ILE n 
1 195 THR n 
1 196 GLY n 
1 197 LEU n 
1 198 HIS n 
1 199 TYR n 
1 200 ASN n 
1 201 PRO n 
1 202 ILE n 
1 203 THR n 
1 204 ASN n 
1 205 THR n 
1 206 PHE n 
1 207 LYS n 
1 208 LEU n 
1 209 GLY n 
1 210 PRO n 
1 211 GLY n 
1 212 VAL n 
1 213 ASP n 
1 214 VAL n 
1 215 ASN n 
1 216 TYR n 
1 217 MET n 
1 218 LEU n 
1 219 HIS n 
1 220 THR n 
1 221 GLN n 
1 222 ASN n 
1 223 LYS n 
# 
loop_
_entity_src_gen.entity_id 
_entity_src_gen.pdbx_src_id 
_entity_src_gen.pdbx_alt_source_flag 
_entity_src_gen.pdbx_seq_type 
_entity_src_gen.pdbx_beg_seq_num 
_entity_src_gen.pdbx_end_seq_num 
_entity_src_gen.gene_src_common_name 
_entity_src_gen.gene_src_genus 
_entity_src_gen.pdbx_gene_src_gene 
_entity_src_gen.gene_src_species 
_entity_src_gen.gene_src_strain 
_entity_src_gen.gene_src_tissue 
_entity_src_gen.gene_src_tissue_fraction 
_entity_src_gen.gene_src_details 
_entity_src_gen.pdbx_gene_src_fragment 
_entity_src_gen.pdbx_gene_src_scientific_name 
_entity_src_gen.pdbx_gene_src_ncbi_taxonomy_id 
_entity_src_gen.pdbx_gene_src_variant 
_entity_src_gen.pdbx_gene_src_cell_line 
_entity_src_gen.pdbx_gene_src_atcc 
_entity_src_gen.pdbx_gene_src_organ 
_entity_src_gen.pdbx_gene_src_organelle 
_entity_src_gen.pdbx_gene_src_cell 
_entity_src_gen.pdbx_gene_src_cellular_location 
_entity_src_gen.host_org_common_name 
_entity_src_gen.pdbx_host_org_scientific_name 
_entity_src_gen.pdbx_host_org_ncbi_taxonomy_id 
_entity_src_gen.host_org_genus 
_entity_src_gen.pdbx_host_org_gene 
_entity_src_gen.pdbx_host_org_organ 
_entity_src_gen.host_org_species 
_entity_src_gen.pdbx_host_org_tissue 
_entity_src_gen.pdbx_host_org_tissue_fraction 
_entity_src_gen.pdbx_host_org_strain 
_entity_src_gen.pdbx_host_org_variant 
_entity_src_gen.pdbx_host_org_cell_line 
_entity_src_gen.pdbx_host_org_atcc 
_entity_src_gen.pdbx_host_org_culture_collection 
_entity_src_gen.pdbx_host_org_cell 
_entity_src_gen.pdbx_host_org_organelle 
_entity_src_gen.pdbx_host_org_cellular_location 
_entity_src_gen.pdbx_host_org_vector_type 
_entity_src_gen.pdbx_host_org_vector 
_entity_src_gen.host_org_details 
_entity_src_gen.expression_system_id 
_entity_src_gen.plasmid_name 
_entity_src_gen.plasmid_details 
_entity_src_gen.pdbx_description 
1 1 sample ? 7   165 ? ? 'ubiG, pufX, yfaB, b2232, JW2226' ? K12 ? ? ? ? 'Escherichia coli' 83333 ? ? ? ? ? ? ? ? 
'Escherichia coli' 562 ? ? ? ? ? ? ? ? ? ? ? ? ? ? ? ? ? ? ? ? ? 
1 2 sample ? 171 223 ? ? 'ubiG, pufX, yfaB, b2232, JW2226' ? K12 ? ? ? ? 'Escherichia coli' 83333 ? ? ? ? ? ? ? ? 
'Escherichia coli' 562 ? ? ? ? ? ? ? ? ? ? ? ? ? ? ? ? ? ? ? ? ? 
# 
loop_
_chem_comp.id 
_chem_comp.type 
_chem_comp.mon_nstd_flag 
_chem_comp.name 
_chem_comp.pdbx_synonyms 
_chem_comp.formula 
_chem_comp.formula_weight 
ALA 'L-peptide linking' y ALANINE                   ? 'C3 H7 N O2'      89.093  
ARG 'L-peptide linking' y ARGININE                  ? 'C6 H15 N4 O2 1'  175.209 
ASN 'L-peptide linking' y ASPARAGINE                ? 'C4 H8 N2 O3'     132.118 
ASP 'L-peptide linking' y 'ASPARTIC ACID'           ? 'C4 H7 N O4'      133.103 
CYS 'L-peptide linking' y CYSTEINE                  ? 'C3 H7 N O2 S'    121.158 
GLN 'L-peptide linking' y GLUTAMINE                 ? 'C5 H10 N2 O3'    146.144 
GLU 'L-peptide linking' y 'GLUTAMIC ACID'           ? 'C5 H9 N O4'      147.129 
GLY 'peptide linking'   y GLYCINE                   ? 'C2 H5 N O2'      75.067  
HIS 'L-peptide linking' y HISTIDINE                 ? 'C6 H10 N3 O2 1'  156.162 
HOH non-polymer         . WATER                     ? 'H2 O'            18.015  
ILE 'L-peptide linking' y ISOLEUCINE                ? 'C6 H13 N O2'     131.173 
LEU 'L-peptide linking' y LEUCINE                   ? 'C6 H13 N O2'     131.173 
LYS 'L-peptide linking' y LYSINE                    ? 'C6 H15 N2 O2 1'  147.195 
MET 'L-peptide linking' y METHIONINE                ? 'C5 H11 N O2 S'   149.211 
PHE 'L-peptide linking' y PHENYLALANINE             ? 'C9 H11 N O2'     165.189 
PRO 'L-peptide linking' y PROLINE                   ? 'C5 H9 N O2'      115.130 
SAH 'L-peptide linking' n S-ADENOSYL-L-HOMOCYSTEINE ? 'C14 H20 N6 O5 S' 384.411 
SER 'L-peptide linking' y SERINE                    ? 'C3 H7 N O3'      105.093 
THR 'L-peptide linking' y THREONINE                 ? 'C4 H9 N O3'      119.119 
TRP 'L-peptide linking' y TRYPTOPHAN                ? 'C11 H12 N2 O2'   204.225 
TYR 'L-peptide linking' y TYROSINE                  ? 'C9 H11 N O3'     181.189 
VAL 'L-peptide linking' y VALINE                    ? 'C5 H11 N O2'     117.146 
# 
loop_
_pdbx_poly_seq_scheme.asym_id 
_pdbx_poly_seq_scheme.entity_id 
_pdbx_poly_seq_scheme.seq_id 
_pdbx_poly_seq_scheme.mon_id 
_pdbx_poly_seq_scheme.ndb_seq_num 
_pdbx_poly_seq_scheme.pdb_seq_num 
_pdbx_poly_seq_scheme.auth_seq_num 
_pdbx_poly_seq_scheme.pdb_mon_id 
_pdbx_poly_seq_scheme.auth_mon_id 
_pdbx_poly_seq_scheme.pdb_strand_id 
_pdbx_poly_seq_scheme.pdb_ins_code 
_pdbx_poly_seq_scheme.hetero 
A 1 1   HIS 1   -5  ?   ?   ?   A . n 
A 1 2   HIS 2   -4  ?   ?   ?   A . n 
A 1 3   HIS 3   -3  ?   ?   ?   A . n 
A 1 4   HIS 4   -2  ?   ?   ?   A . n 
A 1 5   HIS 5   -1  ?   ?   ?   A . n 
A 1 6   HIS 6   0   ?   ?   ?   A . n 
A 1 7   MET 7   1   ?   ?   ?   A . n 
A 1 8   ASN 8   2   ?   ?   ?   A . n 
A 1 9   ALA 9   3   ?   ?   ?   A . n 
A 1 10  GLU 10  4   ?   ?   ?   A . n 
A 1 11  LYS 11  5   ?   ?   ?   A . n 
A 1 12  SER 12  6   ?   ?   ?   A . n 
A 1 13  PRO 13  7   ?   ?   ?   A . n 
A 1 14  VAL 14  8   ?   ?   ?   A . n 
A 1 15  ASN 15  9   ?   ?   ?   A . n 
A 1 16  HIS 16  10  10  HIS HIS A . n 
A 1 17  ASN 17  11  11  ASN ASN A . n 
A 1 18  VAL 18  12  12  VAL VAL A . n 
A 1 19  ASP 19  13  13  ASP ASP A . n 
A 1 20  HIS 20  14  14  HIS HIS A . n 
A 1 21  GLU 21  15  15  GLU GLU A . n 
A 1 22  GLU 22  16  16  GLU GLU A . n 
A 1 23  ILE 23  17  17  ILE ILE A . n 
A 1 24  ALA 24  18  18  ALA ALA A . n 
A 1 25  LYS 25  19  19  LYS LYS A . n 
A 1 26  PHE 26  20  20  PHE PHE A . n 
A 1 27  GLU 27  21  21  GLU GLU A . n 
A 1 28  ALA 28  22  22  ALA ALA A . n 
A 1 29  VAL 29  23  23  VAL VAL A . n 
A 1 30  ALA 30  24  24  ALA ALA A . n 
A 1 31  SER 31  25  25  SER SER A . n 
A 1 32  ARG 32  26  26  ARG ARG A . n 
A 1 33  TRP 33  27  27  TRP TRP A . n 
A 1 34  TRP 34  28  28  TRP TRP A . n 
A 1 35  ASP 35  29  29  ASP ASP A . n 
A 1 36  LEU 36  30  30  LEU LEU A . n 
A 1 37  GLU 37  31  31  GLU GLU A . n 
A 1 38  GLY 38  32  32  GLY GLY A . n 
A 1 39  GLU 39  33  33  GLU GLU A . n 
A 1 40  PHE 40  34  34  PHE PHE A . n 
A 1 41  LYS 41  35  35  LYS LYS A . n 
A 1 42  PRO 42  36  36  PRO PRO A . n 
A 1 43  LEU 43  37  37  LEU LEU A . n 
A 1 44  HIS 44  38  38  HIS HIS A . n 
A 1 45  ARG 45  39  39  ARG ARG A . n 
A 1 46  ILE 46  40  40  ILE ILE A . n 
A 1 47  ASN 47  41  41  ASN ASN A . n 
A 1 48  PRO 48  42  42  PRO PRO A . n 
A 1 49  LEU 49  43  43  LEU LEU A . n 
A 1 50  ARG 50  44  44  ARG ARG A . n 
A 1 51  LEU 51  45  45  LEU LEU A . n 
A 1 52  GLY 52  46  46  GLY GLY A . n 
A 1 53  TYR 53  47  47  TYR TYR A . n 
A 1 54  ILE 54  48  48  ILE ILE A . n 
A 1 55  ALA 55  49  49  ALA ALA A . n 
A 1 56  GLU 56  50  50  GLU GLU A . n 
A 1 57  ARG 57  51  51  ARG ARG A . n 
A 1 58  ALA 58  52  52  ALA ALA A . n 
A 1 59  GLY 59  53  53  GLY GLY A . n 
A 1 60  GLY 60  54  54  GLY GLY A . n 
A 1 61  LEU 61  55  55  LEU LEU A . n 
A 1 62  PHE 62  56  56  PHE PHE A . n 
A 1 63  GLY 63  57  57  GLY GLY A . n 
A 1 64  LYS 64  58  58  LYS LYS A . n 
A 1 65  LYS 65  59  59  LYS LYS A . n 
A 1 66  VAL 66  60  60  VAL VAL A . n 
A 1 67  LEU 67  61  61  LEU LEU A . n 
A 1 68  ASP 68  62  62  ASP ASP A . n 
A 1 69  VAL 69  63  63  VAL VAL A . n 
A 1 70  GLY 70  64  64  GLY GLY A . n 
A 1 71  CYS 71  65  65  CYS CYS A . n 
A 1 72  GLY 72  66  66  GLY GLY A . n 
A 1 73  GLY 73  67  67  GLY GLY A . n 
A 1 74  GLY 74  68  68  GLY GLY A . n 
A 1 75  ILE 75  69  69  ILE ILE A . n 
A 1 76  LEU 76  70  70  LEU LEU A . n 
A 1 77  ALA 77  71  71  ALA ALA A . n 
A 1 78  GLU 78  72  72  GLU GLU A . n 
A 1 79  SER 79  73  73  SER SER A . n 
A 1 80  MET 80  74  74  MET MET A . n 
A 1 81  ALA 81  75  75  ALA ALA A . n 
A 1 82  ARG 82  76  76  ARG ARG A . n 
A 1 83  GLU 83  77  77  GLU GLU A . n 
A 1 84  GLY 84  78  78  GLY GLY A . n 
A 1 85  ALA 85  79  79  ALA ALA A . n 
A 1 86  THR 86  80  80  THR THR A . n 
A 1 87  VAL 87  81  81  VAL VAL A . n 
A 1 88  THR 88  82  82  THR THR A . n 
A 1 89  GLY 89  83  83  GLY GLY A . n 
A 1 90  LEU 90  84  84  LEU LEU A . n 
A 1 91  ASP 91  85  85  ASP ASP A . n 
A 1 92  MET 92  86  86  MET MET A . n 
A 1 93  GLY 93  87  87  GLY GLY A . n 
A 1 94  PHE 94  88  88  PHE PHE A . n 
A 1 95  GLU 95  89  89  GLU GLU A . n 
A 1 96  PRO 96  90  90  PRO PRO A . n 
A 1 97  LEU 97  91  91  LEU LEU A . n 
A 1 98  GLN 98  92  92  GLN GLN A . n 
A 1 99  VAL 99  93  93  VAL VAL A . n 
A 1 100 ALA 100 94  94  ALA ALA A . n 
A 1 101 LYS 101 95  95  LYS LYS A . n 
A 1 102 LEU 102 96  96  LEU LEU A . n 
A 1 103 HIS 103 97  97  HIS HIS A . n 
A 1 104 ALA 104 98  98  ALA ALA A . n 
A 1 105 LEU 105 99  99  LEU LEU A . n 
A 1 106 GLU 106 100 100 GLU GLU A . n 
A 1 107 SER 107 101 101 SER SER A . n 
A 1 108 GLY 108 102 102 GLY GLY A . n 
A 1 109 ILE 109 103 103 ILE ILE A . n 
A 1 110 GLN 110 104 104 GLN GLN A . n 
A 1 111 VAL 111 105 105 VAL VAL A . n 
A 1 112 ASP 112 106 106 ASP ASP A . n 
A 1 113 TYR 113 107 107 TYR TYR A . n 
A 1 114 VAL 114 108 108 VAL VAL A . n 
A 1 115 GLN 115 109 109 GLN GLN A . n 
A 1 116 GLU 116 110 110 GLU GLU A . n 
A 1 117 THR 117 111 111 THR THR A . n 
A 1 118 VAL 118 112 112 VAL VAL A . n 
A 1 119 GLU 119 113 113 GLU GLU A . n 
A 1 120 GLU 120 114 114 GLU GLU A . n 
A 1 121 HIS 121 115 115 HIS HIS A . n 
A 1 122 ALA 122 116 116 ALA ALA A . n 
A 1 123 ALA 123 117 117 ALA ALA A . n 
A 1 124 LYS 124 118 118 LYS ALA A . n 
A 1 125 HIS 125 119 119 HIS HIS A . n 
A 1 126 ALA 126 120 120 ALA ALA A . n 
A 1 127 GLY 127 121 121 GLY GLY A . n 
A 1 128 GLN 128 122 122 GLN GLN A . n 
A 1 129 TYR 129 123 123 TYR TYR A . n 
A 1 130 ASP 130 124 124 ASP ASP A . n 
A 1 131 VAL 131 125 125 VAL VAL A . n 
A 1 132 VAL 132 126 126 VAL VAL A . n 
A 1 133 THR 133 127 127 THR THR A . n 
A 1 134 CYS 134 128 128 CYS CYS A . n 
A 1 135 MET 135 129 129 MET MET A . n 
A 1 136 GLU 136 130 130 GLU GLU A . n 
A 1 137 MET 137 131 131 MET MET A . n 
A 1 138 LEU 138 132 132 LEU LEU A . n 
A 1 139 GLU 139 133 133 GLU GLU A . n 
A 1 140 HIS 140 134 134 HIS HIS A . n 
A 1 141 VAL 141 135 135 VAL VAL A . n 
A 1 142 PRO 142 136 136 PRO PRO A . n 
A 1 143 ASP 143 137 137 ASP ASP A . n 
A 1 144 PRO 144 138 138 PRO PRO A . n 
A 1 145 GLN 145 139 139 GLN GLN A . n 
A 1 146 SER 146 140 140 SER SER A . n 
A 1 147 VAL 147 141 141 VAL VAL A . n 
A 1 148 VAL 148 142 142 VAL VAL A . n 
A 1 149 ARG 149 143 143 ARG ARG A . n 
A 1 150 ALA 150 144 144 ALA ALA A . n 
A 1 151 CYS 151 145 145 CYS CYS A . n 
A 1 152 ALA 152 146 146 ALA ALA A . n 
A 1 153 GLN 153 147 147 GLN GLN A . n 
A 1 154 LEU 154 148 148 LEU LEU A . n 
A 1 155 VAL 155 149 149 VAL VAL A . n 
A 1 156 LYS 156 150 150 LYS LYS A . n 
A 1 157 PRO 157 151 151 PRO PRO A . n 
A 1 158 GLY 158 152 152 GLY GLY A . n 
A 1 159 GLY 159 153 153 GLY GLY A . n 
A 1 160 ASP 160 154 154 ASP ASP A . n 
A 1 161 VAL 161 155 155 VAL VAL A . n 
A 1 162 PHE 162 156 156 PHE PHE A . n 
A 1 163 PHE 163 157 157 PHE PHE A . n 
A 1 164 SER 164 158 158 SER SER A . n 
A 1 165 THR 165 159 159 THR THR A . n 
A 1 166 LEU 166 160 160 LEU LEU A . n 
A 1 167 ASN 167 161 161 ASN ASN A . n 
A 1 168 ARG 168 162 162 ARG ARG A . n 
A 1 169 ASN 169 163 163 ASN ASN A . n 
A 1 170 GLY 170 187 164 GLY GLY A . n 
A 1 171 VAL 171 188 165 VAL VAL A . n 
A 1 172 LYS 172 189 189 LYS LYS A . n 
A 1 173 LYS 173 190 190 LYS LYS A . n 
A 1 174 PHE 174 191 191 PHE PHE A . n 
A 1 175 ILE 175 192 192 ILE ILE A . n 
A 1 176 LYS 176 193 193 LYS LYS A . n 
A 1 177 PRO 177 194 194 PRO PRO A . n 
A 1 178 ALA 178 195 195 ALA ALA A . n 
A 1 179 GLU 179 196 196 GLU GLU A . n 
A 1 180 LEU 180 197 197 LEU LEU A . n 
A 1 181 LEU 181 198 198 LEU LEU A . n 
A 1 182 GLY 182 199 199 GLY GLY A . n 
A 1 183 TRP 183 200 200 TRP TRP A . n 
A 1 184 VAL 184 201 201 VAL VAL A . n 
A 1 185 ASP 185 202 202 ASP ASP A . n 
A 1 186 GLN 186 203 203 GLN GLN A . n 
A 1 187 THR 187 204 204 THR THR A . n 
A 1 188 SER 188 205 205 SER SER A . n 
A 1 189 LEU 189 206 206 LEU LEU A . n 
A 1 190 LYS 190 207 207 LYS LYS A . n 
A 1 191 GLU 191 208 208 GLU GLU A . n 
A 1 192 ARG 192 209 209 ARG ARG A . n 
A 1 193 HIS 193 210 210 HIS HIS A . n 
A 1 194 ILE 194 211 211 ILE ILE A . n 
A 1 195 THR 195 212 212 THR THR A . n 
A 1 196 GLY 196 213 213 GLY GLY A . n 
A 1 197 LEU 197 214 214 LEU LEU A . n 
A 1 198 HIS 198 215 215 HIS HIS A . n 
A 1 199 TYR 199 216 216 TYR TYR A . n 
A 1 200 ASN 200 217 217 ASN ASN A . n 
A 1 201 PRO 201 218 218 PRO PRO A . n 
A 1 202 ILE 202 219 219 ILE ILE A . n 
A 1 203 THR 203 220 220 THR THR A . n 
A 1 204 ASN 204 221 221 ASN ASN A . n 
A 1 205 THR 205 222 222 THR THR A . n 
A 1 206 PHE 206 223 223 PHE PHE A . n 
A 1 207 LYS 207 224 224 LYS LYS A . n 
A 1 208 LEU 208 225 225 LEU LEU A . n 
A 1 209 GLY 209 226 226 GLY GLY A . n 
A 1 210 PRO 210 227 227 PRO PRO A . n 
A 1 211 GLY 211 228 228 GLY GLY A . n 
A 1 212 VAL 212 229 229 VAL VAL A . n 
A 1 213 ASP 213 230 230 ASP ASP A . n 
A 1 214 VAL 214 231 231 VAL VAL A . n 
A 1 215 ASN 215 232 232 ASN ASN A . n 
A 1 216 TYR 216 233 233 TYR TYR A . n 
A 1 217 MET 217 234 234 MET MET A . n 
A 1 218 LEU 218 235 235 LEU LEU A . n 
A 1 219 HIS 219 236 236 HIS HIS A . n 
A 1 220 THR 220 237 237 THR THR A . n 
A 1 221 GLN 221 238 238 GLN GLN A . n 
A 1 222 ASN 222 239 239 ASN ASN A . n 
A 1 223 LYS 223 240 240 LYS LYS A . n 
# 
loop_
_pdbx_nonpoly_scheme.asym_id 
_pdbx_nonpoly_scheme.entity_id 
_pdbx_nonpoly_scheme.mon_id 
_pdbx_nonpoly_scheme.ndb_seq_num 
_pdbx_nonpoly_scheme.pdb_seq_num 
_pdbx_nonpoly_scheme.auth_seq_num 
_pdbx_nonpoly_scheme.pdb_mon_id 
_pdbx_nonpoly_scheme.auth_mon_id 
_pdbx_nonpoly_scheme.pdb_strand_id 
_pdbx_nonpoly_scheme.pdb_ins_code 
B 2 SAH 1  301 1  SAH SAH A . 
C 3 HOH 1  401 1  HOH HOH A . 
C 3 HOH 2  402 2  HOH HOH A . 
C 3 HOH 3  403 3  HOH HOH A . 
C 3 HOH 4  404 4  HOH HOH A . 
C 3 HOH 5  405 5  HOH HOH A . 
C 3 HOH 6  406 6  HOH HOH A . 
C 3 HOH 7  407 7  HOH HOH A . 
C 3 HOH 8  408 8  HOH HOH A . 
C 3 HOH 9  409 9  HOH HOH A . 
C 3 HOH 10 410 10 HOH HOH A . 
C 3 HOH 11 411 11 HOH HOH A . 
C 3 HOH 12 412 12 HOH HOH A . 
C 3 HOH 13 413 13 HOH HOH A . 
C 3 HOH 14 414 1  HOH HOH A . 
C 3 HOH 15 415 2  HOH HOH A . 
C 3 HOH 16 416 4  HOH HOH A . 
C 3 HOH 17 417 2  HOH HOH A . 
C 3 HOH 18 418 4  HOH HOH A . 
C 3 HOH 19 419 5  HOH HOH A . 
C 3 HOH 20 420 6  HOH HOH A . 
C 3 HOH 21 421 7  HOH HOH A . 
C 3 HOH 22 422 8  HOH HOH A . 
C 3 HOH 23 423 9  HOH HOH A . 
C 3 HOH 24 424 10 HOH HOH A . 
C 3 HOH 25 425 11 HOH HOH A . 
C 3 HOH 26 426 12 HOH HOH A . 
C 3 HOH 27 427 14 HOH HOH A . 
C 3 HOH 28 428 15 HOH HOH A . 
C 3 HOH 29 429 16 HOH HOH A . 
C 3 HOH 30 430 17 HOH HOH A . 
C 3 HOH 31 431 18 HOH HOH A . 
C 3 HOH 32 432 19 HOH HOH A . 
C 3 HOH 33 433 20 HOH HOH A . 
C 3 HOH 34 434 21 HOH HOH A . 
C 3 HOH 35 435 22 HOH HOH A . 
C 3 HOH 36 436 23 HOH HOH A . 
C 3 HOH 37 437 24 HOH HOH A . 
C 3 HOH 38 438 25 HOH HOH A . 
C 3 HOH 39 439 27 HOH HOH A . 
C 3 HOH 40 440 28 HOH HOH A . 
C 3 HOH 41 441 29 HOH HOH A . 
C 3 HOH 42 442 30 HOH HOH A . 
C 3 HOH 43 443 31 HOH HOH A . 
C 3 HOH 44 444 32 HOH HOH A . 
C 3 HOH 45 445 33 HOH HOH A . 
C 3 HOH 46 446 36 HOH HOH A . 
C 3 HOH 47 447 37 HOH HOH A . 
C 3 HOH 48 448 38 HOH HOH A . 
C 3 HOH 49 449 39 HOH HOH A . 
C 3 HOH 50 450 41 HOH HOH A . 
C 3 HOH 51 451 43 HOH HOH A . 
C 3 HOH 52 452 44 HOH HOH A . 
C 3 HOH 53 453 46 HOH HOH A . 
C 3 HOH 54 454 48 HOH HOH A . 
C 3 HOH 55 455 49 HOH HOH A . 
C 3 HOH 56 456 50 HOH HOH A . 
C 3 HOH 57 457 51 HOH HOH A . 
C 3 HOH 58 458 52 HOH HOH A . 
C 3 HOH 59 459 53 HOH HOH A . 
C 3 HOH 60 460 54 HOH HOH A . 
C 3 HOH 61 461 55 HOH HOH A . 
C 3 HOH 62 462 57 HOH HOH A . 
C 3 HOH 63 463 60 HOH HOH A . 
C 3 HOH 64 464 61 HOH HOH A . 
C 3 HOH 65 465 62 HOH HOH A . 
C 3 HOH 66 466 63 HOH HOH A . 
C 3 HOH 67 467 64 HOH HOH A . 
C 3 HOH 68 468 65 HOH HOH A . 
C 3 HOH 69 469 66 HOH HOH A . 
C 3 HOH 70 470 67 HOH HOH A . 
C 3 HOH 71 471 69 HOH HOH A . 
C 3 HOH 72 472 70 HOH HOH A . 
# 
loop_
_pdbx_unobs_or_zero_occ_atoms.id 
_pdbx_unobs_or_zero_occ_atoms.PDB_model_num 
_pdbx_unobs_or_zero_occ_atoms.polymer_flag 
_pdbx_unobs_or_zero_occ_atoms.occupancy_flag 
_pdbx_unobs_or_zero_occ_atoms.auth_asym_id 
_pdbx_unobs_or_zero_occ_atoms.auth_comp_id 
_pdbx_unobs_or_zero_occ_atoms.auth_seq_id 
_pdbx_unobs_or_zero_occ_atoms.PDB_ins_code 
_pdbx_unobs_or_zero_occ_atoms.auth_atom_id 
_pdbx_unobs_or_zero_occ_atoms.label_alt_id 
_pdbx_unobs_or_zero_occ_atoms.label_asym_id 
_pdbx_unobs_or_zero_occ_atoms.label_comp_id 
_pdbx_unobs_or_zero_occ_atoms.label_seq_id 
_pdbx_unobs_or_zero_occ_atoms.label_atom_id 
1  1 Y 1 A HIS 10  ? CG  ? A HIS 16  CG  
2  1 Y 1 A HIS 10  ? ND1 ? A HIS 16  ND1 
3  1 Y 1 A HIS 10  ? CD2 ? A HIS 16  CD2 
4  1 Y 1 A HIS 10  ? CE1 ? A HIS 16  CE1 
5  1 Y 1 A HIS 10  ? NE2 ? A HIS 16  NE2 
6  1 Y 1 A ARG 26  ? CG  ? A ARG 32  CG  
7  1 Y 1 A ARG 26  ? CD  ? A ARG 32  CD  
8  1 Y 1 A ARG 26  ? NE  ? A ARG 32  NE  
9  1 Y 1 A ARG 26  ? CZ  ? A ARG 32  CZ  
10 1 Y 1 A ARG 26  ? NH1 ? A ARG 32  NH1 
11 1 Y 1 A ARG 26  ? NH2 ? A ARG 32  NH2 
12 1 Y 1 A ARG 39  ? NH1 ? A ARG 45  NH1 
13 1 Y 1 A ARG 39  ? NH2 ? A ARG 45  NH2 
14 1 Y 1 A ILE 40  ? CD1 ? A ILE 46  CD1 
15 1 Y 1 A GLU 89  ? CG  ? A GLU 95  CG  
16 1 Y 1 A GLU 89  ? CD  ? A GLU 95  CD  
17 1 Y 1 A GLU 89  ? OE1 ? A GLU 95  OE1 
18 1 Y 1 A GLU 89  ? OE2 ? A GLU 95  OE2 
19 1 Y 1 A GLN 104 ? OE1 ? A GLN 110 OE1 
20 1 Y 1 A GLN 104 ? NE2 ? A GLN 110 NE2 
21 1 Y 1 A GLU 114 ? CG  ? A GLU 120 CG  
22 1 Y 1 A GLU 114 ? CD  ? A GLU 120 CD  
23 1 Y 1 A GLU 114 ? OE1 ? A GLU 120 OE1 
24 1 Y 1 A GLU 114 ? OE2 ? A GLU 120 OE2 
25 1 Y 1 A LYS 118 ? CG  ? A LYS 124 CG  
26 1 Y 1 A LYS 118 ? CD  ? A LYS 124 CD  
27 1 Y 1 A LYS 118 ? CE  ? A LYS 124 CE  
28 1 Y 1 A LYS 118 ? NZ  ? A LYS 124 NZ  
29 1 Y 1 A VAL 188 ? C   ? A VAL 171 C   
30 1 Y 1 A VAL 188 ? O   ? A VAL 171 O   
31 1 Y 1 A VAL 188 ? CG1 ? A VAL 171 CG1 
32 1 Y 1 A VAL 188 ? CG2 ? A VAL 171 CG2 
33 1 Y 1 A LYS 189 ? CG  ? A LYS 172 CG  
34 1 Y 1 A LYS 189 ? CD  ? A LYS 172 CD  
35 1 Y 1 A LYS 189 ? CE  ? A LYS 172 CE  
36 1 Y 1 A LYS 189 ? NZ  ? A LYS 172 NZ  
37 1 Y 1 A LYS 190 ? CE  ? A LYS 173 CE  
38 1 Y 1 A LYS 190 ? NZ  ? A LYS 173 NZ  
39 1 Y 1 A LYS 193 ? CG  ? A LYS 176 CG  
40 1 Y 1 A LYS 193 ? CD  ? A LYS 176 CD  
41 1 Y 1 A LYS 193 ? CE  ? A LYS 176 CE  
42 1 Y 1 A LYS 193 ? NZ  ? A LYS 176 NZ  
43 1 Y 1 A GLN 203 ? OE1 ? A GLN 186 OE1 
44 1 Y 1 A GLN 203 ? NE2 ? A GLN 186 NE2 
45 1 Y 1 A LYS 207 ? CG  ? A LYS 190 CG  
46 1 Y 1 A LYS 207 ? CD  ? A LYS 190 CD  
47 1 Y 1 A LYS 207 ? CE  ? A LYS 190 CE  
48 1 Y 1 A LYS 207 ? NZ  ? A LYS 190 NZ  
49 1 Y 1 A LYS 224 ? CG  ? A LYS 207 CG  
50 1 Y 1 A LYS 224 ? CD  ? A LYS 207 CD  
51 1 Y 1 A LYS 224 ? CE  ? A LYS 207 CE  
52 1 Y 1 A LYS 224 ? NZ  ? A LYS 207 NZ  
53 1 Y 1 A ASP 230 ? CG  ? A ASP 213 CG  
54 1 Y 1 A ASP 230 ? OD1 ? A ASP 213 OD1 
55 1 Y 1 A ASP 230 ? OD2 ? A ASP 213 OD2 
56 1 Y 1 A LYS 240 ? CB  ? A LYS 223 CB  
57 1 Y 1 A LYS 240 ? CG  ? A LYS 223 CG  
58 1 Y 1 A LYS 240 ? CD  ? A LYS 223 CD  
59 1 Y 1 A LYS 240 ? CE  ? A LYS 223 CE  
60 1 Y 1 A LYS 240 ? NZ  ? A LYS 223 NZ  
# 
loop_
_software.name 
_software.classification 
_software.version 
_software.citation_id 
_software.pdbx_ordinal 
PHENIX   refinement        1.8.2_1309 ? 1 
MOLREP   phasing           .          ? 2 
REFMAC   refinement        5.6.0117   ? 3 
HKL-2000 'data reduction'  .          ? 4 
SCALA    'data scaling'    .          ? 5 
HKL-2000 'data collection' .          ? 6 
# 
_cell.entry_id           4KDR 
_cell.length_a           141.133 
_cell.length_b           39.500 
_cell.length_c           40.422 
_cell.angle_alpha        90.00 
_cell.angle_beta         94.40 
_cell.angle_gamma        90.00 
_cell.Z_PDB              4 
_cell.pdbx_unique_axis   ? 
_cell.length_a_esd       ? 
_cell.length_b_esd       ? 
_cell.length_c_esd       ? 
_cell.angle_alpha_esd    ? 
_cell.angle_beta_esd     ? 
_cell.angle_gamma_esd    ? 
# 
_symmetry.entry_id                         4KDR 
_symmetry.space_group_name_H-M             'C 1 2 1' 
_symmetry.pdbx_full_space_group_name_H-M   ? 
_symmetry.cell_setting                     ? 
_symmetry.Int_Tables_number                5 
_symmetry.space_group_name_Hall            ? 
# 
_exptl.entry_id          4KDR 
_exptl.method            'X-RAY DIFFRACTION' 
_exptl.crystals_number   1 
# 
_exptl_crystal.id                    1 
_exptl_crystal.density_meas          ? 
_exptl_crystal.density_Matthews      2.26 
_exptl_crystal.density_percent_sol   45.62 
_exptl_crystal.description           ? 
_exptl_crystal.F_000                 ? 
_exptl_crystal.preparation           ? 
# 
_exptl_crystal_grow.crystal_id      1 
_exptl_crystal_grow.method          'VAPOR DIFFUSION, HANGING DROP' 
_exptl_crystal_grow.temp            287 
_exptl_crystal_grow.temp_details    ? 
_exptl_crystal_grow.pH              5.0 
_exptl_crystal_grow.pdbx_pH_range   ? 
_exptl_crystal_grow.pdbx_details    
'0.1M citric acid PH 5.0 and 20% v/v 2-Methyl-2,4-pentanediol, VAPOR DIFFUSION, HANGING DROP, temperature 287K' 
# 
_diffrn.id                     1 
_diffrn.ambient_temp           100 
_diffrn.ambient_temp_details   ? 
_diffrn.crystal_id             1 
# 
_diffrn_detector.diffrn_id              1 
_diffrn_detector.detector               'IMAGE PLATE' 
_diffrn_detector.type                   'MAR scanner 345 mm plate' 
_diffrn_detector.pdbx_collection_date   ? 
_diffrn_detector.details                ? 
# 
_diffrn_radiation.diffrn_id                        1 
_diffrn_radiation.wavelength_id                    1 
_diffrn_radiation.pdbx_monochromatic_or_laue_m_l   M 
_diffrn_radiation.monochromator                    'Ni FILTER' 
_diffrn_radiation.pdbx_diffrn_protocol             'SINGLE WAVELENGTH' 
_diffrn_radiation.pdbx_scattering_type             x-ray 
# 
_diffrn_radiation_wavelength.id           1 
_diffrn_radiation_wavelength.wavelength   0.9793 
_diffrn_radiation_wavelength.wt           1.0 
# 
_diffrn_source.diffrn_id                   1 
_diffrn_source.source                      'ROTATING ANODE' 
_diffrn_source.type                        'RIGAKU RUH3R' 
_diffrn_source.pdbx_synchrotron_site       ? 
_diffrn_source.pdbx_synchrotron_beamline   ? 
_diffrn_source.pdbx_wavelength             ? 
_diffrn_source.pdbx_wavelength_list        0.9793 
# 
_reflns.pdbx_diffrn_id               1 
_reflns.pdbx_ordinal                 1 
_reflns.entry_id                     4KDR 
_reflns.observed_criterion_sigma_I   ? 
_reflns.observed_criterion_sigma_F   ? 
_reflns.d_resolution_low             38.030 
_reflns.d_resolution_high            2.003 
_reflns.number_obs                   ? 
_reflns.number_all                   ? 
_reflns.percent_possible_obs         ? 
_reflns.pdbx_Rmerge_I_obs            ? 
_reflns.pdbx_Rsym_value              ? 
_reflns.pdbx_netI_over_sigmaI        ? 
_reflns.B_iso_Wilson_estimate        ? 
_reflns.pdbx_redundancy              ? 
_reflns.R_free_details               ? 
_reflns.limit_h_max                  ? 
_reflns.limit_h_min                  ? 
_reflns.limit_k_max                  ? 
_reflns.limit_k_min                  ? 
_reflns.limit_l_max                  ? 
_reflns.limit_l_min                  ? 
_reflns.observed_criterion_F_max     ? 
_reflns.observed_criterion_F_min     ? 
_reflns.pdbx_chi_squared             ? 
_reflns.pdbx_scaling_rejects         ? 
# 
_refine.pdbx_refine_id                           'X-RAY DIFFRACTION' 
_refine.entry_id                                 4KDR 
_refine.pdbx_diffrn_id                           1 
_refine.pdbx_TLS_residual_ADP_flag               ? 
_refine.ls_number_reflns_obs                     15024 
_refine.ls_number_reflns_all                     ? 
_refine.pdbx_ls_sigma_I                          ? 
_refine.pdbx_ls_sigma_F                          1.34 
_refine.pdbx_data_cutoff_high_absF               ? 
_refine.pdbx_data_cutoff_low_absF                ? 
_refine.pdbx_data_cutoff_high_rms_absF           ? 
_refine.ls_d_res_low                             38.030 
_refine.ls_d_res_high                            2.003 
_refine.ls_percent_reflns_obs                    98.82 
_refine.ls_R_factor_obs                          0.1913 
_refine.ls_R_factor_all                          ? 
_refine.ls_R_factor_R_work                       0.1892 
_refine.ls_R_factor_R_free                       0.2330 
_refine.ls_R_factor_R_free_error                 ? 
_refine.ls_R_factor_R_free_error_details         ? 
_refine.ls_percent_reflns_R_free                 5.01 
_refine.ls_number_reflns_R_free                  752 
_refine.ls_number_parameters                     ? 
_refine.ls_number_restraints                     ? 
_refine.occupancy_min                            ? 
_refine.occupancy_max                            ? 
_refine.correlation_coeff_Fo_to_Fc               0.928 
_refine.correlation_coeff_Fo_to_Fc_free          0.904 
_refine.B_iso_mean                               21.321 
_refine.aniso_B[1][1]                            1.56 
_refine.aniso_B[2][2]                            -0.67 
_refine.aniso_B[3][3]                            -0.80 
_refine.aniso_B[1][2]                            0.00 
_refine.aniso_B[1][3]                            0.56 
_refine.aniso_B[2][3]                            0.00 
_refine.solvent_model_details                    'FLAT BULK SOLVENT MODEL' 
_refine.solvent_model_param_ksol                 ? 
_refine.solvent_model_param_bsol                 ? 
_refine.pdbx_solvent_vdw_probe_radii             1.11 
_refine.pdbx_solvent_ion_probe_radii             ? 
_refine.pdbx_solvent_shrinkage_radii             0.90 
_refine.pdbx_ls_cross_valid_method               ? 
_refine.details                                  'HYDROGENS HAVE BEEN USED IF PRESENT IN THE INPUT' 
_refine.pdbx_starting_model                      ? 
_refine.pdbx_method_to_determine_struct          'MOLECULAR REPLACEMENT' 
_refine.pdbx_isotropic_thermal_model             ? 
_refine.pdbx_stereochemistry_target_values       ML 
_refine.pdbx_stereochem_target_val_spec_case     ? 
_refine.pdbx_R_Free_selection_details            ? 
_refine.pdbx_overall_ESU_R                       ? 
_refine.pdbx_overall_ESU_R_Free                  ? 
_refine.overall_SU_ML                            0.20 
_refine.pdbx_overall_phase_error                 22.84 
_refine.overall_SU_B                             ? 
_refine.overall_SU_R_Cruickshank_DPI             ? 
_refine.pdbx_overall_SU_R_free_Cruickshank_DPI   ? 
_refine.pdbx_overall_SU_R_Blow_DPI               ? 
_refine.pdbx_overall_SU_R_free_Blow_DPI          ? 
_refine.ls_redundancy_reflns_obs                 ? 
_refine.B_iso_min                                ? 
_refine.B_iso_max                                ? 
_refine.overall_SU_R_free                        ? 
_refine.ls_wR_factor_R_free                      ? 
_refine.ls_wR_factor_R_work                      ? 
_refine.overall_FOM_free_R_set                   ? 
_refine.overall_FOM_work_R_set                   ? 
# 
_refine_hist.pdbx_refine_id                   'X-RAY DIFFRACTION' 
_refine_hist.cycle_id                         LAST 
_refine_hist.pdbx_number_atoms_protein        1559 
_refine_hist.pdbx_number_atoms_nucleic_acid   0 
_refine_hist.pdbx_number_atoms_ligand         26 
_refine_hist.number_atoms_solvent             72 
_refine_hist.number_atoms_total               1657 
_refine_hist.d_res_high                       2.003 
_refine_hist.d_res_low                        38.030 
# 
loop_
_refine_ls_restr.type 
_refine_ls_restr.dev_ideal 
_refine_ls_restr.dev_ideal_target 
_refine_ls_restr.weight 
_refine_ls_restr.number 
_refine_ls_restr.pdbx_refine_id 
_refine_ls_restr.pdbx_restraint_function 
f_bond_d           0.007  ? ? 1626 'X-RAY DIFFRACTION' ? 
f_angle_d          1.096  ? ? 2213 'X-RAY DIFFRACTION' ? 
f_dihedral_angle_d 13.677 ? ? 574  'X-RAY DIFFRACTION' ? 
f_chiral_restr     0.074  ? ? 248  'X-RAY DIFFRACTION' ? 
f_plane_restr      0.006  ? ? 287  'X-RAY DIFFRACTION' ? 
# 
loop_
_refine_ls_shell.pdbx_refine_id 
_refine_ls_shell.pdbx_total_number_of_bins_used 
_refine_ls_shell.d_res_high 
_refine_ls_shell.d_res_low 
_refine_ls_shell.number_reflns_R_work 
_refine_ls_shell.R_factor_R_work 
_refine_ls_shell.percent_reflns_obs 
_refine_ls_shell.R_factor_R_free 
_refine_ls_shell.R_factor_R_free_error 
_refine_ls_shell.percent_reflns_R_free 
_refine_ls_shell.number_reflns_R_free 
_refine_ls_shell.number_reflns_all 
_refine_ls_shell.R_factor_all 
_refine_ls_shell.redundancy_reflns_obs 
_refine_ls_shell.number_reflns_obs 
'X-RAY DIFFRACTION' . 2.003  2.1576  2829 0.1841 99.00 0.2497 . . 148 . . . . 
'X-RAY DIFFRACTION' . 2.1576 2.3747  2837 0.1770 99.00 0.2497 . . 155 . . . . 
'X-RAY DIFFRACTION' . 2.3747 2.7182  2860 0.1948 99.00 0.2403 . . 145 . . . . 
'X-RAY DIFFRACTION' . 2.7182 3.4243  2850 0.1932 99.00 0.2376 . . 151 . . . . 
'X-RAY DIFFRACTION' . 3.4243 38.0369 2896 0.1902 98.00 0.2175 . . 153 . . . . 
# 
_struct.entry_id                  4KDR 
_struct.title                     'Crystal Structure of UBIG/SAH complex' 
_struct.pdbx_model_details        ? 
_struct.pdbx_CASP_flag            ? 
_struct.pdbx_model_type_details   ? 
# 
_struct_keywords.entry_id        4KDR 
_struct_keywords.pdbx_keywords   TRANSFERASE 
_struct_keywords.text            'Rossmann Fold, transferase' 
# 
loop_
_struct_asym.id 
_struct_asym.pdbx_blank_PDB_chainid_flag 
_struct_asym.pdbx_modified 
_struct_asym.entity_id 
_struct_asym.details 
A N N 1 ? 
B N N 2 ? 
C N N 3 ? 
# 
loop_
_struct_ref.id 
_struct_ref.db_name 
_struct_ref.db_code 
_struct_ref.pdbx_db_accession 
_struct_ref.entity_id 
_struct_ref.pdbx_seq_one_letter_code 
_struct_ref.pdbx_align_begin 
_struct_ref.pdbx_db_isoform 
1 UNP UBIG_ECOLI P17993 1 
;MNAEKSPVNHNVDHEEIAKFEAVASRWWDLEGEFKPLHRINPLRLGYIAERAGGLFGKKVLDVGCGGGILAESMAREGAT
VTGLDMGFEPLQVAKLHALESGIQVDYVQETVEEHAAKHAGQYDVVTCMEMLEHVPDPQSVVRACAQLVKPGGDVFFST
;
1   ? 
2 UNP UBIG_ECOLI P17993 1 VKKFIKPAELLGWVDQTSLKERHITGLHYNPITNTFKLGPGVDVNYMLHTQNK 188 ? 
# 
loop_
_struct_ref_seq.align_id 
_struct_ref_seq.ref_id 
_struct_ref_seq.pdbx_PDB_id_code 
_struct_ref_seq.pdbx_strand_id 
_struct_ref_seq.seq_align_beg 
_struct_ref_seq.pdbx_seq_align_beg_ins_code 
_struct_ref_seq.seq_align_end 
_struct_ref_seq.pdbx_seq_align_end_ins_code 
_struct_ref_seq.pdbx_db_accession 
_struct_ref_seq.db_align_beg 
_struct_ref_seq.pdbx_db_align_beg_ins_code 
_struct_ref_seq.db_align_end 
_struct_ref_seq.pdbx_db_align_end_ins_code 
_struct_ref_seq.pdbx_auth_seq_align_beg 
_struct_ref_seq.pdbx_auth_seq_align_end 
1 1 4KDR A 7   ? 165 ? P17993 1   ? 159 ? 1   159 
2 2 4KDR A 171 ? 223 ? P17993 188 ? 240 ? 188 240 
# 
loop_
_struct_ref_seq_dif.align_id 
_struct_ref_seq_dif.pdbx_pdb_id_code 
_struct_ref_seq_dif.mon_id 
_struct_ref_seq_dif.pdbx_pdb_strand_id 
_struct_ref_seq_dif.seq_num 
_struct_ref_seq_dif.pdbx_pdb_ins_code 
_struct_ref_seq_dif.pdbx_seq_db_name 
_struct_ref_seq_dif.pdbx_seq_db_accession_code 
_struct_ref_seq_dif.db_mon_id 
_struct_ref_seq_dif.pdbx_seq_db_seq_num 
_struct_ref_seq_dif.details 
_struct_ref_seq_dif.pdbx_auth_seq_num 
_struct_ref_seq_dif.pdbx_ordinal 
1 4KDR HIS A 1   ? UNP P17993 ? ? 'expression tag' -5  1  
1 4KDR HIS A 2   ? UNP P17993 ? ? 'expression tag' -4  2  
1 4KDR HIS A 3   ? UNP P17993 ? ? 'expression tag' -3  3  
1 4KDR HIS A 4   ? UNP P17993 ? ? 'expression tag' -2  4  
1 4KDR HIS A 5   ? UNP P17993 ? ? 'expression tag' -1  5  
1 4KDR HIS A 6   ? UNP P17993 ? ? 'expression tag' 0   6  
2 4KDR LEU A 166 ? UNP P17993 ? ? 'expression tag' 160 7  
2 4KDR ASN A 167 ? UNP P17993 ? ? 'expression tag' 161 8  
2 4KDR ARG A 168 ? UNP P17993 ? ? 'expression tag' 162 9  
2 4KDR ASN A 169 ? UNP P17993 ? ? 'expression tag' 163 10 
2 4KDR GLY A 170 ? UNP P17993 ? ? 'expression tag' 187 11 
# 
_pdbx_struct_assembly.id                   1 
_pdbx_struct_assembly.details              author_and_software_defined_assembly 
_pdbx_struct_assembly.method_details       PISA 
_pdbx_struct_assembly.oligomeric_details   monomeric 
_pdbx_struct_assembly.oligomeric_count     1 
# 
_pdbx_struct_assembly_gen.assembly_id       1 
_pdbx_struct_assembly_gen.oper_expression   1 
_pdbx_struct_assembly_gen.asym_id_list      A,B,C 
# 
_pdbx_struct_oper_list.id                   1 
_pdbx_struct_oper_list.type                 'identity operation' 
_pdbx_struct_oper_list.name                 1_555 
_pdbx_struct_oper_list.symmetry_operation   x,y,z 
_pdbx_struct_oper_list.matrix[1][1]         1.0000000000 
_pdbx_struct_oper_list.matrix[1][2]         0.0000000000 
_pdbx_struct_oper_list.matrix[1][3]         0.0000000000 
_pdbx_struct_oper_list.vector[1]            0.0000000000 
_pdbx_struct_oper_list.matrix[2][1]         0.0000000000 
_pdbx_struct_oper_list.matrix[2][2]         1.0000000000 
_pdbx_struct_oper_list.matrix[2][3]         0.0000000000 
_pdbx_struct_oper_list.vector[2]            0.0000000000 
_pdbx_struct_oper_list.matrix[3][1]         0.0000000000 
_pdbx_struct_oper_list.matrix[3][2]         0.0000000000 
_pdbx_struct_oper_list.matrix[3][3]         1.0000000000 
_pdbx_struct_oper_list.vector[3]            0.0000000000 
# 
_struct_biol.id        1 
_struct_biol.details   ? 
# 
loop_
_struct_conf.conf_type_id 
_struct_conf.id 
_struct_conf.pdbx_PDB_helix_id 
_struct_conf.beg_label_comp_id 
_struct_conf.beg_label_asym_id 
_struct_conf.beg_label_seq_id 
_struct_conf.pdbx_beg_PDB_ins_code 
_struct_conf.end_label_comp_id 
_struct_conf.end_label_asym_id 
_struct_conf.end_label_seq_id 
_struct_conf.pdbx_end_PDB_ins_code 
_struct_conf.beg_auth_comp_id 
_struct_conf.beg_auth_asym_id 
_struct_conf.beg_auth_seq_id 
_struct_conf.end_auth_comp_id 
_struct_conf.end_auth_asym_id 
_struct_conf.end_auth_seq_id 
_struct_conf.pdbx_PDB_helix_class 
_struct_conf.details 
_struct_conf.pdbx_PDB_helix_length 
HELX_P HELX_P1 1 ASP A 19  ? ALA A 30  ? ASP A 13  ALA A 24  1 ? 12 
HELX_P HELX_P2 2 SER A 31  ? TRP A 33  ? SER A 25  TRP A 27  5 ? 3  
HELX_P HELX_P3 3 PHE A 40  ? GLY A 59  ? PHE A 34  GLY A 53  1 ? 20 
HELX_P HELX_P4 4 GLY A 74  ? GLU A 83  ? GLY A 68  GLU A 77  1 ? 10 
HELX_P HELX_P5 5 GLY A 93  ? GLY A 108 ? GLY A 87  GLY A 102 1 ? 16 
HELX_P HELX_P6 6 THR A 117 ? HIS A 125 ? THR A 111 HIS A 119 1 ? 9  
HELX_P HELX_P7 7 MET A 137 ? VAL A 141 ? MET A 131 VAL A 135 5 ? 5  
HELX_P HELX_P8 8 ASP A 143 ? LEU A 154 ? ASP A 137 LEU A 148 1 ? 12 
HELX_P HELX_P9 9 LYS A 176 ? ASP A 185 ? LYS A 193 ASP A 202 1 ? 10 
# 
_struct_conf_type.id          HELX_P 
_struct_conf_type.criteria    ? 
_struct_conf_type.reference   ? 
# 
_struct_sheet.id               A 
_struct_sheet.type             ? 
_struct_sheet.number_strands   8 
_struct_sheet.details          ? 
# 
loop_
_struct_sheet_order.sheet_id 
_struct_sheet_order.range_id_1 
_struct_sheet_order.range_id_2 
_struct_sheet_order.offset 
_struct_sheet_order.sense 
A 1 2 ? parallel      
A 2 3 ? parallel      
A 3 4 ? parallel      
A 4 5 ? parallel      
A 5 6 ? anti-parallel 
A 6 7 ? anti-parallel 
A 7 8 ? anti-parallel 
# 
loop_
_struct_sheet_range.sheet_id 
_struct_sheet_range.id 
_struct_sheet_range.beg_label_comp_id 
_struct_sheet_range.beg_label_asym_id 
_struct_sheet_range.beg_label_seq_id 
_struct_sheet_range.pdbx_beg_PDB_ins_code 
_struct_sheet_range.end_label_comp_id 
_struct_sheet_range.end_label_asym_id 
_struct_sheet_range.end_label_seq_id 
_struct_sheet_range.pdbx_end_PDB_ins_code 
_struct_sheet_range.beg_auth_comp_id 
_struct_sheet_range.beg_auth_asym_id 
_struct_sheet_range.beg_auth_seq_id 
_struct_sheet_range.end_auth_comp_id 
_struct_sheet_range.end_auth_asym_id 
_struct_sheet_range.end_auth_seq_id 
A 1 ASP A 112 ? GLN A 115 ? ASP A 106 GLN A 109 
A 2 THR A 86  ? ASP A 91  ? THR A 80  ASP A 85  
A 3 LYS A 65  ? VAL A 69  ? LYS A 59  VAL A 63  
A 4 TYR A 129 ? MET A 135 ? TYR A 123 MET A 129 
A 5 VAL A 155 ? THR A 165 ? VAL A 149 THR A 159 
A 6 TYR A 216 ? ASN A 222 ? TYR A 233 ASN A 239 
A 7 LEU A 189 ? ASN A 200 ? LEU A 206 ASN A 217 
A 8 THR A 205 ? GLY A 209 ? THR A 222 GLY A 226 
# 
loop_
_pdbx_struct_sheet_hbond.sheet_id 
_pdbx_struct_sheet_hbond.range_id_1 
_pdbx_struct_sheet_hbond.range_id_2 
_pdbx_struct_sheet_hbond.range_1_label_atom_id 
_pdbx_struct_sheet_hbond.range_1_label_comp_id 
_pdbx_struct_sheet_hbond.range_1_label_asym_id 
_pdbx_struct_sheet_hbond.range_1_label_seq_id 
_pdbx_struct_sheet_hbond.range_1_PDB_ins_code 
_pdbx_struct_sheet_hbond.range_1_auth_atom_id 
_pdbx_struct_sheet_hbond.range_1_auth_comp_id 
_pdbx_struct_sheet_hbond.range_1_auth_asym_id 
_pdbx_struct_sheet_hbond.range_1_auth_seq_id 
_pdbx_struct_sheet_hbond.range_2_label_atom_id 
_pdbx_struct_sheet_hbond.range_2_label_comp_id 
_pdbx_struct_sheet_hbond.range_2_label_asym_id 
_pdbx_struct_sheet_hbond.range_2_label_seq_id 
_pdbx_struct_sheet_hbond.range_2_PDB_ins_code 
_pdbx_struct_sheet_hbond.range_2_auth_atom_id 
_pdbx_struct_sheet_hbond.range_2_auth_comp_id 
_pdbx_struct_sheet_hbond.range_2_auth_asym_id 
_pdbx_struct_sheet_hbond.range_2_auth_seq_id 
A 1 2 O ASP A 112 ? O ASP A 106 N GLY A 89  ? N GLY A 83  
A 2 3 O LEU A 90  ? O LEU A 84  N ASP A 68  ? N ASP A 62  
A 3 4 N VAL A 69  ? N VAL A 63  O THR A 133 ? O THR A 127 
A 4 5 N TYR A 129 ? N TYR A 123 O LYS A 156 ? O LYS A 150 
A 5 6 N PHE A 163 ? N PHE A 157 O LEU A 218 ? O LEU A 235 
A 6 7 O HIS A 219 ? O HIS A 236 N HIS A 193 ? N HIS A 210 
A 7 8 N GLY A 196 ? N GLY A 213 O GLY A 209 ? O GLY A 226 
# 
_struct_site.id                   AC1 
_struct_site.pdbx_evidence_code   Software 
_struct_site.pdbx_auth_asym_id    A 
_struct_site.pdbx_auth_comp_id    SAH 
_struct_site.pdbx_auth_seq_id     301 
_struct_site.pdbx_auth_ins_code   ? 
_struct_site.pdbx_num_residues    19 
_struct_site.details              'BINDING SITE FOR RESIDUE SAH A 301' 
# 
loop_
_struct_site_gen.id 
_struct_site_gen.site_id 
_struct_site_gen.pdbx_num_res 
_struct_site_gen.label_comp_id 
_struct_site_gen.label_asym_id 
_struct_site_gen.label_seq_id 
_struct_site_gen.pdbx_auth_ins_code 
_struct_site_gen.auth_comp_id 
_struct_site_gen.auth_asym_id 
_struct_site_gen.auth_seq_id 
_struct_site_gen.label_atom_id 
_struct_site_gen.label_alt_id 
_struct_site_gen.symmetry 
_struct_site_gen.details 
1  AC1 19 ASN A 17  ? ASN A 11  . ? 1_555 ? 
2  AC1 19 ILE A 23  ? ILE A 17  . ? 1_555 ? 
3  AC1 19 PHE A 26  ? PHE A 20  . ? 1_555 ? 
4  AC1 19 TRP A 33  ? TRP A 27  . ? 1_555 ? 
5  AC1 19 LEU A 43  ? LEU A 37  . ? 1_555 ? 
6  AC1 19 ARG A 50  ? ARG A 44  . ? 1_555 ? 
7  AC1 19 GLY A 70  ? GLY A 64  . ? 1_555 ? 
8  AC1 19 CYS A 71  ? CYS A 65  . ? 1_555 ? 
9  AC1 19 GLY A 72  ? GLY A 66  . ? 1_555 ? 
10 AC1 19 ASP A 91  ? ASP A 85  . ? 1_555 ? 
11 AC1 19 MET A 92  ? MET A 86  . ? 1_555 ? 
12 AC1 19 MET A 135 ? MET A 129 . ? 1_555 ? 
13 AC1 19 GLU A 136 ? GLU A 130 . ? 1_555 ? 
14 AC1 19 HOH C .   ? HOH A 401 . ? 1_555 ? 
15 AC1 19 HOH C .   ? HOH A 402 . ? 1_555 ? 
16 AC1 19 HOH C .   ? HOH A 405 . ? 1_555 ? 
17 AC1 19 HOH C .   ? HOH A 410 . ? 1_555 ? 
18 AC1 19 HOH C .   ? HOH A 413 . ? 1_555 ? 
19 AC1 19 HOH C .   ? HOH A 467 . ? 1_555 ? 
# 
loop_
_pdbx_unobs_or_zero_occ_residues.id 
_pdbx_unobs_or_zero_occ_residues.PDB_model_num 
_pdbx_unobs_or_zero_occ_residues.polymer_flag 
_pdbx_unobs_or_zero_occ_residues.occupancy_flag 
_pdbx_unobs_or_zero_occ_residues.auth_asym_id 
_pdbx_unobs_or_zero_occ_residues.auth_comp_id 
_pdbx_unobs_or_zero_occ_residues.auth_seq_id 
_pdbx_unobs_or_zero_occ_residues.PDB_ins_code 
_pdbx_unobs_or_zero_occ_residues.label_asym_id 
_pdbx_unobs_or_zero_occ_residues.label_comp_id 
_pdbx_unobs_or_zero_occ_residues.label_seq_id 
1  1 Y 1 A HIS -5 ? A HIS 1  
2  1 Y 1 A HIS -4 ? A HIS 2  
3  1 Y 1 A HIS -3 ? A HIS 3  
4  1 Y 1 A HIS -2 ? A HIS 4  
5  1 Y 1 A HIS -1 ? A HIS 5  
6  1 Y 1 A HIS 0  ? A HIS 6  
7  1 Y 1 A MET 1  ? A MET 7  
8  1 Y 1 A ASN 2  ? A ASN 8  
9  1 Y 1 A ALA 3  ? A ALA 9  
10 1 Y 1 A GLU 4  ? A GLU 10 
11 1 Y 1 A LYS 5  ? A LYS 11 
12 1 Y 1 A SER 6  ? A SER 12 
13 1 Y 1 A PRO 7  ? A PRO 13 
14 1 Y 1 A VAL 8  ? A VAL 14 
15 1 Y 1 A ASN 9  ? A ASN 15 
# 
loop_
_chem_comp_atom.comp_id 
_chem_comp_atom.atom_id 
_chem_comp_atom.type_symbol 
_chem_comp_atom.pdbx_aromatic_flag 
_chem_comp_atom.pdbx_stereo_config 
_chem_comp_atom.pdbx_ordinal 
ALA N      N N N 1   
ALA CA     C N S 2   
ALA C      C N N 3   
ALA O      O N N 4   
ALA CB     C N N 5   
ALA OXT    O N N 6   
ALA H      H N N 7   
ALA H2     H N N 8   
ALA HA     H N N 9   
ALA HB1    H N N 10  
ALA HB2    H N N 11  
ALA HB3    H N N 12  
ALA HXT    H N N 13  
ARG N      N N N 14  
ARG CA     C N S 15  
ARG C      C N N 16  
ARG O      O N N 17  
ARG CB     C N N 18  
ARG CG     C N N 19  
ARG CD     C N N 20  
ARG NE     N N N 21  
ARG CZ     C N N 22  
ARG NH1    N N N 23  
ARG NH2    N N N 24  
ARG OXT    O N N 25  
ARG H      H N N 26  
ARG H2     H N N 27  
ARG HA     H N N 28  
ARG HB2    H N N 29  
ARG HB3    H N N 30  
ARG HG2    H N N 31  
ARG HG3    H N N 32  
ARG HD2    H N N 33  
ARG HD3    H N N 34  
ARG HE     H N N 35  
ARG HH11   H N N 36  
ARG HH12   H N N 37  
ARG HH21   H N N 38  
ARG HH22   H N N 39  
ARG HXT    H N N 40  
ASN N      N N N 41  
ASN CA     C N S 42  
ASN C      C N N 43  
ASN O      O N N 44  
ASN CB     C N N 45  
ASN CG     C N N 46  
ASN OD1    O N N 47  
ASN ND2    N N N 48  
ASN OXT    O N N 49  
ASN H      H N N 50  
ASN H2     H N N 51  
ASN HA     H N N 52  
ASN HB2    H N N 53  
ASN HB3    H N N 54  
ASN HD21   H N N 55  
ASN HD22   H N N 56  
ASN HXT    H N N 57  
ASP N      N N N 58  
ASP CA     C N S 59  
ASP C      C N N 60  
ASP O      O N N 61  
ASP CB     C N N 62  
ASP CG     C N N 63  
ASP OD1    O N N 64  
ASP OD2    O N N 65  
ASP OXT    O N N 66  
ASP H      H N N 67  
ASP H2     H N N 68  
ASP HA     H N N 69  
ASP HB2    H N N 70  
ASP HB3    H N N 71  
ASP HD2    H N N 72  
ASP HXT    H N N 73  
CYS N      N N N 74  
CYS CA     C N R 75  
CYS C      C N N 76  
CYS O      O N N 77  
CYS CB     C N N 78  
CYS SG     S N N 79  
CYS OXT    O N N 80  
CYS H      H N N 81  
CYS H2     H N N 82  
CYS HA     H N N 83  
CYS HB2    H N N 84  
CYS HB3    H N N 85  
CYS HG     H N N 86  
CYS HXT    H N N 87  
GLN N      N N N 88  
GLN CA     C N S 89  
GLN C      C N N 90  
GLN O      O N N 91  
GLN CB     C N N 92  
GLN CG     C N N 93  
GLN CD     C N N 94  
GLN OE1    O N N 95  
GLN NE2    N N N 96  
GLN OXT    O N N 97  
GLN H      H N N 98  
GLN H2     H N N 99  
GLN HA     H N N 100 
GLN HB2    H N N 101 
GLN HB3    H N N 102 
GLN HG2    H N N 103 
GLN HG3    H N N 104 
GLN HE21   H N N 105 
GLN HE22   H N N 106 
GLN HXT    H N N 107 
GLU N      N N N 108 
GLU CA     C N S 109 
GLU C      C N N 110 
GLU O      O N N 111 
GLU CB     C N N 112 
GLU CG     C N N 113 
GLU CD     C N N 114 
GLU OE1    O N N 115 
GLU OE2    O N N 116 
GLU OXT    O N N 117 
GLU H      H N N 118 
GLU H2     H N N 119 
GLU HA     H N N 120 
GLU HB2    H N N 121 
GLU HB3    H N N 122 
GLU HG2    H N N 123 
GLU HG3    H N N 124 
GLU HE2    H N N 125 
GLU HXT    H N N 126 
GLY N      N N N 127 
GLY CA     C N N 128 
GLY C      C N N 129 
GLY O      O N N 130 
GLY OXT    O N N 131 
GLY H      H N N 132 
GLY H2     H N N 133 
GLY HA2    H N N 134 
GLY HA3    H N N 135 
GLY HXT    H N N 136 
HIS N      N N N 137 
HIS CA     C N S 138 
HIS C      C N N 139 
HIS O      O N N 140 
HIS CB     C N N 141 
HIS CG     C Y N 142 
HIS ND1    N Y N 143 
HIS CD2    C Y N 144 
HIS CE1    C Y N 145 
HIS NE2    N Y N 146 
HIS OXT    O N N 147 
HIS H      H N N 148 
HIS H2     H N N 149 
HIS HA     H N N 150 
HIS HB2    H N N 151 
HIS HB3    H N N 152 
HIS HD1    H N N 153 
HIS HD2    H N N 154 
HIS HE1    H N N 155 
HIS HE2    H N N 156 
HIS HXT    H N N 157 
HOH O      O N N 158 
HOH H1     H N N 159 
HOH H2     H N N 160 
ILE N      N N N 161 
ILE CA     C N S 162 
ILE C      C N N 163 
ILE O      O N N 164 
ILE CB     C N S 165 
ILE CG1    C N N 166 
ILE CG2    C N N 167 
ILE CD1    C N N 168 
ILE OXT    O N N 169 
ILE H      H N N 170 
ILE H2     H N N 171 
ILE HA     H N N 172 
ILE HB     H N N 173 
ILE HG12   H N N 174 
ILE HG13   H N N 175 
ILE HG21   H N N 176 
ILE HG22   H N N 177 
ILE HG23   H N N 178 
ILE HD11   H N N 179 
ILE HD12   H N N 180 
ILE HD13   H N N 181 
ILE HXT    H N N 182 
LEU N      N N N 183 
LEU CA     C N S 184 
LEU C      C N N 185 
LEU O      O N N 186 
LEU CB     C N N 187 
LEU CG     C N N 188 
LEU CD1    C N N 189 
LEU CD2    C N N 190 
LEU OXT    O N N 191 
LEU H      H N N 192 
LEU H2     H N N 193 
LEU HA     H N N 194 
LEU HB2    H N N 195 
LEU HB3    H N N 196 
LEU HG     H N N 197 
LEU HD11   H N N 198 
LEU HD12   H N N 199 
LEU HD13   H N N 200 
LEU HD21   H N N 201 
LEU HD22   H N N 202 
LEU HD23   H N N 203 
LEU HXT    H N N 204 
LYS N      N N N 205 
LYS CA     C N S 206 
LYS C      C N N 207 
LYS O      O N N 208 
LYS CB     C N N 209 
LYS CG     C N N 210 
LYS CD     C N N 211 
LYS CE     C N N 212 
LYS NZ     N N N 213 
LYS OXT    O N N 214 
LYS H      H N N 215 
LYS H2     H N N 216 
LYS HA     H N N 217 
LYS HB2    H N N 218 
LYS HB3    H N N 219 
LYS HG2    H N N 220 
LYS HG3    H N N 221 
LYS HD2    H N N 222 
LYS HD3    H N N 223 
LYS HE2    H N N 224 
LYS HE3    H N N 225 
LYS HZ1    H N N 226 
LYS HZ2    H N N 227 
LYS HZ3    H N N 228 
LYS HXT    H N N 229 
MET N      N N N 230 
MET CA     C N S 231 
MET C      C N N 232 
MET O      O N N 233 
MET CB     C N N 234 
MET CG     C N N 235 
MET SD     S N N 236 
MET CE     C N N 237 
MET OXT    O N N 238 
MET H      H N N 239 
MET H2     H N N 240 
MET HA     H N N 241 
MET HB2    H N N 242 
MET HB3    H N N 243 
MET HG2    H N N 244 
MET HG3    H N N 245 
MET HE1    H N N 246 
MET HE2    H N N 247 
MET HE3    H N N 248 
MET HXT    H N N 249 
PHE N      N N N 250 
PHE CA     C N S 251 
PHE C      C N N 252 
PHE O      O N N 253 
PHE CB     C N N 254 
PHE CG     C Y N 255 
PHE CD1    C Y N 256 
PHE CD2    C Y N 257 
PHE CE1    C Y N 258 
PHE CE2    C Y N 259 
PHE CZ     C Y N 260 
PHE OXT    O N N 261 
PHE H      H N N 262 
PHE H2     H N N 263 
PHE HA     H N N 264 
PHE HB2    H N N 265 
PHE HB3    H N N 266 
PHE HD1    H N N 267 
PHE HD2    H N N 268 
PHE HE1    H N N 269 
PHE HE2    H N N 270 
PHE HZ     H N N 271 
PHE HXT    H N N 272 
PRO N      N N N 273 
PRO CA     C N S 274 
PRO C      C N N 275 
PRO O      O N N 276 
PRO CB     C N N 277 
PRO CG     C N N 278 
PRO CD     C N N 279 
PRO OXT    O N N 280 
PRO H      H N N 281 
PRO HA     H N N 282 
PRO HB2    H N N 283 
PRO HB3    H N N 284 
PRO HG2    H N N 285 
PRO HG3    H N N 286 
PRO HD2    H N N 287 
PRO HD3    H N N 288 
PRO HXT    H N N 289 
SAH N      N N N 290 
SAH CA     C N S 291 
SAH CB     C N N 292 
SAH CG     C N N 293 
SAH SD     S N N 294 
SAH C      C N N 295 
SAH O      O N N 296 
SAH OXT    O N N 297 
SAH "C5'"  C N N 298 
SAH "C4'"  C N S 299 
SAH "O4'"  O N N 300 
SAH "C3'"  C N S 301 
SAH "O3'"  O N N 302 
SAH "C2'"  C N R 303 
SAH "O2'"  O N N 304 
SAH "C1'"  C N R 305 
SAH N9     N Y N 306 
SAH C8     C Y N 307 
SAH N7     N Y N 308 
SAH C5     C Y N 309 
SAH C6     C Y N 310 
SAH N6     N N N 311 
SAH N1     N Y N 312 
SAH C2     C Y N 313 
SAH N3     N Y N 314 
SAH C4     C Y N 315 
SAH HN1    H N N 316 
SAH HN2    H N N 317 
SAH HA     H N N 318 
SAH HB1    H N N 319 
SAH HB2    H N N 320 
SAH HG1    H N N 321 
SAH HG2    H N N 322 
SAH HXT    H N N 323 
SAH "H5'1" H N N 324 
SAH "H5'2" H N N 325 
SAH "H4'"  H N N 326 
SAH "H3'"  H N N 327 
SAH "HO3'" H N N 328 
SAH "H2'"  H N N 329 
SAH "HO2'" H N N 330 
SAH "H1'"  H N N 331 
SAH H8     H N N 332 
SAH HN61   H N N 333 
SAH HN62   H N N 334 
SAH H2     H N N 335 
SER N      N N N 336 
SER CA     C N S 337 
SER C      C N N 338 
SER O      O N N 339 
SER CB     C N N 340 
SER OG     O N N 341 
SER OXT    O N N 342 
SER H      H N N 343 
SER H2     H N N 344 
SER HA     H N N 345 
SER HB2    H N N 346 
SER HB3    H N N 347 
SER HG     H N N 348 
SER HXT    H N N 349 
THR N      N N N 350 
THR CA     C N S 351 
THR C      C N N 352 
THR O      O N N 353 
THR CB     C N R 354 
THR OG1    O N N 355 
THR CG2    C N N 356 
THR OXT    O N N 357 
THR H      H N N 358 
THR H2     H N N 359 
THR HA     H N N 360 
THR HB     H N N 361 
THR HG1    H N N 362 
THR HG21   H N N 363 
THR HG22   H N N 364 
THR HG23   H N N 365 
THR HXT    H N N 366 
TRP N      N N N 367 
TRP CA     C N S 368 
TRP C      C N N 369 
TRP O      O N N 370 
TRP CB     C N N 371 
TRP CG     C Y N 372 
TRP CD1    C Y N 373 
TRP CD2    C Y N 374 
TRP NE1    N Y N 375 
TRP CE2    C Y N 376 
TRP CE3    C Y N 377 
TRP CZ2    C Y N 378 
TRP CZ3    C Y N 379 
TRP CH2    C Y N 380 
TRP OXT    O N N 381 
TRP H      H N N 382 
TRP H2     H N N 383 
TRP HA     H N N 384 
TRP HB2    H N N 385 
TRP HB3    H N N 386 
TRP HD1    H N N 387 
TRP HE1    H N N 388 
TRP HE3    H N N 389 
TRP HZ2    H N N 390 
TRP HZ3    H N N 391 
TRP HH2    H N N 392 
TRP HXT    H N N 393 
TYR N      N N N 394 
TYR CA     C N S 395 
TYR C      C N N 396 
TYR O      O N N 397 
TYR CB     C N N 398 
TYR CG     C Y N 399 
TYR CD1    C Y N 400 
TYR CD2    C Y N 401 
TYR CE1    C Y N 402 
TYR CE2    C Y N 403 
TYR CZ     C Y N 404 
TYR OH     O N N 405 
TYR OXT    O N N 406 
TYR H      H N N 407 
TYR H2     H N N 408 
TYR HA     H N N 409 
TYR HB2    H N N 410 
TYR HB3    H N N 411 
TYR HD1    H N N 412 
TYR HD2    H N N 413 
TYR HE1    H N N 414 
TYR HE2    H N N 415 
TYR HH     H N N 416 
TYR HXT    H N N 417 
VAL N      N N N 418 
VAL CA     C N S 419 
VAL C      C N N 420 
VAL O      O N N 421 
VAL CB     C N N 422 
VAL CG1    C N N 423 
VAL CG2    C N N 424 
VAL OXT    O N N 425 
VAL H      H N N 426 
VAL H2     H N N 427 
VAL HA     H N N 428 
VAL HB     H N N 429 
VAL HG11   H N N 430 
VAL HG12   H N N 431 
VAL HG13   H N N 432 
VAL HG21   H N N 433 
VAL HG22   H N N 434 
VAL HG23   H N N 435 
VAL HXT    H N N 436 
# 
loop_
_chem_comp_bond.comp_id 
_chem_comp_bond.atom_id_1 
_chem_comp_bond.atom_id_2 
_chem_comp_bond.value_order 
_chem_comp_bond.pdbx_aromatic_flag 
_chem_comp_bond.pdbx_stereo_config 
_chem_comp_bond.pdbx_ordinal 
ALA N     CA     sing N N 1   
ALA N     H      sing N N 2   
ALA N     H2     sing N N 3   
ALA CA    C      sing N N 4   
ALA CA    CB     sing N N 5   
ALA CA    HA     sing N N 6   
ALA C     O      doub N N 7   
ALA C     OXT    sing N N 8   
ALA CB    HB1    sing N N 9   
ALA CB    HB2    sing N N 10  
ALA CB    HB3    sing N N 11  
ALA OXT   HXT    sing N N 12  
ARG N     CA     sing N N 13  
ARG N     H      sing N N 14  
ARG N     H2     sing N N 15  
ARG CA    C      sing N N 16  
ARG CA    CB     sing N N 17  
ARG CA    HA     sing N N 18  
ARG C     O      doub N N 19  
ARG C     OXT    sing N N 20  
ARG CB    CG     sing N N 21  
ARG CB    HB2    sing N N 22  
ARG CB    HB3    sing N N 23  
ARG CG    CD     sing N N 24  
ARG CG    HG2    sing N N 25  
ARG CG    HG3    sing N N 26  
ARG CD    NE     sing N N 27  
ARG CD    HD2    sing N N 28  
ARG CD    HD3    sing N N 29  
ARG NE    CZ     sing N N 30  
ARG NE    HE     sing N N 31  
ARG CZ    NH1    sing N N 32  
ARG CZ    NH2    doub N N 33  
ARG NH1   HH11   sing N N 34  
ARG NH1   HH12   sing N N 35  
ARG NH2   HH21   sing N N 36  
ARG NH2   HH22   sing N N 37  
ARG OXT   HXT    sing N N 38  
ASN N     CA     sing N N 39  
ASN N     H      sing N N 40  
ASN N     H2     sing N N 41  
ASN CA    C      sing N N 42  
ASN CA    CB     sing N N 43  
ASN CA    HA     sing N N 44  
ASN C     O      doub N N 45  
ASN C     OXT    sing N N 46  
ASN CB    CG     sing N N 47  
ASN CB    HB2    sing N N 48  
ASN CB    HB3    sing N N 49  
ASN CG    OD1    doub N N 50  
ASN CG    ND2    sing N N 51  
ASN ND2   HD21   sing N N 52  
ASN ND2   HD22   sing N N 53  
ASN OXT   HXT    sing N N 54  
ASP N     CA     sing N N 55  
ASP N     H      sing N N 56  
ASP N     H2     sing N N 57  
ASP CA    C      sing N N 58  
ASP CA    CB     sing N N 59  
ASP CA    HA     sing N N 60  
ASP C     O      doub N N 61  
ASP C     OXT    sing N N 62  
ASP CB    CG     sing N N 63  
ASP CB    HB2    sing N N 64  
ASP CB    HB3    sing N N 65  
ASP CG    OD1    doub N N 66  
ASP CG    OD2    sing N N 67  
ASP OD2   HD2    sing N N 68  
ASP OXT   HXT    sing N N 69  
CYS N     CA     sing N N 70  
CYS N     H      sing N N 71  
CYS N     H2     sing N N 72  
CYS CA    C      sing N N 73  
CYS CA    CB     sing N N 74  
CYS CA    HA     sing N N 75  
CYS C     O      doub N N 76  
CYS C     OXT    sing N N 77  
CYS CB    SG     sing N N 78  
CYS CB    HB2    sing N N 79  
CYS CB    HB3    sing N N 80  
CYS SG    HG     sing N N 81  
CYS OXT   HXT    sing N N 82  
GLN N     CA     sing N N 83  
GLN N     H      sing N N 84  
GLN N     H2     sing N N 85  
GLN CA    C      sing N N 86  
GLN CA    CB     sing N N 87  
GLN CA    HA     sing N N 88  
GLN C     O      doub N N 89  
GLN C     OXT    sing N N 90  
GLN CB    CG     sing N N 91  
GLN CB    HB2    sing N N 92  
GLN CB    HB3    sing N N 93  
GLN CG    CD     sing N N 94  
GLN CG    HG2    sing N N 95  
GLN CG    HG3    sing N N 96  
GLN CD    OE1    doub N N 97  
GLN CD    NE2    sing N N 98  
GLN NE2   HE21   sing N N 99  
GLN NE2   HE22   sing N N 100 
GLN OXT   HXT    sing N N 101 
GLU N     CA     sing N N 102 
GLU N     H      sing N N 103 
GLU N     H2     sing N N 104 
GLU CA    C      sing N N 105 
GLU CA    CB     sing N N 106 
GLU CA    HA     sing N N 107 
GLU C     O      doub N N 108 
GLU C     OXT    sing N N 109 
GLU CB    CG     sing N N 110 
GLU CB    HB2    sing N N 111 
GLU CB    HB3    sing N N 112 
GLU CG    CD     sing N N 113 
GLU CG    HG2    sing N N 114 
GLU CG    HG3    sing N N 115 
GLU CD    OE1    doub N N 116 
GLU CD    OE2    sing N N 117 
GLU OE2   HE2    sing N N 118 
GLU OXT   HXT    sing N N 119 
GLY N     CA     sing N N 120 
GLY N     H      sing N N 121 
GLY N     H2     sing N N 122 
GLY CA    C      sing N N 123 
GLY CA    HA2    sing N N 124 
GLY CA    HA3    sing N N 125 
GLY C     O      doub N N 126 
GLY C     OXT    sing N N 127 
GLY OXT   HXT    sing N N 128 
HIS N     CA     sing N N 129 
HIS N     H      sing N N 130 
HIS N     H2     sing N N 131 
HIS CA    C      sing N N 132 
HIS CA    CB     sing N N 133 
HIS CA    HA     sing N N 134 
HIS C     O      doub N N 135 
HIS C     OXT    sing N N 136 
HIS CB    CG     sing N N 137 
HIS CB    HB2    sing N N 138 
HIS CB    HB3    sing N N 139 
HIS CG    ND1    sing Y N 140 
HIS CG    CD2    doub Y N 141 
HIS ND1   CE1    doub Y N 142 
HIS ND1   HD1    sing N N 143 
HIS CD2   NE2    sing Y N 144 
HIS CD2   HD2    sing N N 145 
HIS CE1   NE2    sing Y N 146 
HIS CE1   HE1    sing N N 147 
HIS NE2   HE2    sing N N 148 
HIS OXT   HXT    sing N N 149 
HOH O     H1     sing N N 150 
HOH O     H2     sing N N 151 
ILE N     CA     sing N N 152 
ILE N     H      sing N N 153 
ILE N     H2     sing N N 154 
ILE CA    C      sing N N 155 
ILE CA    CB     sing N N 156 
ILE CA    HA     sing N N 157 
ILE C     O      doub N N 158 
ILE C     OXT    sing N N 159 
ILE CB    CG1    sing N N 160 
ILE CB    CG2    sing N N 161 
ILE CB    HB     sing N N 162 
ILE CG1   CD1    sing N N 163 
ILE CG1   HG12   sing N N 164 
ILE CG1   HG13   sing N N 165 
ILE CG2   HG21   sing N N 166 
ILE CG2   HG22   sing N N 167 
ILE CG2   HG23   sing N N 168 
ILE CD1   HD11   sing N N 169 
ILE CD1   HD12   sing N N 170 
ILE CD1   HD13   sing N N 171 
ILE OXT   HXT    sing N N 172 
LEU N     CA     sing N N 173 
LEU N     H      sing N N 174 
LEU N     H2     sing N N 175 
LEU CA    C      sing N N 176 
LEU CA    CB     sing N N 177 
LEU CA    HA     sing N N 178 
LEU C     O      doub N N 179 
LEU C     OXT    sing N N 180 
LEU CB    CG     sing N N 181 
LEU CB    HB2    sing N N 182 
LEU CB    HB3    sing N N 183 
LEU CG    CD1    sing N N 184 
LEU CG    CD2    sing N N 185 
LEU CG    HG     sing N N 186 
LEU CD1   HD11   sing N N 187 
LEU CD1   HD12   sing N N 188 
LEU CD1   HD13   sing N N 189 
LEU CD2   HD21   sing N N 190 
LEU CD2   HD22   sing N N 191 
LEU CD2   HD23   sing N N 192 
LEU OXT   HXT    sing N N 193 
LYS N     CA     sing N N 194 
LYS N     H      sing N N 195 
LYS N     H2     sing N N 196 
LYS CA    C      sing N N 197 
LYS CA    CB     sing N N 198 
LYS CA    HA     sing N N 199 
LYS C     O      doub N N 200 
LYS C     OXT    sing N N 201 
LYS CB    CG     sing N N 202 
LYS CB    HB2    sing N N 203 
LYS CB    HB3    sing N N 204 
LYS CG    CD     sing N N 205 
LYS CG    HG2    sing N N 206 
LYS CG    HG3    sing N N 207 
LYS CD    CE     sing N N 208 
LYS CD    HD2    sing N N 209 
LYS CD    HD3    sing N N 210 
LYS CE    NZ     sing N N 211 
LYS CE    HE2    sing N N 212 
LYS CE    HE3    sing N N 213 
LYS NZ    HZ1    sing N N 214 
LYS NZ    HZ2    sing N N 215 
LYS NZ    HZ3    sing N N 216 
LYS OXT   HXT    sing N N 217 
MET N     CA     sing N N 218 
MET N     H      sing N N 219 
MET N     H2     sing N N 220 
MET CA    C      sing N N 221 
MET CA    CB     sing N N 222 
MET CA    HA     sing N N 223 
MET C     O      doub N N 224 
MET C     OXT    sing N N 225 
MET CB    CG     sing N N 226 
MET CB    HB2    sing N N 227 
MET CB    HB3    sing N N 228 
MET CG    SD     sing N N 229 
MET CG    HG2    sing N N 230 
MET CG    HG3    sing N N 231 
MET SD    CE     sing N N 232 
MET CE    HE1    sing N N 233 
MET CE    HE2    sing N N 234 
MET CE    HE3    sing N N 235 
MET OXT   HXT    sing N N 236 
PHE N     CA     sing N N 237 
PHE N     H      sing N N 238 
PHE N     H2     sing N N 239 
PHE CA    C      sing N N 240 
PHE CA    CB     sing N N 241 
PHE CA    HA     sing N N 242 
PHE C     O      doub N N 243 
PHE C     OXT    sing N N 244 
PHE CB    CG     sing N N 245 
PHE CB    HB2    sing N N 246 
PHE CB    HB3    sing N N 247 
PHE CG    CD1    doub Y N 248 
PHE CG    CD2    sing Y N 249 
PHE CD1   CE1    sing Y N 250 
PHE CD1   HD1    sing N N 251 
PHE CD2   CE2    doub Y N 252 
PHE CD2   HD2    sing N N 253 
PHE CE1   CZ     doub Y N 254 
PHE CE1   HE1    sing N N 255 
PHE CE2   CZ     sing Y N 256 
PHE CE2   HE2    sing N N 257 
PHE CZ    HZ     sing N N 258 
PHE OXT   HXT    sing N N 259 
PRO N     CA     sing N N 260 
PRO N     CD     sing N N 261 
PRO N     H      sing N N 262 
PRO CA    C      sing N N 263 
PRO CA    CB     sing N N 264 
PRO CA    HA     sing N N 265 
PRO C     O      doub N N 266 
PRO C     OXT    sing N N 267 
PRO CB    CG     sing N N 268 
PRO CB    HB2    sing N N 269 
PRO CB    HB3    sing N N 270 
PRO CG    CD     sing N N 271 
PRO CG    HG2    sing N N 272 
PRO CG    HG3    sing N N 273 
PRO CD    HD2    sing N N 274 
PRO CD    HD3    sing N N 275 
PRO OXT   HXT    sing N N 276 
SAH N     CA     sing N N 277 
SAH N     HN1    sing N N 278 
SAH N     HN2    sing N N 279 
SAH CA    CB     sing N N 280 
SAH CA    C      sing N N 281 
SAH CA    HA     sing N N 282 
SAH CB    CG     sing N N 283 
SAH CB    HB1    sing N N 284 
SAH CB    HB2    sing N N 285 
SAH CG    SD     sing N N 286 
SAH CG    HG1    sing N N 287 
SAH CG    HG2    sing N N 288 
SAH SD    "C5'"  sing N N 289 
SAH C     O      doub N N 290 
SAH C     OXT    sing N N 291 
SAH OXT   HXT    sing N N 292 
SAH "C5'" "C4'"  sing N N 293 
SAH "C5'" "H5'1" sing N N 294 
SAH "C5'" "H5'2" sing N N 295 
SAH "C4'" "O4'"  sing N N 296 
SAH "C4'" "C3'"  sing N N 297 
SAH "C4'" "H4'"  sing N N 298 
SAH "O4'" "C1'"  sing N N 299 
SAH "C3'" "O3'"  sing N N 300 
SAH "C3'" "C2'"  sing N N 301 
SAH "C3'" "H3'"  sing N N 302 
SAH "O3'" "HO3'" sing N N 303 
SAH "C2'" "O2'"  sing N N 304 
SAH "C2'" "C1'"  sing N N 305 
SAH "C2'" "H2'"  sing N N 306 
SAH "O2'" "HO2'" sing N N 307 
SAH "C1'" N9     sing N N 308 
SAH "C1'" "H1'"  sing N N 309 
SAH N9    C8     sing Y N 310 
SAH N9    C4     sing Y N 311 
SAH C8    N7     doub Y N 312 
SAH C8    H8     sing N N 313 
SAH N7    C5     sing Y N 314 
SAH C5    C6     sing Y N 315 
SAH C5    C4     doub Y N 316 
SAH C6    N6     sing N N 317 
SAH C6    N1     doub Y N 318 
SAH N6    HN61   sing N N 319 
SAH N6    HN62   sing N N 320 
SAH N1    C2     sing Y N 321 
SAH C2    N3     doub Y N 322 
SAH C2    H2     sing N N 323 
SAH N3    C4     sing Y N 324 
SER N     CA     sing N N 325 
SER N     H      sing N N 326 
SER N     H2     sing N N 327 
SER CA    C      sing N N 328 
SER CA    CB     sing N N 329 
SER CA    HA     sing N N 330 
SER C     O      doub N N 331 
SER C     OXT    sing N N 332 
SER CB    OG     sing N N 333 
SER CB    HB2    sing N N 334 
SER CB    HB3    sing N N 335 
SER OG    HG     sing N N 336 
SER OXT   HXT    sing N N 337 
THR N     CA     sing N N 338 
THR N     H      sing N N 339 
THR N     H2     sing N N 340 
THR CA    C      sing N N 341 
THR CA    CB     sing N N 342 
THR CA    HA     sing N N 343 
THR C     O      doub N N 344 
THR C     OXT    sing N N 345 
THR CB    OG1    sing N N 346 
THR CB    CG2    sing N N 347 
THR CB    HB     sing N N 348 
THR OG1   HG1    sing N N 349 
THR CG2   HG21   sing N N 350 
THR CG2   HG22   sing N N 351 
THR CG2   HG23   sing N N 352 
THR OXT   HXT    sing N N 353 
TRP N     CA     sing N N 354 
TRP N     H      sing N N 355 
TRP N     H2     sing N N 356 
TRP CA    C      sing N N 357 
TRP CA    CB     sing N N 358 
TRP CA    HA     sing N N 359 
TRP C     O      doub N N 360 
TRP C     OXT    sing N N 361 
TRP CB    CG     sing N N 362 
TRP CB    HB2    sing N N 363 
TRP CB    HB3    sing N N 364 
TRP CG    CD1    doub Y N 365 
TRP CG    CD2    sing Y N 366 
TRP CD1   NE1    sing Y N 367 
TRP CD1   HD1    sing N N 368 
TRP CD2   CE2    doub Y N 369 
TRP CD2   CE3    sing Y N 370 
TRP NE1   CE2    sing Y N 371 
TRP NE1   HE1    sing N N 372 
TRP CE2   CZ2    sing Y N 373 
TRP CE3   CZ3    doub Y N 374 
TRP CE3   HE3    sing N N 375 
TRP CZ2   CH2    doub Y N 376 
TRP CZ2   HZ2    sing N N 377 
TRP CZ3   CH2    sing Y N 378 
TRP CZ3   HZ3    sing N N 379 
TRP CH2   HH2    sing N N 380 
TRP OXT   HXT    sing N N 381 
TYR N     CA     sing N N 382 
TYR N     H      sing N N 383 
TYR N     H2     sing N N 384 
TYR CA    C      sing N N 385 
TYR CA    CB     sing N N 386 
TYR CA    HA     sing N N 387 
TYR C     O      doub N N 388 
TYR C     OXT    sing N N 389 
TYR CB    CG     sing N N 390 
TYR CB    HB2    sing N N 391 
TYR CB    HB3    sing N N 392 
TYR CG    CD1    doub Y N 393 
TYR CG    CD2    sing Y N 394 
TYR CD1   CE1    sing Y N 395 
TYR CD1   HD1    sing N N 396 
TYR CD2   CE2    doub Y N 397 
TYR CD2   HD2    sing N N 398 
TYR CE1   CZ     doub Y N 399 
TYR CE1   HE1    sing N N 400 
TYR CE2   CZ     sing Y N 401 
TYR CE2   HE2    sing N N 402 
TYR CZ    OH     sing N N 403 
TYR OH    HH     sing N N 404 
TYR OXT   HXT    sing N N 405 
VAL N     CA     sing N N 406 
VAL N     H      sing N N 407 
VAL N     H2     sing N N 408 
VAL CA    C      sing N N 409 
VAL CA    CB     sing N N 410 
VAL CA    HA     sing N N 411 
VAL C     O      doub N N 412 
VAL C     OXT    sing N N 413 
VAL CB    CG1    sing N N 414 
VAL CB    CG2    sing N N 415 
VAL CB    HB     sing N N 416 
VAL CG1   HG11   sing N N 417 
VAL CG1   HG12   sing N N 418 
VAL CG1   HG13   sing N N 419 
VAL CG2   HG21   sing N N 420 
VAL CG2   HG22   sing N N 421 
VAL CG2   HG23   sing N N 422 
VAL OXT   HXT    sing N N 423 
# 
_atom_sites.entry_id                    4KDR 
_atom_sites.fract_transf_matrix[1][1]   0.00452379 
_atom_sites.fract_transf_matrix[1][2]   0.00401458 
_atom_sites.fract_transf_matrix[1][3]   -0.00373187 
_atom_sites.fract_transf_matrix[2][1]   -0.00421825 
_atom_sites.fract_transf_matrix[2][2]   -0.01427940 
_atom_sites.fract_transf_matrix[2][3]   -0.02047450 
_atom_sites.fract_transf_matrix[3][1]   -0.01741816 
_atom_sites.fract_transf_matrix[3][2]   0.01597496 
_atom_sites.fract_transf_matrix[3][3]   -0.00755274 
_atom_sites.fract_transf_vector[1]      -0.129426 
_atom_sites.fract_transf_vector[2]      0.030969 
_atom_sites.fract_transf_vector[3]      -0.409718 
# 
loop_
_atom_type.symbol 
C 
N 
O 
S 
# 
loop_
_atom_site.group_PDB 
_atom_site.id 
_atom_site.type_symbol 
_atom_site.label_atom_id 
_atom_site.label_alt_id 
_atom_site.label_comp_id 
_atom_site.label_asym_id 
_atom_site.label_entity_id 
_atom_site.label_seq_id 
_atom_site.pdbx_PDB_ins_code 
_atom_site.Cartn_x 
_atom_site.Cartn_y 
_atom_site.Cartn_z 
_atom_site.occupancy 
_atom_site.B_iso_or_equiv 
_atom_site.pdbx_formal_charge 
_atom_site.auth_seq_id 
_atom_site.auth_comp_id 
_atom_site.auth_asym_id 
_atom_site.auth_atom_id 
_atom_site.pdbx_PDB_model_num 
ATOM   1    N N     . HIS A 1 16  ? 6.696   6.024   -16.986 1.00 36.42 ? 10  HIS A N     1 
ATOM   2    C CA    . HIS A 1 16  ? 7.458   5.050   -17.764 1.00 28.45 ? 10  HIS A CA    1 
ATOM   3    C C     . HIS A 1 16  ? 7.546   3.668   -17.086 1.00 32.94 ? 10  HIS A C     1 
ATOM   4    O O     . HIS A 1 16  ? 7.436   2.646   -17.757 1.00 33.64 ? 10  HIS A O     1 
ATOM   5    C CB    . HIS A 1 16  ? 8.848   5.592   -18.101 1.00 40.32 ? 10  HIS A CB    1 
ATOM   6    N N     . ASN A 1 17  ? 7.745   3.623   -15.768 1.00 31.57 ? 11  ASN A N     1 
ATOM   7    C CA    . ASN A 1 17  ? 7.744   2.334   -15.057 1.00 25.07 ? 11  ASN A CA    1 
ATOM   8    C C     . ASN A 1 17  ? 6.315   1.871   -14.776 1.00 24.31 ? 11  ASN A C     1 
ATOM   9    O O     . ASN A 1 17  ? 5.906   1.744   -13.621 1.00 22.71 ? 11  ASN A O     1 
ATOM   10   C CB    . ASN A 1 17  ? 8.532   2.424   -13.744 1.00 23.54 ? 11  ASN A CB    1 
ATOM   11   C CG    . ASN A 1 17  ? 8.711   1.068   -13.061 1.00 21.76 ? 11  ASN A CG    1 
ATOM   12   O OD1   . ASN A 1 17  ? 8.432   0.016   -13.643 1.00 22.30 ? 11  ASN A OD1   1 
ATOM   13   N ND2   . ASN A 1 17  ? 9.181   1.092   -11.821 1.00 17.00 ? 11  ASN A ND2   1 
ATOM   14   N N     . VAL A 1 18  ? 5.562   1.615   -15.845 1.00 22.28 ? 12  VAL A N     1 
ATOM   15   C CA    . VAL A 1 18  ? 4.132   1.344   -15.747 1.00 25.85 ? 12  VAL A CA    1 
ATOM   16   C C     . VAL A 1 18  ? 3.753   0.254   -16.742 1.00 24.92 ? 12  VAL A C     1 
ATOM   17   O O     . VAL A 1 18  ? 4.167   0.307   -17.896 1.00 24.52 ? 12  VAL A O     1 
ATOM   18   C CB    . VAL A 1 18  ? 3.305   2.616   -16.090 1.00 25.59 ? 12  VAL A CB    1 
ATOM   19   C CG1   . VAL A 1 18  ? 1.824   2.304   -16.161 1.00 29.71 ? 12  VAL A CG1   1 
ATOM   20   C CG2   . VAL A 1 18  ? 3.560   3.726   -15.073 1.00 26.37 ? 12  VAL A CG2   1 
ATOM   21   N N     . ASP A 1 19  ? 2.962   -0.722  -16.305 1.00 22.80 ? 13  ASP A N     1 
ATOM   22   C CA    . ASP A 1 19  ? 2.429   -1.720  -17.238 1.00 26.63 ? 13  ASP A CA    1 
ATOM   23   C C     . ASP A 1 19  ? 0.995   -1.343  -17.621 1.00 24.75 ? 13  ASP A C     1 
ATOM   24   O O     . ASP A 1 19  ? 0.072   -1.516  -16.835 1.00 24.66 ? 13  ASP A O     1 
ATOM   25   C CB    . ASP A 1 19  ? 2.479   -3.124  -16.622 1.00 23.60 ? 13  ASP A CB    1 
ATOM   26   C CG    . ASP A 1 19  ? 2.117   -4.221  -17.623 1.00 29.32 ? 13  ASP A CG    1 
ATOM   27   O OD1   . ASP A 1 19  ? 1.094   -4.102  -18.334 1.00 25.02 ? 13  ASP A OD1   1 
ATOM   28   O OD2   . ASP A 1 19  ? 2.870   -5.210  -17.703 1.00 30.26 ? 13  ASP A OD2   1 
ATOM   29   N N     . HIS A 1 20  ? 0.823   -0.820  -18.828 1.00 27.28 ? 14  HIS A N     1 
ATOM   30   C CA    . HIS A 1 20  ? -0.471  -0.297  -19.259 1.00 28.00 ? 14  HIS A CA    1 
ATOM   31   C C     . HIS A 1 20  ? -1.589  -1.322  -19.191 1.00 21.19 ? 14  HIS A C     1 
ATOM   32   O O     . HIS A 1 20  ? -2.699  -0.995  -18.815 1.00 20.82 ? 14  HIS A O     1 
ATOM   33   C CB    . HIS A 1 20  ? -0.355  0.291   -20.655 1.00 28.20 ? 14  HIS A CB    1 
ATOM   34   C CG    . HIS A 1 20  ? 0.519   1.503   -20.708 1.00 39.58 ? 14  HIS A CG    1 
ATOM   35   N ND1   . HIS A 1 20  ? 1.832   1.456   -21.136 1.00 46.00 ? 14  HIS A ND1   1 
ATOM   36   C CD2   . HIS A 1 20  ? 0.287   2.788   -20.352 1.00 44.00 ? 14  HIS A CD2   1 
ATOM   37   C CE1   . HIS A 1 20  ? 2.359   2.664   -21.061 1.00 47.69 ? 14  HIS A CE1   1 
ATOM   38   N NE2   . HIS A 1 20  ? 1.442   3.493   -20.588 1.00 46.50 ? 14  HIS A NE2   1 
ATOM   39   N N     . GLU A 1 21  ? -1.282  -2.563  -19.539 1.00 21.66 ? 15  GLU A N     1 
ATOM   40   C CA    . GLU A 1 21  ? -2.263  -3.628  -19.462 1.00 25.11 ? 15  GLU A CA    1 
ATOM   41   C C     . GLU A 1 21  ? -2.749  -3.845  -18.035 1.00 22.28 ? 15  GLU A C     1 
ATOM   42   O O     . GLU A 1 21  ? -3.943  -4.038  -17.816 1.00 23.33 ? 15  GLU A O     1 
ATOM   43   C CB    . GLU A 1 21  ? -1.694  -4.927  -20.027 1.00 25.43 ? 15  GLU A CB    1 
ATOM   44   C CG    . GLU A 1 21  ? -2.651  -6.090  -19.896 1.00 31.14 ? 15  GLU A CG    1 
ATOM   45   C CD    . GLU A 1 21  ? -2.217  -7.297  -20.700 1.00 35.07 ? 15  GLU A CD    1 
ATOM   46   O OE1   . GLU A 1 21  ? -2.166  -8.407  -20.123 1.00 30.40 ? 15  GLU A OE1   1 
ATOM   47   O OE2   . GLU A 1 21  ? -1.947  -7.130  -21.909 1.00 26.91 ? 15  GLU A OE2   1 
ATOM   48   N N     . GLU A 1 22  ? -1.829  -3.820  -17.066 1.00 19.95 ? 16  GLU A N     1 
ATOM   49   C CA    . GLU A 1 22  ? -2.203  -3.986  -15.662 1.00 23.68 ? 16  GLU A CA    1 
ATOM   50   C C     . GLU A 1 22  ? -3.107  -2.842  -15.211 1.00 22.63 ? 16  GLU A C     1 
ATOM   51   O O     . GLU A 1 22  ? -4.120  -3.066  -14.539 1.00 18.74 ? 16  GLU A O     1 
ATOM   52   C CB    . GLU A 1 22  ? -0.966  -4.068  -14.751 1.00 21.63 ? 16  GLU A CB    1 
ATOM   53   C CG    . GLU A 1 22  ? -0.121  -5.328  -14.942 1.00 22.00 ? 16  GLU A CG    1 
ATOM   54   C CD    . GLU A 1 22  ? -0.915  -6.611  -14.725 1.00 33.33 ? 16  GLU A CD    1 
ATOM   55   O OE1   . GLU A 1 22  ? -1.350  -6.849  -13.581 1.00 28.75 ? 16  GLU A OE1   1 
ATOM   56   O OE2   . GLU A 1 22  ? -1.102  -7.381  -15.698 1.00 30.36 ? 16  GLU A OE2   1 
ATOM   57   N N     . ILE A 1 23  ? -2.730  -1.624  -15.587 1.00 17.52 ? 17  ILE A N     1 
ATOM   58   C CA    . ILE A 1 23  ? -3.522  -0.431  -15.256 1.00 20.54 ? 17  ILE A CA    1 
ATOM   59   C C     . ILE A 1 23  ? -4.919  -0.550  -15.872 1.00 24.20 ? 17  ILE A C     1 
ATOM   60   O O     . ILE A 1 23  ? -5.924  -0.280  -15.210 1.00 22.87 ? 17  ILE A O     1 
ATOM   61   C CB    . ILE A 1 23  ? -2.846  0.869   -15.770 1.00 18.71 ? 17  ILE A CB    1 
ATOM   62   C CG1   . ILE A 1 23  ? -1.475  1.083   -15.105 1.00 20.23 ? 17  ILE A CG1   1 
ATOM   63   C CG2   . ILE A 1 23  ? -3.750  2.087   -15.529 1.00 19.44 ? 17  ILE A CG2   1 
ATOM   64   C CD1   . ILE A 1 23  ? -1.519  1.293   -13.593 1.00 22.08 ? 17  ILE A CD1   1 
ATOM   65   N N     . ALA A 1 24  ? -4.976  -0.966  -17.138 1.00 19.23 ? 18  ALA A N     1 
ATOM   66   C CA    . ALA A 1 24  ? -6.249  -1.140  -17.838 1.00 20.97 ? 18  ALA A CA    1 
ATOM   67   C C     . ALA A 1 24  ? -7.194  -2.105  -17.126 1.00 20.68 ? 18  ALA A C     1 
ATOM   68   O O     . ALA A 1 24  ? -8.415  -1.905  -17.122 1.00 24.21 ? 18  ALA A O     1 
ATOM   69   C CB    . ALA A 1 24  ? -6.016  -1.587  -19.279 1.00 25.93 ? 18  ALA A CB    1 
ATOM   70   N N     . LYS A 1 25  ? -6.635  -3.151  -16.528 1.00 18.87 ? 19  LYS A N     1 
ATOM   71   C CA    . LYS A 1 25  ? -7.443  -4.117  -15.798 1.00 16.71 ? 19  LYS A CA    1 
ATOM   72   C C     . LYS A 1 25  ? -8.110  -3.486  -14.589 1.00 22.38 ? 19  LYS A C     1 
ATOM   73   O O     . LYS A 1 25  ? -9.298  -3.700  -14.361 1.00 21.27 ? 19  LYS A O     1 
ATOM   74   C CB    . LYS A 1 25  ? -6.599  -5.325  -15.373 1.00 16.77 ? 19  LYS A CB    1 
ATOM   75   C CG    . LYS A 1 25  ? -6.181  -6.209  -16.549 1.00 21.32 ? 19  LYS A CG    1 
ATOM   76   C CD    . LYS A 1 25  ? -5.317  -7.375  -16.086 1.00 26.05 ? 19  LYS A CD    1 
ATOM   77   C CE    . LYS A 1 25  ? -4.290  -7.726  -17.144 1.00 31.04 ? 19  LYS A CE    1 
ATOM   78   N NZ    . LYS A 1 25  ? -3.462  -8.910  -16.781 1.00 40.95 ? 19  LYS A NZ    1 
ATOM   79   N N     . PHE A 1 26  ? -7.352  -2.708  -13.818 1.00 22.42 ? 20  PHE A N     1 
ATOM   80   C CA    . PHE A 1 26  ? -7.926  -2.021  -12.662 1.00 17.72 ? 20  PHE A CA    1 
ATOM   81   C C     . PHE A 1 26  ? -8.915  -0.924  -13.057 1.00 21.55 ? 20  PHE A C     1 
ATOM   82   O O     . PHE A 1 26  ? -9.928  -0.729  -12.387 1.00 20.87 ? 20  PHE A O     1 
ATOM   83   C CB    . PHE A 1 26  ? -6.831  -1.466  -11.750 1.00 20.18 ? 20  PHE A CB    1 
ATOM   84   C CG    . PHE A 1 26  ? -6.107  -2.523  -10.981 1.00 20.94 ? 20  PHE A CG    1 
ATOM   85   C CD1   . PHE A 1 26  ? -6.694  -3.106  -9.866  1.00 22.76 ? 20  PHE A CD1   1 
ATOM   86   C CD2   . PHE A 1 26  ? -4.848  -2.946  -11.374 1.00 18.19 ? 20  PHE A CD2   1 
ATOM   87   C CE1   . PHE A 1 26  ? -6.033  -4.098  -9.150  1.00 21.33 ? 20  PHE A CE1   1 
ATOM   88   C CE2   . PHE A 1 26  ? -4.179  -3.940  -10.661 1.00 21.62 ? 20  PHE A CE2   1 
ATOM   89   C CZ    . PHE A 1 26  ? -4.776  -4.518  -9.554  1.00 21.42 ? 20  PHE A CZ    1 
ATOM   90   N N     . GLU A 1 27  ? -8.627  -0.201  -14.136 1.00 20.13 ? 21  GLU A N     1 
ATOM   91   C CA    . GLU A 1 27  ? -9.581  0.800   -14.616 1.00 22.96 ? 21  GLU A CA    1 
ATOM   92   C C     . GLU A 1 27  ? -10.917 0.135   -14.953 1.00 22.01 ? 21  GLU A C     1 
ATOM   93   O O     . GLU A 1 27  ? -11.975 0.667   -14.632 1.00 18.01 ? 21  GLU A O     1 
ATOM   94   C CB    . GLU A 1 27  ? -9.013  1.589   -15.812 1.00 19.28 ? 21  GLU A CB    1 
ATOM   95   C CG    . GLU A 1 27  ? -7.804  2.451   -15.436 1.00 22.60 ? 21  GLU A CG    1 
ATOM   96   C CD    . GLU A 1 27  ? -7.190  3.203   -16.610 1.00 30.36 ? 21  GLU A CD    1 
ATOM   97   O OE1   . GLU A 1 27  ? -7.369  2.773   -17.770 1.00 35.30 ? 21  GLU A OE1   1 
ATOM   98   O OE2   . GLU A 1 27  ? -6.512  4.229   -16.367 1.00 28.74 ? 21  GLU A OE2   1 
ATOM   99   N N     . ALA A 1 28  ? -10.856 -1.055  -15.548 1.00 22.43 ? 22  ALA A N     1 
ATOM   100  C CA    . ALA A 1 28  ? -12.058 -1.774  -15.990 1.00 23.88 ? 22  ALA A CA    1 
ATOM   101  C C     . ALA A 1 28  ? -12.979 -2.211  -14.852 1.00 25.48 ? 22  ALA A C     1 
ATOM   102  O O     . ALA A 1 28  ? -14.197 -2.298  -15.031 1.00 22.58 ? 22  ALA A O     1 
ATOM   103  C CB    . ALA A 1 28  ? -11.675 -2.973  -16.855 1.00 23.31 ? 22  ALA A CB    1 
ATOM   104  N N     . VAL A 1 29  ? -12.406 -2.475  -13.686 1.00 20.35 ? 23  VAL A N     1 
ATOM   105  C CA    . VAL A 1 29  ? -13.188 -2.922  -12.528 1.00 20.34 ? 23  VAL A CA    1 
ATOM   106  C C     . VAL A 1 29  ? -13.377 -1.824  -11.464 1.00 20.42 ? 23  VAL A C     1 
ATOM   107  O O     . VAL A 1 29  ? -13.926 -2.086  -10.402 1.00 22.08 ? 23  VAL A O     1 
ATOM   108  C CB    . VAL A 1 29  ? -12.546 -4.171  -11.862 1.00 23.43 ? 23  VAL A CB    1 
ATOM   109  C CG1   . VAL A 1 29  ? -12.444 -5.328  -12.859 1.00 25.94 ? 23  VAL A CG1   1 
ATOM   110  C CG2   . VAL A 1 29  ? -11.168 -3.824  -11.317 1.00 20.66 ? 23  VAL A CG2   1 
ATOM   111  N N     . ALA A 1 30  ? -12.947 -0.598  -11.758 1.00 22.53 ? 24  ALA A N     1 
ATOM   112  C CA    . ALA A 1 30  ? -12.965 0.501   -10.765 1.00 19.42 ? 24  ALA A CA    1 
ATOM   113  C C     . ALA A 1 30  ? -14.319 0.777   -10.104 1.00 19.25 ? 24  ALA A C     1 
ATOM   114  O O     . ALA A 1 30  ? -14.377 1.046   -8.910  1.00 22.42 ? 24  ALA A O     1 
ATOM   115  C CB    . ALA A 1 30  ? -12.395 1.786   -11.364 1.00 19.55 ? 24  ALA A CB    1 
ATOM   116  N N     . SER A 1 31  ? -15.404 0.712   -10.873 1.00 20.37 ? 25  SER A N     1 
ATOM   117  C CA    . SER A 1 31  ? -16.744 0.991   -10.349 1.00 25.07 ? 25  SER A CA    1 
ATOM   118  C C     . SER A 1 31  ? -17.173 0.027   -9.244  1.00 22.10 ? 25  SER A C     1 
ATOM   119  O O     . SER A 1 31  ? -18.051 0.340   -8.445  1.00 32.51 ? 25  SER A O     1 
ATOM   120  C CB    . SER A 1 31  ? -17.783 0.945   -11.482 1.00 31.51 ? 25  SER A CB    1 
ATOM   121  O OG    . SER A 1 31  ? -17.804 2.159   -12.207 1.00 44.82 ? 25  SER A OG    1 
ATOM   122  N N     . ARG A 1 32  ? -16.564 -1.150  -9.212  1.00 24.39 ? 26  ARG A N     1 
ATOM   123  C CA    . ARG A 1 32  ? -16.915 -2.155  -8.213  1.00 28.60 ? 26  ARG A CA    1 
ATOM   124  C C     . ARG A 1 32  ? -16.069 -2.042  -6.948  1.00 26.91 ? 26  ARG A C     1 
ATOM   125  O O     . ARG A 1 32  ? -16.227 -2.838  -6.024  1.00 24.09 ? 26  ARG A O     1 
ATOM   126  C CB    . ARG A 1 32  ? -16.756 -3.550  -8.806  1.00 30.20 ? 26  ARG A CB    1 
ATOM   127  N N     . TRP A 1 33  ? -15.188 -1.045  -6.902  1.00 24.80 ? 27  TRP A N     1 
ATOM   128  C CA    . TRP A 1 33  ? -14.147 -1.002  -5.870  1.00 25.96 ? 27  TRP A CA    1 
ATOM   129  C C     . TRP A 1 33  ? -14.686 -1.072  -4.447  1.00 21.80 ? 27  TRP A C     1 
ATOM   130  O O     . TRP A 1 33  ? -14.142 -1.793  -3.613  1.00 22.00 ? 27  TRP A O     1 
ATOM   131  C CB    . TRP A 1 33  ? -13.254 0.237   -6.030  1.00 18.08 ? 27  TRP A CB    1 
ATOM   132  C CG    . TRP A 1 33  ? -11.815 -0.021  -5.631  1.00 20.89 ? 27  TRP A CG    1 
ATOM   133  C CD1   . TRP A 1 33  ? -11.315 -0.130  -4.361  1.00 24.20 ? 27  TRP A CD1   1 
ATOM   134  C CD2   . TRP A 1 33  ? -10.700 -0.193  -6.519  1.00 22.17 ? 27  TRP A CD2   1 
ATOM   135  N NE1   . TRP A 1 33  ? -9.952  -0.364  -4.407  1.00 19.54 ? 27  TRP A NE1   1 
ATOM   136  C CE2   . TRP A 1 33  ? -9.554  -0.410  -5.719  1.00 23.03 ? 27  TRP A CE2   1 
ATOM   137  C CE3   . TRP A 1 33  ? -10.560 -0.185  -7.914  1.00 22.93 ? 27  TRP A CE3   1 
ATOM   138  C CZ2   . TRP A 1 33  ? -8.280  -0.613  -6.272  1.00 16.89 ? 27  TRP A CZ2   1 
ATOM   139  C CZ3   . TRP A 1 33  ? -9.298  -0.389  -8.461  1.00 19.37 ? 27  TRP A CZ3   1 
ATOM   140  C CH2   . TRP A 1 33  ? -8.176  -0.599  -7.640  1.00 18.93 ? 27  TRP A CH2   1 
ATOM   141  N N     . TRP A 1 34  ? -15.758 -0.335  -4.174  1.00 19.67 ? 28  TRP A N     1 
ATOM   142  C CA    . TRP A 1 34  ? -16.273 -0.231  -2.809  1.00 18.71 ? 28  TRP A CA    1 
ATOM   143  C C     . TRP A 1 34  ? -17.408 -1.201  -2.469  1.00 28.13 ? 28  TRP A C     1 
ATOM   144  O O     . TRP A 1 34  ? -18.014 -1.115  -1.398  1.00 23.59 ? 28  TRP A O     1 
ATOM   145  C CB    . TRP A 1 34  ? -16.654 1.215   -2.501  1.00 23.07 ? 28  TRP A CB    1 
ATOM   146  C CG    . TRP A 1 34  ? -15.427 2.042   -2.285  1.00 24.60 ? 28  TRP A CG    1 
ATOM   147  C CD1   . TRP A 1 34  ? -14.762 2.786   -3.215  1.00 20.51 ? 28  TRP A CD1   1 
ATOM   148  C CD2   . TRP A 1 34  ? -14.691 2.171   -1.065  1.00 21.81 ? 28  TRP A CD2   1 
ATOM   149  N NE1   . TRP A 1 34  ? -13.669 3.388   -2.641  1.00 21.33 ? 28  TRP A NE1   1 
ATOM   150  C CE2   . TRP A 1 34  ? -13.602 3.023   -1.321  1.00 21.07 ? 28  TRP A CE2   1 
ATOM   151  C CE3   . TRP A 1 34  ? -14.854 1.651   0.224   1.00 19.94 ? 28  TRP A CE3   1 
ATOM   152  C CZ2   . TRP A 1 34  ? -12.681 3.379   -0.333  1.00 16.73 ? 28  TRP A CZ2   1 
ATOM   153  C CZ3   . TRP A 1 34  ? -13.938 2.002   1.201   1.00 21.05 ? 28  TRP A CZ3   1 
ATOM   154  C CH2   . TRP A 1 34  ? -12.866 2.853   0.916   1.00 21.12 ? 28  TRP A CH2   1 
ATOM   155  N N     . ASP A 1 35  ? -17.665 -2.134  -3.379  1.00 26.58 ? 29  ASP A N     1 
ATOM   156  C CA    . ASP A 1 35  ? -18.596 -3.233  -3.139  1.00 29.80 ? 29  ASP A CA    1 
ATOM   157  C C     . ASP A 1 35  ? -17.962 -4.211  -2.155  1.00 26.17 ? 29  ASP A C     1 
ATOM   158  O O     . ASP A 1 35  ? -16.974 -4.875  -2.476  1.00 27.93 ? 29  ASP A O     1 
ATOM   159  C CB    . ASP A 1 35  ? -18.907 -3.947  -4.463  1.00 28.37 ? 29  ASP A CB    1 
ATOM   160  C CG    . ASP A 1 35  ? -20.013 -4.989  -4.337  1.00 38.04 ? 29  ASP A CG    1 
ATOM   161  O OD1   . ASP A 1 35  ? -20.225 -5.544  -3.234  1.00 35.34 ? 29  ASP A OD1   1 
ATOM   162  O OD2   . ASP A 1 35  ? -20.671 -5.266  -5.359  1.00 40.81 ? 29  ASP A OD2   1 
ATOM   163  N N     . LEU A 1 36  ? -18.536 -4.318  -0.960  1.00 24.21 ? 30  LEU A N     1 
ATOM   164  C CA    . LEU A 1 36  ? -17.976 -5.202  0.052   1.00 30.23 ? 30  LEU A CA    1 
ATOM   165  C C     . LEU A 1 36  ? -18.073 -6.672  -0.337  1.00 29.23 ? 30  LEU A C     1 
ATOM   166  O O     . LEU A 1 36  ? -17.360 -7.501  0.215   1.00 29.81 ? 30  LEU A O     1 
ATOM   167  C CB    . LEU A 1 36  ? -18.628 -4.964  1.407   1.00 28.54 ? 30  LEU A CB    1 
ATOM   168  C CG    . LEU A 1 36  ? -18.321 -3.618  2.056   1.00 25.70 ? 30  LEU A CG    1 
ATOM   169  C CD1   . LEU A 1 36  ? -19.145 -3.449  3.308   1.00 25.33 ? 30  LEU A CD1   1 
ATOM   170  C CD2   . LEU A 1 36  ? -16.825 -3.485  2.375   1.00 26.74 ? 30  LEU A CD2   1 
ATOM   171  N N     . GLU A 1 37  ? -18.943 -6.992  -1.289  1.00 27.14 ? 31  GLU A N     1 
ATOM   172  C CA    . GLU A 1 37  ? -19.114 -8.382  -1.725  1.00 31.43 ? 31  GLU A CA    1 
ATOM   173  C C     . GLU A 1 37  ? -18.575 -8.642  -3.129  1.00 30.81 ? 31  GLU A C     1 
ATOM   174  O O     . GLU A 1 37  ? -18.694 -9.746  -3.662  1.00 36.50 ? 31  GLU A O     1 
ATOM   175  C CB    . GLU A 1 37  ? -20.587 -8.796  -1.640  1.00 35.32 ? 31  GLU A CB    1 
ATOM   176  C CG    . GLU A 1 37  ? -21.107 -8.917  -0.215  1.00 37.17 ? 31  GLU A CG    1 
ATOM   177  C CD    . GLU A 1 37  ? -20.351 -9.964  0.585   1.00 44.34 ? 31  GLU A CD    1 
ATOM   178  O OE1   . GLU A 1 37  ? -20.020 -11.028 0.016   1.00 44.86 ? 31  GLU A OE1   1 
ATOM   179  O OE2   . GLU A 1 37  ? -20.077 -9.723  1.781   1.00 49.99 ? 31  GLU A OE2   1 
ATOM   180  N N     . GLY A 1 38  ? -17.969 -7.630  -3.729  1.00 31.70 ? 32  GLY A N     1 
ATOM   181  C CA    . GLY A 1 38  ? -17.436 -7.792  -5.064  1.00 21.15 ? 32  GLY A CA    1 
ATOM   182  C C     . GLY A 1 38  ? -16.005 -8.265  -5.082  1.00 34.51 ? 32  GLY A C     1 
ATOM   183  O O     . GLY A 1 38  ? -15.479 -8.820  -4.100  1.00 26.31 ? 32  GLY A O     1 
ATOM   184  N N     . GLU A 1 39  ? -15.368 -8.009  -6.218  1.00 27.18 ? 33  GLU A N     1 
ATOM   185  C CA    . GLU A 1 39  ? -14.009 -8.432  -6.486  1.00 31.57 ? 33  GLU A CA    1 
ATOM   186  C C     . GLU A 1 39  ? -13.011 -8.001  -5.415  1.00 26.20 ? 33  GLU A C     1 
ATOM   187  O O     . GLU A 1 39  ? -12.020 -8.697  -5.179  1.00 26.71 ? 33  GLU A O     1 
ATOM   188  C CB    . GLU A 1 39  ? -13.590 -7.881  -7.848  1.00 34.36 ? 33  GLU A CB    1 
ATOM   189  C CG    . GLU A 1 39  ? -14.720 -7.907  -8.874  1.00 45.18 ? 33  GLU A CG    1 
ATOM   190  C CD    . GLU A 1 39  ? -15.123 -9.315  -9.244  1.00 40.75 ? 33  GLU A CD    1 
ATOM   191  O OE1   . GLU A 1 39  ? -14.335 -10.240 -8.961  1.00 43.07 ? 33  GLU A OE1   1 
ATOM   192  O OE2   . GLU A 1 39  ? -16.216 -9.499  -9.819  1.00 39.47 ? 33  GLU A OE2   1 
ATOM   193  N N     . PHE A 1 40  ? -13.270 -6.868  -4.765  1.00 20.98 ? 34  PHE A N     1 
ATOM   194  C CA    . PHE A 1 40  ? -12.293 -6.297  -3.829  1.00 23.78 ? 34  PHE A CA    1 
ATOM   195  C C     . PHE A 1 40  ? -12.575 -6.644  -2.377  1.00 21.91 ? 34  PHE A C     1 
ATOM   196  O O     . PHE A 1 40  ? -11.956 -6.096  -1.464  1.00 22.10 ? 34  PHE A O     1 
ATOM   197  C CB    . PHE A 1 40  ? -12.206 -4.783  -4.017  1.00 26.06 ? 34  PHE A CB    1 
ATOM   198  C CG    . PHE A 1 40  ? -11.600 -4.388  -5.327  1.00 26.60 ? 34  PHE A CG    1 
ATOM   199  C CD1   . PHE A 1 40  ? -10.225 -4.307  -5.463  1.00 25.10 ? 34  PHE A CD1   1 
ATOM   200  C CD2   . PHE A 1 40  ? -12.402 -4.137  -6.433  1.00 28.73 ? 34  PHE A CD2   1 
ATOM   201  C CE1   . PHE A 1 40  ? -9.650  -3.962  -6.675  1.00 27.87 ? 34  PHE A CE1   1 
ATOM   202  C CE2   . PHE A 1 40  ? -11.835 -3.783  -7.653  1.00 32.08 ? 34  PHE A CE2   1 
ATOM   203  C CZ    . PHE A 1 40  ? -10.459 -3.698  -7.774  1.00 21.13 ? 34  PHE A CZ    1 
ATOM   204  N N     . LYS A 1 41  ? -13.517 -7.560  -2.180  1.00 20.07 ? 35  LYS A N     1 
ATOM   205  C CA    . LYS A 1 41  ? -13.852 -8.079  -0.865  1.00 21.15 ? 35  LYS A CA    1 
ATOM   206  C C     . LYS A 1 41  ? -12.636 -8.444  0.014   1.00 24.72 ? 35  LYS A C     1 
ATOM   207  O O     . LYS A 1 41  ? -12.609 -8.069  1.184   1.00 23.05 ? 35  LYS A O     1 
ATOM   208  C CB    . LYS A 1 41  ? -14.815 -9.266  -0.989  1.00 22.05 ? 35  LYS A CB    1 
ATOM   209  C CG    . LYS A 1 41  ? -15.271 -9.837  0.340   1.00 27.68 ? 35  LYS A CG    1 
ATOM   210  C CD    . LYS A 1 41  ? -16.220 -10.997 0.123   1.00 31.77 ? 35  LYS A CD    1 
ATOM   211  C CE    . LYS A 1 41  ? -16.904 -11.401 1.413   1.00 36.45 ? 35  LYS A CE    1 
ATOM   212  N NZ    . LYS A 1 41  ? -17.814 -12.557 1.186   1.00 42.59 ? 35  LYS A NZ    1 
ATOM   213  N N     . PRO A 1 42  ? -11.631 -9.164  -0.537  1.00 23.10 ? 36  PRO A N     1 
ATOM   214  C CA    . PRO A 1 42  ? -10.505 -9.507  0.341   1.00 21.91 ? 36  PRO A CA    1 
ATOM   215  C C     . PRO A 1 42  ? -9.739  -8.290  0.853   1.00 26.15 ? 36  PRO A C     1 
ATOM   216  O O     . PRO A 1 42  ? -9.222  -8.339  1.977   1.00 26.89 ? 36  PRO A O     1 
ATOM   217  C CB    . PRO A 1 42  ? -9.593  -10.354 -0.559  1.00 27.46 ? 36  PRO A CB    1 
ATOM   218  C CG    . PRO A 1 42  ? -10.482 -10.893 -1.619  1.00 30.96 ? 36  PRO A CG    1 
ATOM   219  C CD    . PRO A 1 42  ? -11.491 -9.794  -1.864  1.00 25.90 ? 36  PRO A CD    1 
ATOM   220  N N     . LEU A 1 43  ? -9.656  -7.226  0.057   1.00 21.32 ? 37  LEU A N     1 
ATOM   221  C CA    . LEU A 1 43  ? -8.993  -6.007  0.514   1.00 26.01 ? 37  LEU A CA    1 
ATOM   222  C C     . LEU A 1 43  ? -9.795  -5.326  1.616   1.00 23.10 ? 37  LEU A C     1 
ATOM   223  O O     . LEU A 1 43  ? -9.230  -4.789  2.577   1.00 21.94 ? 37  LEU A O     1 
ATOM   224  C CB    . LEU A 1 43  ? -8.766  -5.031  -0.641  1.00 27.25 ? 37  LEU A CB    1 
ATOM   225  C CG    . LEU A 1 43  ? -7.722  -5.416  -1.685  1.00 28.94 ? 37  LEU A CG    1 
ATOM   226  C CD1   . LEU A 1 43  ? -7.422  -4.232  -2.597  1.00 28.63 ? 37  LEU A CD1   1 
ATOM   227  C CD2   . LEU A 1 43  ? -6.450  -5.935  -1.028  1.00 29.04 ? 37  LEU A CD2   1 
ATOM   228  N N     . HIS A 1 44  ? -11.117 -5.335  1.477   1.00 21.15 ? 38  HIS A N     1 
ATOM   229  C CA    . HIS A 1 44  ? -11.967 -4.771  2.518   1.00 20.91 ? 38  HIS A CA    1 
ATOM   230  C C     . HIS A 1 44  ? -11.821 -5.576  3.810   1.00 22.63 ? 38  HIS A C     1 
ATOM   231  O O     . HIS A 1 44  ? -11.772 -5.005  4.903   1.00 19.30 ? 38  HIS A O     1 
ATOM   232  C CB    . HIS A 1 44  ? -13.432 -4.710  2.062   1.00 17.64 ? 38  HIS A CB    1 
ATOM   233  C CG    . HIS A 1 44  ? -13.679 -3.740  0.948   1.00 16.29 ? 38  HIS A CG    1 
ATOM   234  N ND1   . HIS A 1 44  ? -13.637 -2.376  1.129   1.00 19.41 ? 38  HIS A ND1   1 
ATOM   235  C CD2   . HIS A 1 44  ? -13.967 -3.937  -0.361  1.00 18.99 ? 38  HIS A CD2   1 
ATOM   236  C CE1   . HIS A 1 44  ? -13.895 -1.774  -0.020  1.00 19.63 ? 38  HIS A CE1   1 
ATOM   237  N NE2   . HIS A 1 44  ? -14.099 -2.700  -0.938  1.00 18.74 ? 38  HIS A NE2   1 
ATOM   238  N N     . ARG A 1 45  ? -11.734 -6.897  3.671   1.00 18.12 ? 39  ARG A N     1 
ATOM   239  C CA    . ARG A 1 45  ? -11.588 -7.808  4.814   1.00 22.99 ? 39  ARG A CA    1 
ATOM   240  C C     . ARG A 1 45  ? -10.241 -7.646  5.505   1.00 22.06 ? 39  ARG A C     1 
ATOM   241  O O     . ARG A 1 45  ? -10.131 -7.776  6.718   1.00 27.37 ? 39  ARG A O     1 
ATOM   242  C CB    . ARG A 1 45  ? -11.697 -9.260  4.343   1.00 27.18 ? 39  ARG A CB    1 
ATOM   243  C CG    . ARG A 1 45  ? -13.007 -9.935  4.672   1.00 40.65 ? 39  ARG A CG    1 
ATOM   244  C CD    . ARG A 1 45  ? -14.181 -9.082  4.240   1.00 30.68 ? 39  ARG A CD    1 
ATOM   245  N NE    . ARG A 1 45  ? -15.388 -9.887  4.079   1.00 47.49 ? 39  ARG A NE    1 
ATOM   246  C CZ    . ARG A 1 45  ? -15.978 -10.557 5.065   1.00 50.59 ? 39  ARG A CZ    1 
ATOM   247  N N     . ILE A 1 46  ? -9.220  -7.378  4.699   1.00 22.25 ? 40  ILE A N     1 
ATOM   248  C CA    . ILE A 1 46  ? -7.837  -7.297  5.147   1.00 25.58 ? 40  ILE A CA    1 
ATOM   249  C C     . ILE A 1 46  ? -7.545  -5.951  5.809   1.00 22.77 ? 40  ILE A C     1 
ATOM   250  O O     . ILE A 1 46  ? -6.685  -5.840  6.690   1.00 19.94 ? 40  ILE A O     1 
ATOM   251  C CB    . ILE A 1 46  ? -6.894  -7.536  3.938   1.00 22.40 ? 40  ILE A CB    1 
ATOM   252  C CG1   . ILE A 1 46  ? -6.621  -9.028  3.769   1.00 29.11 ? 40  ILE A CG1   1 
ATOM   253  C CG2   . ILE A 1 46  ? -5.593  -6.759  4.050   1.00 28.59 ? 40  ILE A CG2   1 
ATOM   254  N N     . ASN A 1 47  ? -8.282  -4.926  5.399   1.00 22.14 ? 41  ASN A N     1 
ATOM   255  C CA    . ASN A 1 47  ? -7.919  -3.566  5.783   1.00 19.59 ? 41  ASN A CA    1 
ATOM   256  C C     . ASN A 1 47  ? -7.730  -3.240  7.265   1.00 17.69 ? 41  ASN A C     1 
ATOM   257  O O     . ASN A 1 47  ? -6.767  -2.556  7.602   1.00 16.77 ? 41  ASN A O     1 
ATOM   258  C CB    . ASN A 1 47  ? -8.803  -2.512  5.125   1.00 19.48 ? 41  ASN A CB    1 
ATOM   259  C CG    . ASN A 1 47  ? -8.117  -1.175  5.071   1.00 18.37 ? 41  ASN A CG    1 
ATOM   260  O OD1   . ASN A 1 47  ? -7.088  -1.027  4.410   1.00 19.82 ? 41  ASN A OD1   1 
ATOM   261  N ND2   . ASN A 1 47  ? -8.661  -0.199  5.779   1.00 17.38 ? 41  ASN A ND2   1 
ATOM   262  N N     . PRO A 1 48  ? -8.648  -3.697  8.143   1.00 18.07 ? 42  PRO A N     1 
ATOM   263  C CA    . PRO A 1 48  ? -8.482  -3.367  9.562   1.00 17.81 ? 42  PRO A CA    1 
ATOM   264  C C     . PRO A 1 48  ? -7.177  -3.907  10.109  1.00 15.16 ? 42  PRO A C     1 
ATOM   265  O O     . PRO A 1 48  ? -6.577  -3.285  10.982  1.00 18.69 ? 42  PRO A O     1 
ATOM   266  C CB    . PRO A 1 48  ? -9.646  -4.111  10.225  1.00 21.38 ? 42  PRO A CB    1 
ATOM   267  C CG    . PRO A 1 48  ? -10.694 -4.178  9.159   1.00 21.88 ? 42  PRO A CG    1 
ATOM   268  C CD    . PRO A 1 48  ? -9.959  -4.324  7.876   1.00 20.56 ? 42  PRO A CD    1 
ATOM   269  N N     . LEU A 1 49  ? -6.778  -5.077  9.610   1.00 20.53 ? 43  LEU A N     1 
ATOM   270  C CA    . LEU A 1 49  ? -5.591  -5.767  10.073  1.00 18.76 ? 43  LEU A CA    1 
ATOM   271  C C     . LEU A 1 49  ? -4.348  -5.021  9.622   1.00 22.02 ? 43  LEU A C     1 
ATOM   272  O O     . LEU A 1 49  ? -3.419  -4.832  10.403  1.00 18.66 ? 43  LEU A O     1 
ATOM   273  C CB    . LEU A 1 49  ? -5.556  -7.203  9.532   1.00 25.35 ? 43  LEU A CB    1 
ATOM   274  C CG    . LEU A 1 49  ? -6.256  -8.327  10.305  1.00 30.42 ? 43  LEU A CG    1 
ATOM   275  C CD1   . LEU A 1 49  ? -5.530  -8.615  11.620  1.00 36.89 ? 43  LEU A CD1   1 
ATOM   276  C CD2   . LEU A 1 49  ? -7.705  -8.001  10.580  1.00 31.67 ? 43  LEU A CD2   1 
ATOM   277  N N     . ARG A 1 50  ? -4.315  -4.594  8.364   1.00 12.70 ? 44  ARG A N     1 
ATOM   278  C CA    . ARG A 1 50  ? -3.135  -3.869  7.909   1.00 17.78 ? 44  ARG A CA    1 
ATOM   279  C C     . ARG A 1 50  ? -3.063  -2.470  8.517   1.00 18.80 ? 44  ARG A C     1 
ATOM   280  O O     . ARG A 1 50  ? -1.985  -2.009  8.882   1.00 19.00 ? 44  ARG A O     1 
ATOM   281  C CB    . ARG A 1 50  ? -3.019  -3.857  6.389   1.00 25.52 ? 44  ARG A CB    1 
ATOM   282  C CG    . ARG A 1 50  ? -4.144  -3.196  5.666   1.00 25.99 ? 44  ARG A CG    1 
ATOM   283  C CD    . ARG A 1 50  ? -3.954  -3.371  4.177   1.00 22.26 ? 44  ARG A CD    1 
ATOM   284  N NE    . ARG A 1 50  ? -5.023  -2.710  3.443   1.00 21.90 ? 44  ARG A NE    1 
ATOM   285  C CZ    . ARG A 1 50  ? -5.135  -2.713  2.123   1.00 17.11 ? 44  ARG A CZ    1 
ATOM   286  N NH1   . ARG A 1 50  ? -6.144  -2.075  1.552   1.00 17.82 ? 44  ARG A NH1   1 
ATOM   287  N NH2   . ARG A 1 50  ? -4.238  -3.351  1.381   1.00 17.47 ? 44  ARG A NH2   1 
ATOM   288  N N     . LEU A 1 51  ? -4.213  -1.819  8.655   1.00 17.06 ? 45  LEU A N     1 
ATOM   289  C CA    . LEU A 1 51  ? -4.283  -0.520  9.314   1.00 16.35 ? 45  LEU A CA    1 
ATOM   290  C C     . LEU A 1 51  ? -3.792  -0.604  10.758  1.00 14.53 ? 45  LEU A C     1 
ATOM   291  O O     . LEU A 1 51  ? -3.020  0.242   11.219  1.00 18.72 ? 45  LEU A O     1 
ATOM   292  C CB    . LEU A 1 51  ? -5.720  -0.003  9.276   1.00 18.01 ? 45  LEU A CB    1 
ATOM   293  C CG    . LEU A 1 51  ? -5.989  1.377   9.870   1.00 22.20 ? 45  LEU A CG    1 
ATOM   294  C CD1   . LEU A 1 51  ? -5.125  2.423   9.164   1.00 18.25 ? 45  LEU A CD1   1 
ATOM   295  C CD2   . LEU A 1 51  ? -7.472  1.719   9.744   1.00 18.26 ? 45  LEU A CD2   1 
ATOM   296  N N     . GLY A 1 52  ? -4.246  -1.620  11.481  1.00 17.09 ? 46  GLY A N     1 
ATOM   297  C CA    . GLY A 1 52  ? -3.812  -1.792  12.857  1.00 20.37 ? 46  GLY A CA    1 
ATOM   298  C C     . GLY A 1 52  ? -2.309  -1.985  12.964  1.00 17.77 ? 46  GLY A C     1 
ATOM   299  O O     . GLY A 1 52  ? -1.671  -1.466  13.870  1.00 17.97 ? 46  GLY A O     1 
ATOM   300  N N     . TYR A 1 53  ? -1.747  -2.741  12.029  1.00 16.02 ? 47  TYR A N     1 
ATOM   301  C CA    . TYR A 1 53  ? -0.311  -3.029  11.998  1.00 16.62 ? 47  TYR A CA    1 
ATOM   302  C C     . TYR A 1 53  ? 0.481   -1.761  11.709  1.00 16.90 ? 47  TYR A C     1 
ATOM   303  O O     . TYR A 1 53  ? 1.478   -1.447  12.375  1.00 14.97 ? 47  TYR A O     1 
ATOM   304  C CB    . TYR A 1 53  ? -0.043  -4.061  10.900  1.00 14.13 ? 47  TYR A CB    1 
ATOM   305  C CG    . TYR A 1 53  ? 1.395   -4.494  10.774  1.00 16.16 ? 47  TYR A CG    1 
ATOM   306  C CD1   . TYR A 1 53  ? 1.910   -5.482  11.597  1.00 18.86 ? 47  TYR A CD1   1 
ATOM   307  C CD2   . TYR A 1 53  ? 2.231   -3.934  9.814   1.00 16.75 ? 47  TYR A CD2   1 
ATOM   308  C CE1   . TYR A 1 53  ? 3.232   -5.900  11.480  1.00 20.56 ? 47  TYR A CE1   1 
ATOM   309  C CE2   . TYR A 1 53  ? 3.554   -4.347  9.682   1.00 19.20 ? 47  TYR A CE2   1 
ATOM   310  C CZ    . TYR A 1 53  ? 4.046   -5.325  10.524  1.00 20.37 ? 47  TYR A CZ    1 
ATOM   311  O OH    . TYR A 1 53  ? 5.352   -5.742  10.410  1.00 21.86 ? 47  TYR A OH    1 
ATOM   312  N N     . ILE A 1 54  ? 0.034   -1.031  10.697  1.00 15.17 ? 48  ILE A N     1 
ATOM   313  C CA    . ILE A 1 54  ? 0.678   0.226   10.332  1.00 16.34 ? 48  ILE A CA    1 
ATOM   314  C C     . ILE A 1 54  ? 0.675   1.203   11.507  1.00 18.11 ? 48  ILE A C     1 
ATOM   315  O O     . ILE A 1 54  ? 1.699   1.799   11.835  1.00 17.09 ? 48  ILE A O     1 
ATOM   316  C CB    . ILE A 1 54  ? -0.025  0.865   9.109   1.00 16.09 ? 48  ILE A CB    1 
ATOM   317  C CG1   . ILE A 1 54  ? 0.263   0.035   7.848   1.00 17.43 ? 48  ILE A CG1   1 
ATOM   318  C CG2   . ILE A 1 54  ? 0.419   2.303   8.928   1.00 21.41 ? 48  ILE A CG2   1 
ATOM   319  C CD1   . ILE A 1 54  ? -0.668  0.332   6.674   1.00 18.12 ? 48  ILE A CD1   1 
ATOM   320  N N     . ALA A 1 55  ? -0.478  1.356   12.148  1.00 17.91 ? 49  ALA A N     1 
ATOM   321  C CA    . ALA A 1 55  ? -0.608  2.320   13.241  1.00 18.70 ? 49  ALA A CA    1 
ATOM   322  C C     . ALA A 1 55  ? 0.259   1.915   14.427  1.00 16.34 ? 49  ALA A C     1 
ATOM   323  O O     . ALA A 1 55  ? 0.866   2.759   15.087  1.00 21.06 ? 49  ALA A O     1 
ATOM   324  C CB    . ALA A 1 55  ? -2.072  2.462   13.656  1.00 20.13 ? 49  ALA A CB    1 
ATOM   325  N N     . GLU A 1 56  ? 0.328   0.616   14.698  1.00 17.77 ? 50  GLU A N     1 
ATOM   326  C CA    . GLU A 1 56  ? 1.135   0.148   15.814  1.00 18.01 ? 50  GLU A CA    1 
ATOM   327  C C     . GLU A 1 56  ? 2.626   0.298   15.528  1.00 19.02 ? 50  GLU A C     1 
ATOM   328  O O     . GLU A 1 56  ? 3.378   0.809   16.362  1.00 22.41 ? 50  GLU A O     1 
ATOM   329  C CB    . GLU A 1 56  ? 0.785   -1.304  16.153  1.00 19.43 ? 50  GLU A CB    1 
ATOM   330  C CG    . GLU A 1 56  ? 1.685   -1.922  17.204  1.00 35.01 ? 50  GLU A CG    1 
ATOM   331  C CD    . GLU A 1 56  ? 1.140   -3.234  17.734  1.00 43.61 ? 50  GLU A CD    1 
ATOM   332  O OE1   . GLU A 1 56  ? 0.092   -3.209  18.416  1.00 53.18 ? 50  GLU A OE1   1 
ATOM   333  O OE2   . GLU A 1 56  ? 1.759   -4.285  17.469  1.00 45.69 ? 50  GLU A OE2   1 
ATOM   334  N N     . ARG A 1 57  ? 3.046   -0.144  14.347  1.00 15.53 ? 51  ARG A N     1 
ATOM   335  C CA    . ARG A 1 57  ? 4.460   -0.130  13.959  1.00 19.16 ? 51  ARG A CA    1 
ATOM   336  C C     . ARG A 1 57  ? 5.030   1.259   13.727  1.00 20.73 ? 51  ARG A C     1 
ATOM   337  O O     . ARG A 1 57  ? 6.210   1.507   13.987  1.00 17.04 ? 51  ARG A O     1 
ATOM   338  C CB    . ARG A 1 57  ? 4.676   -0.972  12.698  1.00 19.25 ? 51  ARG A CB    1 
ATOM   339  C CG    . ARG A 1 57  ? 4.480   -2.449  12.934  1.00 19.41 ? 51  ARG A CG    1 
ATOM   340  C CD    . ARG A 1 57  ? 5.589   -2.995  13.802  1.00 23.95 ? 51  ARG A CD    1 
ATOM   341  N NE    . ARG A 1 57  ? 5.217   -4.284  14.375  1.00 25.66 ? 51  ARG A NE    1 
ATOM   342  C CZ    . ARG A 1 57  ? 6.034   -5.032  15.105  1.00 30.19 ? 51  ARG A CZ    1 
ATOM   343  N NH1   . ARG A 1 57  ? 7.271   -4.620  15.346  1.00 23.18 ? 51  ARG A NH1   1 
ATOM   344  N NH2   . ARG A 1 57  ? 5.608   -6.190  15.588  1.00 27.06 ? 51  ARG A NH2   1 
ATOM   345  N N     . ALA A 1 58  ? 4.197   2.173   13.249  1.00 17.41 ? 52  ALA A N     1 
ATOM   346  C CA    . ALA A 1 58  ? 4.678   3.514   12.949  1.00 19.51 ? 52  ALA A CA    1 
ATOM   347  C C     . ALA A 1 58  ? 4.487   4.455   14.132  1.00 21.69 ? 52  ALA A C     1 
ATOM   348  O O     . ALA A 1 58  ? 4.907   5.606   14.080  1.00 17.85 ? 52  ALA A O     1 
ATOM   349  C CB    . ALA A 1 58  ? 3.992   4.064   11.712  1.00 16.02 ? 52  ALA A CB    1 
ATOM   350  N N     . GLY A 1 59  ? 3.851   3.968   15.195  1.00 18.30 ? 53  GLY A N     1 
ATOM   351  C CA    . GLY A 1 59  ? 3.612   4.789   16.373  1.00 16.11 ? 53  GLY A CA    1 
ATOM   352  C C     . GLY A 1 59  ? 2.502   5.811   16.180  1.00 20.20 ? 53  GLY A C     1 
ATOM   353  O O     . GLY A 1 59  ? 2.580   6.928   16.687  1.00 18.97 ? 53  GLY A O     1 
ATOM   354  N N     . GLY A 1 60  ? 1.465   5.426   15.442  1.00 18.72 ? 54  GLY A N     1 
ATOM   355  C CA    . GLY A 1 60  ? 0.285   6.256   15.273  1.00 21.23 ? 54  GLY A CA    1 
ATOM   356  C C     . GLY A 1 60  ? 0.316   7.035   13.975  1.00 20.97 ? 54  GLY A C     1 
ATOM   357  O O     . GLY A 1 60  ? 1.381   7.244   13.399  1.00 20.59 ? 54  GLY A O     1 
ATOM   358  N N     . LEU A 1 61  ? -0.851  7.482   13.531  1.00 16.74 ? 55  LEU A N     1 
ATOM   359  C CA    . LEU A 1 61  ? -0.973  8.151   12.243  1.00 18.39 ? 55  LEU A CA    1 
ATOM   360  C C     . LEU A 1 61  ? -1.482  9.587   12.355  1.00 22.46 ? 55  LEU A C     1 
ATOM   361  O O     . LEU A 1 61  ? -1.390  10.366  11.396  1.00 18.22 ? 55  LEU A O     1 
ATOM   362  C CB    . LEU A 1 61  ? -1.898  7.339   11.342  1.00 18.01 ? 55  LEU A CB    1 
ATOM   363  C CG    . LEU A 1 61  ? -1.378  5.970   10.902  1.00 18.11 ? 55  LEU A CG    1 
ATOM   364  C CD1   . LEU A 1 61  ? -2.450  5.206   10.150  1.00 20.90 ? 55  LEU A CD1   1 
ATOM   365  C CD2   . LEU A 1 61  ? -0.154  6.155   10.020  1.00 20.11 ? 55  LEU A CD2   1 
ATOM   366  N N     . PHE A 1 62  ? -2.011  9.949   13.521  1.00 22.77 ? 56  PHE A N     1 
ATOM   367  C CA    . PHE A 1 62  ? -2.570  11.295  13.697  1.00 17.92 ? 56  PHE A CA    1 
ATOM   368  C C     . PHE A 1 62  ? -1.526  12.363  13.375  1.00 16.42 ? 56  PHE A C     1 
ATOM   369  O O     . PHE A 1 62  ? -0.458  12.402  13.977  1.00 18.56 ? 56  PHE A O     1 
ATOM   370  C CB    . PHE A 1 62  ? -3.073  11.483  15.120  1.00 23.80 ? 56  PHE A CB    1 
ATOM   371  C CG    . PHE A 1 62  ? -3.737  12.805  15.357  1.00 19.67 ? 56  PHE A CG    1 
ATOM   372  C CD1   . PHE A 1 62  ? -4.992  13.068  14.826  1.00 22.17 ? 56  PHE A CD1   1 
ATOM   373  C CD2   . PHE A 1 62  ? -3.116  13.779  16.133  1.00 23.00 ? 56  PHE A CD2   1 
ATOM   374  C CE1   . PHE A 1 62  ? -5.616  14.283  15.052  1.00 23.47 ? 56  PHE A CE1   1 
ATOM   375  C CE2   . PHE A 1 62  ? -3.736  15.004  16.363  1.00 23.74 ? 56  PHE A CE2   1 
ATOM   376  C CZ    . PHE A 1 62  ? -4.982  15.255  15.823  1.00 21.90 ? 56  PHE A CZ    1 
ATOM   377  N N     . GLY A 1 63  ? -1.824  13.211  12.403  1.00 16.96 ? 57  GLY A N     1 
ATOM   378  C CA    . GLY A 1 63  ? -0.950  14.330  12.092  1.00 18.90 ? 57  GLY A CA    1 
ATOM   379  C C     . GLY A 1 63  ? 0.267   14.031  11.239  1.00 21.27 ? 57  GLY A C     1 
ATOM   380  O O     . GLY A 1 63  ? 1.061   14.935  10.964  1.00 20.97 ? 57  GLY A O     1 
ATOM   381  N N     . LYS A 1 64  ? 0.426   12.776  10.819  1.00 18.16 ? 58  LYS A N     1 
ATOM   382  C CA    . LYS A 1 64  ? 1.553   12.392  9.974   1.00 23.06 ? 58  LYS A CA    1 
ATOM   383  C C     . LYS A 1 64  ? 1.239   12.546  8.485   1.00 21.74 ? 58  LYS A C     1 
ATOM   384  O O     . LYS A 1 64  ? 0.101   12.336  8.068   1.00 17.57 ? 58  LYS A O     1 
ATOM   385  C CB    . LYS A 1 64  ? 1.973   10.949  10.274  1.00 23.36 ? 58  LYS A CB    1 
ATOM   386  C CG    . LYS A 1 64  ? 2.345   10.741  11.734  1.00 24.27 ? 58  LYS A CG    1 
ATOM   387  C CD    . LYS A 1 64  ? 3.165   9.484   11.944  1.00 24.77 ? 58  LYS A CD    1 
ATOM   388  C CE    . LYS A 1 64  ? 3.655   9.397   13.383  1.00 23.43 ? 58  LYS A CE    1 
ATOM   389  N NZ    . LYS A 1 64  ? 4.193   8.052   13.674  1.00 22.66 ? 58  LYS A NZ    1 
ATOM   390  N N     . LYS A 1 65  ? 2.248   12.917  7.695   1.00 18.75 ? 59  LYS A N     1 
ATOM   391  C CA    . LYS A 1 65  ? 2.107   12.989  6.247   1.00 16.74 ? 59  LYS A CA    1 
ATOM   392  C C     . LYS A 1 65  ? 2.300   11.579  5.732   1.00 20.61 ? 59  LYS A C     1 
ATOM   393  O O     . LYS A 1 65  ? 3.336   10.957  6.007   1.00 15.90 ? 59  LYS A O     1 
ATOM   394  C CB    . LYS A 1 65  ? 3.180   13.901  5.631   1.00 20.77 ? 59  LYS A CB    1 
ATOM   395  C CG    . LYS A 1 65  ? 2.745   15.344  5.383   1.00 39.54 ? 59  LYS A CG    1 
ATOM   396  C CD    . LYS A 1 65  ? 3.586   16.017  4.280   1.00 35.49 ? 59  LYS A CD    1 
ATOM   397  C CE    . LYS A 1 65  ? 3.130   15.629  2.867   1.00 32.54 ? 59  LYS A CE    1 
ATOM   398  N NZ    . LYS A 1 65  ? 1.817   16.232  2.453   1.00 28.21 ? 59  LYS A NZ    1 
ATOM   399  N N     . VAL A 1 66  ? 1.317   11.072  4.988   1.00 14.78 ? 60  VAL A N     1 
ATOM   400  C CA    . VAL A 1 66  ? 1.347   9.680   4.560   1.00 15.18 ? 60  VAL A CA    1 
ATOM   401  C C     . VAL A 1 66  ? 1.112   9.541   3.067   1.00 14.32 ? 60  VAL A C     1 
ATOM   402  O O     . VAL A 1 66  ? 0.210   10.169  2.518   1.00 14.60 ? 60  VAL A O     1 
ATOM   403  C CB    . VAL A 1 66  ? 0.269   8.848   5.309   1.00 16.14 ? 60  VAL A CB    1 
ATOM   404  C CG1   . VAL A 1 66  ? 0.329   7.390   4.872   1.00 16.36 ? 60  VAL A CG1   1 
ATOM   405  C CG2   . VAL A 1 66  ? 0.455   8.961   6.817   1.00 16.42 ? 60  VAL A CG2   1 
ATOM   406  N N     . LEU A 1 67  ? 1.906   8.698   2.414   1.00 11.39 ? 61  LEU A N     1 
ATOM   407  C CA    . LEU A 1 67  ? 1.773   8.479   0.985   1.00 13.69 ? 61  LEU A CA    1 
ATOM   408  C C     . LEU A 1 67  ? 1.426   7.036   0.720   1.00 15.43 ? 61  LEU A C     1 
ATOM   409  O O     . LEU A 1 67  ? 2.183   6.126   1.095   1.00 13.57 ? 61  LEU A O     1 
ATOM   410  C CB    . LEU A 1 67  ? 3.080   8.828   0.252   1.00 14.06 ? 61  LEU A CB    1 
ATOM   411  C CG    . LEU A 1 67  ? 3.029   8.527   -1.248  1.00 16.72 ? 61  LEU A CG    1 
ATOM   412  C CD1   . LEU A 1 67  ? 2.140   9.509   -2.004  1.00 17.45 ? 61  LEU A CD1   1 
ATOM   413  C CD2   . LEU A 1 67  ? 4.440   8.511   -1.836  1.00 17.89 ? 61  LEU A CD2   1 
ATOM   414  N N     . ASP A 1 68  ? 0.296   6.822   0.056   1.00 16.61 ? 62  ASP A N     1 
ATOM   415  C CA    . ASP A 1 68  ? -0.166  5.482   -0.308  1.00 16.87 ? 62  ASP A CA    1 
ATOM   416  C C     . ASP A 1 68  ? 0.032   5.249   -1.812  1.00 17.09 ? 62  ASP A C     1 
ATOM   417  O O     . ASP A 1 68  ? -0.654  5.852   -2.665  1.00 15.92 ? 62  ASP A O     1 
ATOM   418  C CB    . ASP A 1 68  ? -1.638  5.297   0.132   1.00 19.15 ? 62  ASP A CB    1 
ATOM   419  C CG    . ASP A 1 68  ? -2.159  3.880   -0.085  1.00 22.84 ? 62  ASP A CG    1 
ATOM   420  O OD1   . ASP A 1 68  ? -1.367  2.906   -0.068  1.00 22.07 ? 62  ASP A OD1   1 
ATOM   421  O OD2   . ASP A 1 68  ? -3.389  3.735   -0.256  1.00 27.57 ? 62  ASP A OD2   1 
ATOM   422  N N     . VAL A 1 69  ? 0.992   4.380   -2.121  1.00 17.07 ? 63  VAL A N     1 
ATOM   423  C CA    . VAL A 1 69  ? 1.483   4.173   -3.470  1.00 19.13 ? 63  VAL A CA    1 
ATOM   424  C C     . VAL A 1 69  ? 0.708   3.035   -4.116  1.00 21.46 ? 63  VAL A C     1 
ATOM   425  O O     . VAL A 1 69  ? 0.722   1.908   -3.614  1.00 17.74 ? 63  VAL A O     1 
ATOM   426  C CB    . VAL A 1 69  ? 2.995   3.837   -3.452  1.00 23.83 ? 63  VAL A CB    1 
ATOM   427  C CG1   . VAL A 1 69  ? 3.493   3.498   -4.846  1.00 20.62 ? 63  VAL A CG1   1 
ATOM   428  C CG2   . VAL A 1 69  ? 3.795   4.999   -2.852  1.00 19.37 ? 63  VAL A CG2   1 
ATOM   429  N N     . GLY A 1 70  ? 0.044   3.327   -5.231  1.00 18.03 ? 64  GLY A N     1 
ATOM   430  C CA    . GLY A 1 70  ? -0.898  2.387   -5.817  1.00 12.89 ? 64  GLY A CA    1 
ATOM   431  C C     . GLY A 1 70  ? -2.161  2.323   -4.965  1.00 17.36 ? 64  GLY A C     1 
ATOM   432  O O     . GLY A 1 70  ? -2.599  1.246   -4.560  1.00 15.22 ? 64  GLY A O     1 
ATOM   433  N N     . CYS A 1 71  ? -2.757  3.482   -4.681  1.00 16.54 ? 65  CYS A N     1 
ATOM   434  C CA    . CYS A 1 71  ? -3.867  3.542   -3.732  1.00 14.73 ? 65  CYS A CA    1 
ATOM   435  C C     . CYS A 1 71  ? -5.161  2.948   -4.295  1.00 16.78 ? 65  CYS A C     1 
ATOM   436  O O     . CYS A 1 71  ? -6.038  2.508   -3.541  1.00 20.20 ? 65  CYS A O     1 
ATOM   437  C CB    . CYS A 1 71  ? -4.107  4.996   -3.292  1.00 15.80 ? 65  CYS A CB    1 
ATOM   438  S SG    . CYS A 1 71  ? -4.534  6.101   -4.670  1.00 16.63 ? 65  CYS A SG    1 
ATOM   439  N N     . GLY A 1 72  ? -5.269  2.917   -5.618  1.00 16.81 ? 66  GLY A N     1 
ATOM   440  C CA    . GLY A 1 72  ? -6.496  2.484   -6.261  1.00 16.71 ? 66  GLY A CA    1 
ATOM   441  C C     . GLY A 1 72  ? -7.699  3.276   -5.784  1.00 17.41 ? 66  GLY A C     1 
ATOM   442  O O     . GLY A 1 72  ? -7.655  4.511   -5.737  1.00 16.12 ? 66  GLY A O     1 
ATOM   443  N N     . GLY A 1 73  ? -8.758  2.558   -5.414  1.00 18.41 ? 67  GLY A N     1 
ATOM   444  C CA    . GLY A 1 73  ? -10.019 3.150   -4.991  1.00 18.63 ? 67  GLY A CA    1 
ATOM   445  C C     . GLY A 1 73  ? -9.979  3.787   -3.612  1.00 21.21 ? 67  GLY A C     1 
ATOM   446  O O     . GLY A 1 73  ? -10.959 4.409   -3.188  1.00 21.45 ? 67  GLY A O     1 
ATOM   447  N N     . GLY A 1 74  ? -8.865  3.621   -2.899  1.00 16.72 ? 68  GLY A N     1 
ATOM   448  C CA    . GLY A 1 74  ? -8.649  4.355   -1.651  1.00 14.37 ? 68  GLY A CA    1 
ATOM   449  C C     . GLY A 1 74  ? -9.042  3.633   -0.372  1.00 17.37 ? 68  GLY A C     1 
ATOM   450  O O     . GLY A 1 74  ? -9.291  4.267   0.658   1.00 17.90 ? 68  GLY A O     1 
ATOM   451  N N     . ILE A 1 75  ? -9.092  2.307   -0.430  1.00 13.34 ? 69  ILE A N     1 
ATOM   452  C CA    . ILE A 1 75  ? -9.494  1.513   0.734   1.00 18.33 ? 69  ILE A CA    1 
ATOM   453  C C     . ILE A 1 75  ? -8.601  1.795   1.942   1.00 19.61 ? 69  ILE A C     1 
ATOM   454  O O     . ILE A 1 75  ? -9.095  2.150   3.023   1.00 17.94 ? 69  ILE A O     1 
ATOM   455  C CB    . ILE A 1 75  ? -9.490  -0.001  0.423   1.00 16.00 ? 69  ILE A CB    1 
ATOM   456  C CG1   . ILE A 1 75  ? -10.525 -0.315  -0.647  1.00 15.92 ? 69  ILE A CG1   1 
ATOM   457  C CG2   . ILE A 1 75  ? -9.806  -0.824  1.687   1.00 16.53 ? 69  ILE A CG2   1 
ATOM   458  C CD1   . ILE A 1 75  ? -10.591 -1.805  -1.019  1.00 19.66 ? 69  ILE A CD1   1 
ATOM   459  N N     . LEU A 1 76  ? -7.290  1.675   1.763   1.00 15.37 ? 70  LEU A N     1 
ATOM   460  C CA    . LEU A 1 76  ? -6.374  1.980   2.866   1.00 16.23 ? 70  LEU A CA    1 
ATOM   461  C C     . LEU A 1 76  ? -6.237  3.482   3.103   1.00 16.33 ? 70  LEU A C     1 
ATOM   462  O O     . LEU A 1 76  ? -6.238  3.931   4.254   1.00 14.48 ? 70  LEU A O     1 
ATOM   463  C CB    . LEU A 1 76  ? -4.994  1.355   2.626   1.00 17.95 ? 70  LEU A CB    1 
ATOM   464  C CG    . LEU A 1 76  ? -3.937  1.608   3.715   1.00 17.94 ? 70  LEU A CG    1 
ATOM   465  C CD1   . LEU A 1 76  ? -4.340  0.991   5.036   1.00 17.58 ? 70  LEU A CD1   1 
ATOM   466  C CD2   . LEU A 1 76  ? -2.573  1.091   3.280   1.00 17.52 ? 70  LEU A CD2   1 
ATOM   467  N N     . ALA A 1 77  ? -6.128  4.254   2.019   1.00 18.62 ? 71  ALA A N     1 
ATOM   468  C CA    . ALA A 1 77  ? -5.868  5.693   2.125   1.00 20.85 ? 71  ALA A CA    1 
ATOM   469  C C     . ALA A 1 77  ? -6.936  6.400   2.933   1.00 17.26 ? 71  ALA A C     1 
ATOM   470  O O     . ALA A 1 77  ? -6.629  7.204   3.823   1.00 16.34 ? 71  ALA A O     1 
ATOM   471  C CB    . ALA A 1 77  ? -5.748  6.342   0.736   1.00 16.40 ? 71  ALA A CB    1 
ATOM   472  N N     . GLU A 1 78  ? -8.191  6.115   2.613   1.00 15.66 ? 72  GLU A N     1 
ATOM   473  C CA    . GLU A 1 78  ? -9.307  6.748   3.309   1.00 19.36 ? 72  GLU A CA    1 
ATOM   474  C C     . GLU A 1 78  ? -9.346  6.339   4.781   1.00 20.11 ? 72  GLU A C     1 
ATOM   475  O O     . GLU A 1 78  ? -9.581  7.170   5.663   1.00 15.77 ? 72  GLU A O     1 
ATOM   476  C CB    . GLU A 1 78  ? -10.625 6.395   2.619   1.00 20.65 ? 72  GLU A CB    1 
ATOM   477  C CG    . GLU A 1 78  ? -11.725 7.416   2.831   1.00 20.65 ? 72  GLU A CG    1 
ATOM   478  C CD    . GLU A 1 78  ? -13.036 6.947   2.260   1.00 32.03 ? 72  GLU A CD    1 
ATOM   479  O OE1   . GLU A 1 78  ? -13.937 6.611   3.066   1.00 28.87 ? 72  GLU A OE1   1 
ATOM   480  O OE2   . GLU A 1 78  ? -13.155 6.894   1.011   1.00 26.31 ? 72  GLU A OE2   1 
ATOM   481  N N     . SER A 1 79  ? -9.118  5.056   5.044   1.00 16.35 ? 73  SER A N     1 
ATOM   482  C CA    . SER A 1 79  ? -9.023  4.556   6.417   1.00 16.53 ? 73  SER A CA    1 
ATOM   483  C C     . SER A 1 79  ? -7.891  5.217   7.229   1.00 17.71 ? 73  SER A C     1 
ATOM   484  O O     . SER A 1 79  ? -8.048  5.486   8.429   1.00 14.39 ? 73  SER A O     1 
ATOM   485  C CB    . SER A 1 79  ? -8.836  3.043   6.405   1.00 18.84 ? 73  SER A CB    1 
ATOM   486  O OG    . SER A 1 79  ? -7.491  2.730   6.118   1.00 17.01 ? 73  SER A OG    1 
ATOM   487  N N     . MET A 1 80  ? -6.753  5.495   6.589   1.00 16.72 ? 74  MET A N     1 
ATOM   488  C CA    . MET A 1 80  ? -5.673  6.196   7.283   1.00 14.64 ? 74  MET A CA    1 
ATOM   489  C C     . MET A 1 80  ? -6.034  7.654   7.553   1.00 20.09 ? 74  MET A C     1 
ATOM   490  O O     . MET A 1 80  ? -5.749  8.185   8.623   1.00 15.85 ? 74  MET A O     1 
ATOM   491  C CB    . MET A 1 80  ? -4.352  6.084   6.508   1.00 15.80 ? 74  MET A CB    1 
ATOM   492  C CG    . MET A 1 80  ? -3.781  4.657   6.520   1.00 14.16 ? 74  MET A CG    1 
ATOM   493  S SD    . MET A 1 80  ? -2.132  4.540   5.807   1.00 17.60 ? 74  MET A SD    1 
ATOM   494  C CE    . MET A 1 80  ? -2.438  5.228   4.167   1.00 20.53 ? 74  MET A CE    1 
ATOM   495  N N     . ALA A 1 81  ? -6.676  8.297   6.586   1.00 14.49 ? 75  ALA A N     1 
ATOM   496  C CA    . ALA A 1 81  ? -7.091  9.687   6.751   1.00 18.80 ? 75  ALA A CA    1 
ATOM   497  C C     . ALA A 1 81  ? -8.137  9.821   7.861   1.00 18.34 ? 75  ALA A C     1 
ATOM   498  O O     . ALA A 1 81  ? -8.171  10.816  8.590   1.00 19.41 ? 75  ALA A O     1 
ATOM   499  C CB    . ALA A 1 81  ? -7.606  10.244  5.419   1.00 18.91 ? 75  ALA A CB    1 
ATOM   500  N N     . ARG A 1 82  ? -8.967  8.794   8.008   1.00 14.99 ? 76  ARG A N     1 
ATOM   501  C CA    . ARG A 1 82  ? -9.941  8.741   9.095   1.00 20.40 ? 76  ARG A CA    1 
ATOM   502  C C     . ARG A 1 82  ? -9.291  8.780   10.473  1.00 22.70 ? 76  ARG A C     1 
ATOM   503  O O     . ARG A 1 82  ? -9.873  9.310   11.417  1.00 21.80 ? 76  ARG A O     1 
ATOM   504  C CB    . ARG A 1 82  ? -10.813 7.493   8.974   1.00 20.37 ? 76  ARG A CB    1 
ATOM   505  C CG    . ARG A 1 82  ? -11.981 7.466   9.940   1.00 30.23 ? 76  ARG A CG    1 
ATOM   506  C CD    . ARG A 1 82  ? -12.820 6.224   9.724   1.00 37.11 ? 76  ARG A CD    1 
ATOM   507  N NE    . ARG A 1 82  ? -13.207 6.089   8.325   1.00 35.28 ? 76  ARG A NE    1 
ATOM   508  C CZ    . ARG A 1 82  ? -14.277 6.667   7.795   1.00 44.63 ? 76  ARG A CZ    1 
ATOM   509  N NH1   . ARG A 1 82  ? -15.070 7.420   8.553   1.00 47.99 ? 76  ARG A NH1   1 
ATOM   510  N NH2   . ARG A 1 82  ? -14.557 6.490   6.511   1.00 48.13 ? 76  ARG A NH2   1 
ATOM   511  N N     . GLU A 1 83  ? -8.089  8.216   10.590  1.00 20.68 ? 77  GLU A N     1 
ATOM   512  C CA    . GLU A 1 83  ? -7.343  8.273   11.849  1.00 26.73 ? 77  GLU A CA    1 
ATOM   513  C C     . GLU A 1 83  ? -6.532  9.557   12.000  1.00 23.85 ? 77  GLU A C     1 
ATOM   514  O O     . GLU A 1 83  ? -5.678  9.662   12.887  1.00 25.10 ? 77  GLU A O     1 
ATOM   515  C CB    . GLU A 1 83  ? -6.435  7.053   11.999  1.00 19.65 ? 77  GLU A CB    1 
ATOM   516  C CG    . GLU A 1 83  ? -7.129  5.729   11.739  1.00 23.06 ? 77  GLU A CG    1 
ATOM   517  C CD    . GLU A 1 83  ? -8.334  5.455   12.649  1.00 32.45 ? 77  GLU A CD    1 
ATOM   518  O OE1   . GLU A 1 83  ? -9.039  4.457   12.397  1.00 42.06 ? 77  GLU A OE1   1 
ATOM   519  O OE2   . GLU A 1 83  ? -8.594  6.209   13.613  1.00 33.17 ? 77  GLU A OE2   1 
ATOM   520  N N     . GLY A 1 84  ? -6.797  10.524  11.129  1.00 19.00 ? 78  GLY A N     1 
ATOM   521  C CA    . GLY A 1 84  ? -6.230  11.849  11.279  1.00 16.52 ? 78  GLY A CA    1 
ATOM   522  C C     . GLY A 1 84  ? -4.927  12.107  10.556  1.00 19.27 ? 78  GLY A C     1 
ATOM   523  O O     . GLY A 1 84  ? -4.271  13.116  10.806  1.00 16.95 ? 78  GLY A O     1 
ATOM   524  N N     . ALA A 1 85  ? -4.536  11.196  9.669   1.00 14.83 ? 79  ALA A N     1 
ATOM   525  C CA    . ALA A 1 85  ? -3.339  11.395  8.865   1.00 17.80 ? 79  ALA A CA    1 
ATOM   526  C C     . ALA A 1 85  ? -3.608  12.372  7.732   1.00 17.44 ? 79  ALA A C     1 
ATOM   527  O O     . ALA A 1 85  ? -4.736  12.478  7.247   1.00 19.36 ? 79  ALA A O     1 
ATOM   528  C CB    . ALA A 1 85  ? -2.847  10.040  8.290   1.00 16.68 ? 79  ALA A CB    1 
ATOM   529  N N     . THR A 1 86  ? -2.566  13.076  7.292   1.00 14.47 ? 80  THR A N     1 
ATOM   530  C CA    . THR A 1 86  ? -2.637  13.838  6.048   1.00 14.11 ? 80  THR A CA    1 
ATOM   531  C C     . THR A 1 86  ? -2.201  12.928  4.901   1.00 17.13 ? 80  THR A C     1 
ATOM   532  O O     . THR A 1 86  ? -1.000  12.683  4.705   1.00 17.77 ? 80  THR A O     1 
ATOM   533  C CB    . THR A 1 86  ? -1.725  15.075  6.107   1.00 20.56 ? 80  THR A CB    1 
ATOM   534  O OG1   . THR A 1 86  ? -2.127  15.892  7.213   1.00 17.58 ? 80  THR A OG1   1 
ATOM   535  C CG2   . THR A 1 86  ? -1.834  15.886  4.825   1.00 20.89 ? 80  THR A CG2   1 
ATOM   536  N N     . VAL A 1 87  ? -3.172  12.441  4.135   1.00 14.64 ? 81  VAL A N     1 
ATOM   537  C CA    . VAL A 1 87  ? -2.912  11.362  3.184   1.00 16.30 ? 81  VAL A CA    1 
ATOM   538  C C     . VAL A 1 87  ? -2.896  11.832  1.735   1.00 16.57 ? 81  VAL A C     1 
ATOM   539  O O     . VAL A 1 87  ? -3.789  12.566  1.290   1.00 14.50 ? 81  VAL A O     1 
ATOM   540  C CB    . VAL A 1 87  ? -3.935  10.219  3.332   1.00 13.58 ? 81  VAL A CB    1 
ATOM   541  C CG1   . VAL A 1 87  ? -3.678  9.113   2.274   1.00 11.81 ? 81  VAL A CG1   1 
ATOM   542  C CG2   . VAL A 1 87  ? -3.877  9.637   4.744   1.00 14.30 ? 81  VAL A CG2   1 
ATOM   543  N N     . THR A 1 88  ? -1.863  11.401  1.017   1.00 12.59 ? 82  THR A N     1 
ATOM   544  C CA    . THR A 1 88  ? -1.778  11.555  -0.421  1.00 16.84 ? 82  THR A CA    1 
ATOM   545  C C     . THR A 1 88  ? -1.845  10.144  -1.010  1.00 14.78 ? 82  THR A C     1 
ATOM   546  O O     . THR A 1 88  ? -1.078  9.260   -0.622  1.00 13.36 ? 82  THR A O     1 
ATOM   547  C CB    . THR A 1 88  ? -0.454  12.249  -0.819  1.00 16.88 ? 82  THR A CB    1 
ATOM   548  O OG1   . THR A 1 88  ? -0.410  13.558  -0.239  1.00 21.54 ? 82  THR A OG1   1 
ATOM   549  C CG2   . THR A 1 88  ? -0.306  12.348  -2.334  1.00 22.22 ? 82  THR A CG2   1 
ATOM   550  N N     . GLY A 1 89  ? -2.788  9.920   -1.918  1.00 14.42 ? 83  GLY A N     1 
ATOM   551  C CA    . GLY A 1 89  ? -2.908  8.634   -2.582  1.00 17.87 ? 83  GLY A CA    1 
ATOM   552  C C     . GLY A 1 89  ? -2.438  8.763   -4.006  1.00 22.57 ? 83  GLY A C     1 
ATOM   553  O O     . GLY A 1 89  ? -2.870  9.665   -4.739  1.00 16.05 ? 83  GLY A O     1 
ATOM   554  N N     . LEU A 1 90  ? -1.556  7.854   -4.402  1.00 14.58 ? 84  LEU A N     1 
ATOM   555  C CA    . LEU A 1 90  ? -0.937  7.920   -5.703  1.00 16.92 ? 84  LEU A CA    1 
ATOM   556  C C     . LEU A 1 90  ? -1.322  6.698   -6.528  1.00 16.93 ? 84  LEU A C     1 
ATOM   557  O O     . LEU A 1 90  ? -1.264  5.569   -6.049  1.00 17.85 ? 84  LEU A O     1 
ATOM   558  C CB    . LEU A 1 90  ? 0.583   8.010   -5.528  1.00 20.13 ? 84  LEU A CB    1 
ATOM   559  C CG    . LEU A 1 90  ? 1.434   8.154   -6.777  1.00 21.33 ? 84  LEU A CG    1 
ATOM   560  C CD1   . LEU A 1 90  ? 0.742   9.125   -7.696  1.00 33.58 ? 84  LEU A CD1   1 
ATOM   561  C CD2   . LEU A 1 90  ? 2.801   8.672   -6.408  1.00 23.69 ? 84  LEU A CD2   1 
ATOM   562  N N     . ASP A 1 91  ? -1.724  6.922   -7.772  1.00 16.73 ? 85  ASP A N     1 
ATOM   563  C CA    . ASP A 1 91  ? -2.026  5.807   -8.666  1.00 21.81 ? 85  ASP A CA    1 
ATOM   564  C C     . ASP A 1 91  ? -1.856  6.241   -10.115 1.00 20.01 ? 85  ASP A C     1 
ATOM   565  O O     . ASP A 1 91  ? -1.890  7.434   -10.411 1.00 18.30 ? 85  ASP A O     1 
ATOM   566  C CB    . ASP A 1 91  ? -3.457  5.294   -8.425  1.00 20.70 ? 85  ASP A CB    1 
ATOM   567  C CG    . ASP A 1 91  ? -3.614  3.816   -8.758  1.00 23.22 ? 85  ASP A CG    1 
ATOM   568  O OD1   . ASP A 1 91  ? -3.676  3.451   -9.955  1.00 22.34 ? 85  ASP A OD1   1 
ATOM   569  O OD2   . ASP A 1 91  ? -3.662  3.009   -7.811  1.00 25.20 ? 85  ASP A OD2   1 
ATOM   570  N N     . MET A 1 92  ? -1.666  5.281   -11.019 1.00 19.43 ? 86  MET A N     1 
ATOM   571  C CA    . MET A 1 92  ? -1.582  5.615   -12.439 1.00 22.21 ? 86  MET A CA    1 
ATOM   572  C C     . MET A 1 92  ? -2.916  5.404   -13.163 1.00 23.58 ? 86  MET A C     1 
ATOM   573  O O     . MET A 1 92  ? -3.101  5.878   -14.288 1.00 24.30 ? 86  MET A O     1 
ATOM   574  C CB    . MET A 1 92  ? -0.446  4.846   -13.127 1.00 27.57 ? 86  MET A CB    1 
ATOM   575  C CG    . MET A 1 92  ? 0.904   5.560   -13.046 1.00 24.38 ? 86  MET A CG    1 
ATOM   576  S SD    . MET A 1 92  ? 0.860   7.248   -13.700 1.00 26.09 ? 86  MET A SD    1 
ATOM   577  C CE    . MET A 1 92  ? 0.628   6.916   -15.453 1.00 31.49 ? 86  MET A CE    1 
ATOM   578  N N     . GLY A 1 93  ? -3.863  4.736   -12.507 1.00 18.74 ? 87  GLY A N     1 
ATOM   579  C CA    . GLY A 1 93  ? -5.172  4.525   -13.108 1.00 18.31 ? 87  GLY A CA    1 
ATOM   580  C C     . GLY A 1 93  ? -6.120  5.715   -12.993 1.00 20.68 ? 87  GLY A C     1 
ATOM   581  O O     . GLY A 1 93  ? -6.297  6.271   -11.911 1.00 19.05 ? 87  GLY A O     1 
ATOM   582  N N     . PHE A 1 94  ? -6.747  6.100   -14.101 1.00 19.61 ? 88  PHE A N     1 
ATOM   583  C CA    . PHE A 1 94  ? -7.714  7.199   -14.072 1.00 24.12 ? 88  PHE A CA    1 
ATOM   584  C C     . PHE A 1 94  ? -8.991  6.874   -13.269 1.00 21.01 ? 88  PHE A C     1 
ATOM   585  O O     . PHE A 1 94  ? -9.297  7.553   -12.288 1.00 20.64 ? 88  PHE A O     1 
ATOM   586  C CB    . PHE A 1 94  ? -8.081  7.649   -15.489 1.00 24.57 ? 88  PHE A CB    1 
ATOM   587  C CG    . PHE A 1 94  ? -8.941  8.889   -15.526 1.00 29.72 ? 88  PHE A CG    1 
ATOM   588  C CD1   . PHE A 1 94  ? -8.413  10.128  -15.173 1.00 31.29 ? 88  PHE A CD1   1 
ATOM   589  C CD2   . PHE A 1 94  ? -10.273 8.818   -15.917 1.00 27.86 ? 88  PHE A CD2   1 
ATOM   590  C CE1   . PHE A 1 94  ? -9.200  11.283  -15.205 1.00 34.49 ? 88  PHE A CE1   1 
ATOM   591  C CE2   . PHE A 1 94  ? -11.065 9.967   -15.960 1.00 30.24 ? 88  PHE A CE2   1 
ATOM   592  C CZ    . PHE A 1 94  ? -10.527 11.199  -15.594 1.00 30.64 ? 88  PHE A CZ    1 
ATOM   593  N N     . GLU A 1 95  ? -9.739  5.853   -13.681 1.00 18.66 ? 89  GLU A N     1 
ATOM   594  C CA    . GLU A 1 95  ? -11.007 5.528   -13.001 1.00 21.51 ? 89  GLU A CA    1 
ATOM   595  C C     . GLU A 1 95  ? -10.878 5.145   -11.514 1.00 25.23 ? 89  GLU A C     1 
ATOM   596  O O     . GLU A 1 95  ? -11.753 5.493   -10.710 1.00 18.40 ? 89  GLU A O     1 
ATOM   597  C CB    . GLU A 1 95  ? -11.815 4.478   -13.776 1.00 24.65 ? 89  GLU A CB    1 
ATOM   598  N N     . PRO A 1 96  ? -9.803  4.416   -11.139 1.00 18.70 ? 90  PRO A N     1 
ATOM   599  C CA    . PRO A 1 96  ? -9.686  4.171   -9.699  1.00 15.09 ? 90  PRO A CA    1 
ATOM   600  C C     . PRO A 1 96  ? -9.626  5.449   -8.863  1.00 12.30 ? 90  PRO A C     1 
ATOM   601  O O     . PRO A 1 96  ? -10.295 5.496   -7.834  1.00 14.54 ? 90  PRO A O     1 
ATOM   602  C CB    . PRO A 1 96  ? -8.387  3.362   -9.597  1.00 14.59 ? 90  PRO A CB    1 
ATOM   603  C CG    . PRO A 1 96  ? -8.418  2.537   -10.860 1.00 18.83 ? 90  PRO A CG    1 
ATOM   604  C CD    . PRO A 1 96  ? -8.943  3.499   -11.912 1.00 17.53 ? 90  PRO A CD    1 
ATOM   605  N N     . LEU A 1 97  ? -8.879  6.456   -9.311  1.00 13.18 ? 91  LEU A N     1 
ATOM   606  C CA    . LEU A 1 97  ? -8.759  7.736   -8.613  1.00 15.97 ? 91  LEU A CA    1 
ATOM   607  C C     . LEU A 1 97  ? -10.036 8.577   -8.664  1.00 19.28 ? 91  LEU A C     1 
ATOM   608  O O     . LEU A 1 97  ? -10.321 9.333   -7.738  1.00 15.77 ? 91  LEU A O     1 
ATOM   609  C CB    . LEU A 1 97  ? -7.581  8.541   -9.192  1.00 17.17 ? 91  LEU A CB    1 
ATOM   610  C CG    . LEU A 1 97  ? -6.191  7.937   -8.954  1.00 21.30 ? 91  LEU A CG    1 
ATOM   611  C CD1   . LEU A 1 97  ? -5.143  8.685   -9.758  1.00 20.78 ? 91  LEU A CD1   1 
ATOM   612  C CD2   . LEU A 1 97  ? -5.820  7.932   -7.475  1.00 15.88 ? 91  LEU A CD2   1 
ATOM   613  N N     . GLN A 1 98  ? -10.794 8.471   -9.752  1.00 15.58 ? 92  GLN A N     1 
ATOM   614  C CA    . GLN A 1 98  ? -12.107 9.114   -9.812  1.00 19.12 ? 92  GLN A CA    1 
ATOM   615  C C     . GLN A 1 98  ? -13.022 8.518   -8.749  1.00 19.00 ? 92  GLN A C     1 
ATOM   616  O O     . GLN A 1 98  ? -13.789 9.227   -8.092  1.00 17.08 ? 92  GLN A O     1 
ATOM   617  C CB    . GLN A 1 98  ? -12.743 8.879   -11.178 1.00 18.73 ? 92  GLN A CB    1 
ATOM   618  C CG    . GLN A 1 98  ? -12.259 9.770   -12.300 1.00 19.26 ? 92  GLN A CG    1 
ATOM   619  C CD    . GLN A 1 98  ? -13.204 9.668   -13.489 1.00 32.07 ? 92  GLN A CD    1 
ATOM   620  O OE1   . GLN A 1 98  ? -13.526 8.565   -13.933 1.00 44.05 ? 92  GLN A OE1   1 
ATOM   621  N NE2   . GLN A 1 98  ? -13.680 10.806  -13.983 1.00 30.92 ? 92  GLN A NE2   1 
ATOM   622  N N     . VAL A 1 99  ? -12.960 7.200   -8.602  1.00 13.37 ? 93  VAL A N     1 
ATOM   623  C CA    . VAL A 1 99  ? -13.741 6.509   -7.582  1.00 12.86 ? 93  VAL A CA    1 
ATOM   624  C C     . VAL A 1 99  ? -13.258 6.873   -6.176  1.00 21.18 ? 93  VAL A C     1 
ATOM   625  O O     . VAL A 1 99  ? -14.068 7.137   -5.276  1.00 17.05 ? 93  VAL A O     1 
ATOM   626  C CB    . VAL A 1 99  ? -13.683 4.990   -7.789  1.00 21.93 ? 93  VAL A CB    1 
ATOM   627  C CG1   . VAL A 1 99  ? -13.977 4.239   -6.491  1.00 23.77 ? 93  VAL A CG1   1 
ATOM   628  C CG2   . VAL A 1 99  ? -14.654 4.579   -8.892  1.00 24.35 ? 93  VAL A CG2   1 
ATOM   629  N N     . ALA A 1 100 ? -11.936 6.902   -5.992  1.00 19.05 ? 94  ALA A N     1 
ATOM   630  C CA    . ALA A 1 100 ? -11.370 7.239   -4.687  1.00 18.53 ? 94  ALA A CA    1 
ATOM   631  C C     . ALA A 1 100 ? -11.796 8.631   -4.232  1.00 15.89 ? 94  ALA A C     1 
ATOM   632  O O     . ALA A 1 100 ? -12.128 8.827   -3.070  1.00 14.00 ? 94  ALA A O     1 
ATOM   633  C CB    . ALA A 1 100 ? -9.855  7.142   -4.721  1.00 15.07 ? 94  ALA A CB    1 
ATOM   634  N N     . LYS A 1 101 ? -11.751 9.597   -5.147  1.00 16.19 ? 95  LYS A N     1 
ATOM   635  C CA    . LYS A 1 101 ? -12.087 10.976  -4.821  1.00 16.36 ? 95  LYS A CA    1 
ATOM   636  C C     . LYS A 1 101 ? -13.547 11.098  -4.439  1.00 14.39 ? 95  LYS A C     1 
ATOM   637  O O     . LYS A 1 101 ? -13.880 11.768  -3.473  1.00 13.54 ? 95  LYS A O     1 
ATOM   638  C CB    . LYS A 1 101 ? -11.801 11.915  -6.000  1.00 18.14 ? 95  LYS A CB    1 
ATOM   639  C CG    . LYS A 1 101 ? -10.326 12.115  -6.324  1.00 24.02 ? 95  LYS A CG    1 
ATOM   640  C CD    . LYS A 1 101 ? -10.169 13.034  -7.547  1.00 26.26 ? 95  LYS A CD    1 
ATOM   641  C CE    . LYS A 1 101 ? -8.709  13.231  -7.933  1.00 35.72 ? 95  LYS A CE    1 
ATOM   642  N NZ    . LYS A 1 101 ? -8.518  12.962  -9.391  1.00 41.86 ? 95  LYS A NZ    1 
ATOM   643  N N     . LEU A 1 102 ? -14.419 10.460  -5.209  1.00 15.95 ? 96  LEU A N     1 
ATOM   644  C CA    . LEU A 1 102 ? -15.859 10.541  -4.959  1.00 15.29 ? 96  LEU A CA    1 
ATOM   645  C C     . LEU A 1 102 ? -16.185 9.871   -3.635  1.00 19.69 ? 96  LEU A C     1 
ATOM   646  O O     . LEU A 1 102 ? -16.953 10.396  -2.823  1.00 18.55 ? 96  LEU A O     1 
ATOM   647  C CB    . LEU A 1 102 ? -16.638 9.877   -6.100  1.00 16.21 ? 96  LEU A CB    1 
ATOM   648  C CG    . LEU A 1 102 ? -18.162 9.810   -5.935  1.00 23.72 ? 96  LEU A CG    1 
ATOM   649  C CD1   . LEU A 1 102 ? -18.760 11.212  -5.800  1.00 18.54 ? 96  LEU A CD1   1 
ATOM   650  C CD2   . LEU A 1 102 ? -18.798 9.068   -7.105  1.00 18.93 ? 96  LEU A CD2   1 
ATOM   651  N N     . HIS A 1 103 ? -15.567 8.723   -3.393  1.00 13.99 ? 97  HIS A N     1 
ATOM   652  C CA    . HIS A 1 103 ? -15.848 7.995   -2.175  1.00 14.20 ? 97  HIS A CA    1 
ATOM   653  C C     . HIS A 1 103 ? -15.389 8.765   -0.931  1.00 15.05 ? 97  HIS A C     1 
ATOM   654  O O     . HIS A 1 103 ? -16.077 8.753   0.081   1.00 16.57 ? 97  HIS A O     1 
ATOM   655  C CB    . HIS A 1 103 ? -15.237 6.590   -2.197  1.00 19.93 ? 97  HIS A CB    1 
ATOM   656  C CG    . HIS A 1 103 ? -15.742 5.720   -1.093  1.00 20.46 ? 97  HIS A CG    1 
ATOM   657  N ND1   . HIS A 1 103 ? -15.164 5.699   0.160   1.00 20.18 ? 97  HIS A ND1   1 
ATOM   658  C CD2   . HIS A 1 103 ? -16.814 4.892   -1.025  1.00 22.79 ? 97  HIS A CD2   1 
ATOM   659  C CE1   . HIS A 1 103 ? -15.835 4.872   0.939   1.00 25.20 ? 97  HIS A CE1   1 
ATOM   660  N NE2   . HIS A 1 103 ? -16.845 4.370   0.244   1.00 26.23 ? 97  HIS A NE2   1 
ATOM   661  N N     . ALA A 1 104 ? -14.237 9.432   -1.018  1.00 12.76 ? 98  ALA A N     1 
ATOM   662  C CA    . ALA A 1 104 ? -13.752 10.284  0.072   1.00 15.80 ? 98  ALA A CA    1 
ATOM   663  C C     . ALA A 1 104 ? -14.735 11.425  0.357   1.00 18.16 ? 98  ALA A C     1 
ATOM   664  O O     . ALA A 1 104 ? -14.994 11.743  1.519   1.00 18.10 ? 98  ALA A O     1 
ATOM   665  C CB    . ALA A 1 104 ? -12.351 10.845  -0.250  1.00 12.74 ? 98  ALA A CB    1 
ATOM   666  N N     . LEU A 1 105 ? -15.256 12.049  -0.702  1.00 18.12 ? 99  LEU A N     1 
ATOM   667  C CA    . LEU A 1 105 ? -16.250 13.124  -0.563  1.00 15.12 ? 99  LEU A CA    1 
ATOM   668  C C     . LEU A 1 105 ? -17.498 12.588  0.137   1.00 12.72 ? 99  LEU A C     1 
ATOM   669  O O     . LEU A 1 105 ? -17.998 13.193  1.083   1.00 16.65 ? 99  LEU A O     1 
ATOM   670  C CB    . LEU A 1 105 ? -16.647 13.663  -1.942  1.00 20.75 ? 99  LEU A CB    1 
ATOM   671  C CG    . LEU A 1 105 ? -17.018 15.138  -2.153  1.00 24.40 ? 99  LEU A CG    1 
ATOM   672  C CD1   . LEU A 1 105 ? -18.052 15.286  -3.254  1.00 16.57 ? 99  LEU A CD1   1 
ATOM   673  C CD2   . LEU A 1 105 ? -17.426 15.897  -0.888  1.00 18.05 ? 99  LEU A CD2   1 
ATOM   674  N N     . GLU A 1 106 ? -18.006 11.462  -0.346  1.00 15.14 ? 100 GLU A N     1 
ATOM   675  C CA    . GLU A 1 106 ? -19.171 10.820  0.268   1.00 24.08 ? 100 GLU A CA    1 
ATOM   676  C C     . GLU A 1 106 ? -18.976 10.525  1.746   1.00 19.30 ? 100 GLU A C     1 
ATOM   677  O O     . GLU A 1 106 ? -19.920 10.649  2.521   1.00 20.28 ? 100 GLU A O     1 
ATOM   678  C CB    . GLU A 1 106 ? -19.500 9.508   -0.437  1.00 15.58 ? 100 GLU A CB    1 
ATOM   679  C CG    . GLU A 1 106 ? -20.107 9.652   -1.816  1.00 23.70 ? 100 GLU A CG    1 
ATOM   680  C CD    . GLU A 1 106 ? -20.392 8.297   -2.443  1.00 25.48 ? 100 GLU A CD    1 
ATOM   681  O OE1   . GLU A 1 106 ? -19.488 7.746   -3.114  1.00 31.16 ? 100 GLU A OE1   1 
ATOM   682  O OE2   . GLU A 1 106 ? -21.507 7.770   -2.250  1.00 30.87 ? 100 GLU A OE2   1 
ATOM   683  N N     . SER A 1 107 ? -17.762 10.104  2.125   1.00 16.38 ? 101 SER A N     1 
ATOM   684  C CA    . SER A 1 107 ? -17.427 9.822   3.520   1.00 16.18 ? 101 SER A CA    1 
ATOM   685  C C     . SER A 1 107 ? -17.159 11.066  4.339   1.00 22.06 ? 101 SER A C     1 
ATOM   686  O O     . SER A 1 107 ? -17.107 10.987  5.567   1.00 23.80 ? 101 SER A O     1 
ATOM   687  C CB    . SER A 1 107 ? -16.183 8.934   3.616   1.00 16.64 ? 101 SER A CB    1 
ATOM   688  O OG    . SER A 1 107 ? -16.368 7.720   2.923   1.00 20.17 ? 101 SER A OG    1 
ATOM   689  N N     . GLY A 1 108 ? -16.941 12.204  3.681   1.00 16.21 ? 102 GLY A N     1 
ATOM   690  C CA    . GLY A 1 108 ? -16.580 13.423  4.398   1.00 20.41 ? 102 GLY A CA    1 
ATOM   691  C C     . GLY A 1 108 ? -15.140 13.415  4.903   1.00 21.57 ? 102 GLY A C     1 
ATOM   692  O O     . GLY A 1 108 ? -14.801 14.095  5.880   1.00 20.41 ? 102 GLY A O     1 
ATOM   693  N N     . ILE A 1 109 ? -14.287 12.648  4.232   1.00 20.43 ? 103 ILE A N     1 
ATOM   694  C CA    . ILE A 1 109 ? -12.883 12.514  4.613   1.00 20.63 ? 103 ILE A CA    1 
ATOM   695  C C     . ILE A 1 109 ? -11.965 13.211  3.591   1.00 21.17 ? 103 ILE A C     1 
ATOM   696  O O     . ILE A 1 109 ? -12.089 13.003  2.380   1.00 18.74 ? 103 ILE A O     1 
ATOM   697  C CB    . ILE A 1 109 ? -12.481 11.025  4.690   1.00 23.65 ? 103 ILE A CB    1 
ATOM   698  C CG1   . ILE A 1 109 ? -13.451 10.226  5.577   1.00 25.39 ? 103 ILE A CG1   1 
ATOM   699  C CG2   . ILE A 1 109 ? -11.048 10.879  5.185   1.00 25.74 ? 103 ILE A CG2   1 
ATOM   700  C CD1   . ILE A 1 109 ? -13.237 10.420  7.071   1.00 32.66 ? 103 ILE A CD1   1 
ATOM   701  N N     . GLN A 1 110 ? -11.032 14.019  4.075   1.00 13.41 ? 104 GLN A N     1 
ATOM   702  C CA    . GLN A 1 110 ? -10.104 14.734  3.198   1.00 16.42 ? 104 GLN A CA    1 
ATOM   703  C C     . GLN A 1 110 ? -8.895  13.867  2.796   1.00 25.38 ? 104 GLN A C     1 
ATOM   704  O O     . GLN A 1 110 ? -8.115  13.436  3.656   1.00 23.21 ? 104 GLN A O     1 
ATOM   705  C CB    . GLN A 1 110 ? -9.617  16.012  3.880   1.00 19.57 ? 104 GLN A CB    1 
ATOM   706  C CG    . GLN A 1 110 ? -8.604  16.791  3.038   1.00 25.03 ? 104 GLN A CG    1 
ATOM   707  C CD    . GLN A 1 110 ? -9.153  17.153  1.667   1.00 29.08 ? 104 GLN A CD    1 
ATOM   708  N N     . VAL A 1 111 ? -8.767  13.592  1.497   1.00 21.96 ? 105 VAL A N     1 
ATOM   709  C CA    . VAL A 1 111 ? -7.612  12.881  0.927   1.00 19.45 ? 105 VAL A CA    1 
ATOM   710  C C     . VAL A 1 111 ? -7.176  13.552  -0.374  1.00 21.24 ? 105 VAL A C     1 
ATOM   711  O O     . VAL A 1 111 ? -8.013  13.985  -1.170  1.00 20.00 ? 105 VAL A O     1 
ATOM   712  C CB    . VAL A 1 111 ? -7.925  11.398  0.605   1.00 20.19 ? 105 VAL A CB    1 
ATOM   713  C CG1   . VAL A 1 111 ? -6.648  10.650  0.223   1.00 19.19 ? 105 VAL A CG1   1 
ATOM   714  C CG2   . VAL A 1 111 ? -8.629  10.697  1.770   1.00 19.19 ? 105 VAL A CG2   1 
ATOM   715  N N     . ASP A 1 112 ? -5.868  13.650  -0.588  1.00 14.47 ? 106 ASP A N     1 
ATOM   716  C CA    . ASP A 1 112 ? -5.337  14.200  -1.832  1.00 18.52 ? 106 ASP A CA    1 
ATOM   717  C C     . ASP A 1 112 ? -4.985  13.040  -2.761  1.00 19.82 ? 106 ASP A C     1 
ATOM   718  O O     . ASP A 1 112 ? -4.118  12.229  -2.441  1.00 22.81 ? 106 ASP A O     1 
ATOM   719  C CB    . ASP A 1 112 ? -4.086  15.026  -1.537  1.00 17.60 ? 106 ASP A CB    1 
ATOM   720  C CG    . ASP A 1 112 ? -3.482  15.651  -2.780  1.00 31.86 ? 106 ASP A CG    1 
ATOM   721  O OD1   . ASP A 1 112 ? -4.222  15.880  -3.763  1.00 41.38 ? 106 ASP A OD1   1 
ATOM   722  O OD2   . ASP A 1 112 ? -2.261  15.918  -2.769  1.00 42.58 ? 106 ASP A OD2   1 
ATOM   723  N N     . TYR A 1 113 ? -5.661  12.947  -3.900  1.00 16.27 ? 107 TYR A N     1 
ATOM   724  C CA    . TYR A 1 113 ? -5.377  11.882  -4.856  1.00 15.08 ? 107 TYR A CA    1 
ATOM   725  C C     . TYR A 1 113 ? -4.683  12.438  -6.094  1.00 21.79 ? 107 TYR A C     1 
ATOM   726  O O     . TYR A 1 113 ? -5.179  13.380  -6.705  1.00 19.68 ? 107 TYR A O     1 
ATOM   727  C CB    . TYR A 1 113 ? -6.668  11.165  -5.241  1.00 17.67 ? 107 TYR A CB    1 
ATOM   728  C CG    . TYR A 1 113 ? -7.209  10.289  -4.131  1.00 18.00 ? 107 TYR A CG    1 
ATOM   729  C CD1   . TYR A 1 113 ? -6.523  9.148   -3.732  1.00 16.04 ? 107 TYR A CD1   1 
ATOM   730  C CD2   . TYR A 1 113 ? -8.396  10.601  -3.478  1.00 18.28 ? 107 TYR A CD2   1 
ATOM   731  C CE1   . TYR A 1 113 ? -6.999  8.338   -2.705  1.00 19.51 ? 107 TYR A CE1   1 
ATOM   732  C CE2   . TYR A 1 113 ? -8.890  9.790   -2.444  1.00 17.02 ? 107 TYR A CE2   1 
ATOM   733  C CZ    . TYR A 1 113 ? -8.184  8.656   -2.071  1.00 15.70 ? 107 TYR A CZ    1 
ATOM   734  O OH    . TYR A 1 113 ? -8.642  7.829   -1.055  1.00 15.52 ? 107 TYR A OH    1 
ATOM   735  N N     . VAL A 1 114 ? -3.544  11.850  -6.462  1.00 19.04 ? 108 VAL A N     1 
ATOM   736  C CA    . VAL A 1 114 ? -2.768  12.306  -7.623  1.00 19.41 ? 108 VAL A CA    1 
ATOM   737  C C     . VAL A 1 114 ? -2.497  11.177  -8.624  1.00 22.03 ? 108 VAL A C     1 
ATOM   738  O O     . VAL A 1 114 ? -2.256  10.028  -8.242  1.00 17.75 ? 108 VAL A O     1 
ATOM   739  C CB    . VAL A 1 114 ? -1.439  13.019  -7.211  1.00 19.10 ? 108 VAL A CB    1 
ATOM   740  C CG1   . VAL A 1 114 ? -1.733  14.204  -6.298  1.00 29.64 ? 108 VAL A CG1   1 
ATOM   741  C CG2   . VAL A 1 114 ? -0.499  12.079  -6.496  1.00 22.71 ? 108 VAL A CG2   1 
ATOM   742  N N     . GLN A 1 115 ? -2.557  11.505  -9.910  1.00 15.62 ? 109 GLN A N     1 
ATOM   743  C CA    . GLN A 1 115 ? -2.214  10.544  -10.950 1.00 17.51 ? 109 GLN A CA    1 
ATOM   744  C C     . GLN A 1 115 ? -0.791  10.776  -11.455 1.00 20.87 ? 109 GLN A C     1 
ATOM   745  O O     . GLN A 1 115 ? -0.549  11.667  -12.268 1.00 17.74 ? 109 GLN A O     1 
ATOM   746  C CB    . GLN A 1 115 ? -3.216  10.625  -12.112 1.00 19.79 ? 109 GLN A CB    1 
ATOM   747  C CG    . GLN A 1 115 ? -3.084  9.458   -13.116 1.00 22.63 ? 109 GLN A CG    1 
ATOM   748  C CD    . GLN A 1 115 ? -3.964  9.616   -14.340 1.00 26.67 ? 109 GLN A CD    1 
ATOM   749  O OE1   . GLN A 1 115 ? -4.542  10.680  -14.573 1.00 25.22 ? 109 GLN A OE1   1 
ATOM   750  N NE2   . GLN A 1 115 ? -4.063  8.553   -15.137 1.00 24.27 ? 109 GLN A NE2   1 
ATOM   751  N N     . GLU A 1 116 ? 0.158   9.992   -10.955 1.00 20.00 ? 110 GLU A N     1 
ATOM   752  C CA    . GLU A 1 116 ? 1.518   10.011  -11.493 1.00 20.26 ? 110 GLU A CA    1 
ATOM   753  C C     . GLU A 1 116 ? 2.297   8.785   -11.025 1.00 21.51 ? 110 GLU A C     1 
ATOM   754  O O     . GLU A 1 116 ? 1.781   7.956   -10.274 1.00 18.62 ? 110 GLU A O     1 
ATOM   755  C CB    . GLU A 1 116 ? 2.258   11.306  -11.139 1.00 27.42 ? 110 GLU A CB    1 
ATOM   756  C CG    . GLU A 1 116 ? 2.627   11.454  -9.681  1.00 27.39 ? 110 GLU A CG    1 
ATOM   757  C CD    . GLU A 1 116 ? 3.225   12.819  -9.378  1.00 36.72 ? 110 GLU A CD    1 
ATOM   758  O OE1   . GLU A 1 116 ? 3.756   13.458  -10.314 1.00 37.84 ? 110 GLU A OE1   1 
ATOM   759  O OE2   . GLU A 1 116 ? 3.156   13.257  -8.206  1.00 33.50 ? 110 GLU A OE2   1 
ATOM   760  N N     . THR A 1 117 ? 3.530   8.644   -11.485 1.00 17.16 ? 111 THR A N     1 
ATOM   761  C CA    . THR A 1 117 ? 4.313   7.496   -11.062 1.00 17.00 ? 111 THR A CA    1 
ATOM   762  C C     . THR A 1 117 ? 5.003   7.826   -9.750  1.00 18.19 ? 111 THR A C     1 
ATOM   763  O O     . THR A 1 117 ? 5.195   8.995   -9.426  1.00 17.13 ? 111 THR A O     1 
ATOM   764  C CB    . THR A 1 117 ? 5.350   7.098   -12.109 1.00 22.89 ? 111 THR A CB    1 
ATOM   765  O OG1   . THR A 1 117 ? 6.234   8.200   -12.348 1.00 17.41 ? 111 THR A OG1   1 
ATOM   766  C CG2   . THR A 1 117 ? 4.664   6.697   -13.411 1.00 27.09 ? 111 THR A CG2   1 
ATOM   767  N N     . VAL A 1 118 ? 5.366   6.796   -8.993  1.00 18.33 ? 112 VAL A N     1 
ATOM   768  C CA    . VAL A 1 118 ? 6.070   7.004   -7.731  1.00 20.37 ? 112 VAL A CA    1 
ATOM   769  C C     . VAL A 1 118 ? 7.452   7.633   -7.973  1.00 18.28 ? 112 VAL A C     1 
ATOM   770  O O     . VAL A 1 118 ? 7.930   8.415   -7.155  1.00 16.05 ? 112 VAL A O     1 
ATOM   771  C CB    . VAL A 1 118 ? 6.133   5.699   -6.901  1.00 19.98 ? 112 VAL A CB    1 
ATOM   772  C CG1   . VAL A 1 118 ? 7.017   4.655   -7.585  1.00 17.60 ? 112 VAL A CG1   1 
ATOM   773  C CG2   . VAL A 1 118 ? 6.600   5.982   -5.491  1.00 20.77 ? 112 VAL A CG2   1 
ATOM   774  N N     . GLU A 1 119 ? 8.071   7.322   -9.112  1.00 18.96 ? 113 GLU A N     1 
ATOM   775  C CA    . GLU A 1 119 ? 9.359   7.918   -9.482  1.00 20.68 ? 113 GLU A CA    1 
ATOM   776  C C     . GLU A 1 119 ? 9.270   9.422   -9.754  1.00 19.30 ? 113 GLU A C     1 
ATOM   777  O O     . GLU A 1 119 ? 10.186  10.176  -9.418  1.00 15.94 ? 113 GLU A O     1 
ATOM   778  C CB    . GLU A 1 119 ? 9.960   7.206   -10.697 1.00 22.93 ? 113 GLU A CB    1 
ATOM   779  C CG    . GLU A 1 119 ? 10.449  5.790   -10.418 1.00 26.90 ? 113 GLU A CG    1 
ATOM   780  C CD    . GLU A 1 119 ? 9.384   4.728   -10.636 1.00 27.09 ? 113 GLU A CD    1 
ATOM   781  O OE1   . GLU A 1 119 ? 8.226   5.082   -10.968 1.00 23.53 ? 113 GLU A OE1   1 
ATOM   782  O OE2   . GLU A 1 119 ? 9.709   3.525   -10.487 1.00 24.57 ? 113 GLU A OE2   1 
ATOM   783  N N     . GLU A 1 120 ? 8.175   9.869   -10.363 1.00 20.03 ? 114 GLU A N     1 
ATOM   784  C CA    . GLU A 1 120 ? 7.998   11.307  -10.576 1.00 19.33 ? 114 GLU A CA    1 
ATOM   785  C C     . GLU A 1 120 ? 7.708   11.998  -9.257  1.00 17.07 ? 114 GLU A C     1 
ATOM   786  O O     . GLU A 1 120 ? 8.220   13.080  -8.993  1.00 15.75 ? 114 GLU A O     1 
ATOM   787  C CB    . GLU A 1 120 ? 6.863   11.590  -11.563 1.00 23.22 ? 114 GLU A CB    1 
ATOM   788  N N     . HIS A 1 121 ? 6.882   11.366  -8.424  1.00 16.87 ? 115 HIS A N     1 
ATOM   789  C CA    . HIS A 1 121 ? 6.538   11.931  -7.126  1.00 15.71 ? 115 HIS A CA    1 
ATOM   790  C C     . HIS A 1 121 ? 7.773   12.057  -6.222  1.00 20.41 ? 115 HIS A C     1 
ATOM   791  O O     . HIS A 1 121 ? 7.934   13.050  -5.504  1.00 15.17 ? 115 HIS A O     1 
ATOM   792  C CB    . HIS A 1 121 ? 5.451   11.087  -6.451  1.00 15.62 ? 115 HIS A CB    1 
ATOM   793  C CG    . HIS A 1 121 ? 4.680   11.833  -5.407  1.00 17.41 ? 115 HIS A CG    1 
ATOM   794  N ND1   . HIS A 1 121 ? 3.723   12.770  -5.722  1.00 18.55 ? 115 HIS A ND1   1 
ATOM   795  C CD2   . HIS A 1 121 ? 4.750   11.798  -4.054  1.00 18.41 ? 115 HIS A CD2   1 
ATOM   796  C CE1   . HIS A 1 121 ? 3.224   13.277  -4.606  1.00 20.06 ? 115 HIS A CE1   1 
ATOM   797  N NE2   . HIS A 1 121 ? 3.830   12.707  -3.582  1.00 21.22 ? 115 HIS A NE2   1 
ATOM   798  N N     . ALA A 1 122 ? 8.645   11.051  -6.277  1.00 11.93 ? 116 ALA A N     1 
ATOM   799  C CA    . ALA A 1 122 ? 9.860   11.021  -5.470  1.00 11.20 ? 116 ALA A CA    1 
ATOM   800  C C     . ALA A 1 122 ? 10.829  12.130  -5.858  1.00 16.14 ? 116 ALA A C     1 
ATOM   801  O O     . ALA A 1 122 ? 11.499  12.714  -5.000  1.00 14.64 ? 116 ALA A O     1 
ATOM   802  C CB    . ALA A 1 122 ? 10.554  9.646   -5.602  1.00 16.47 ? 116 ALA A CB    1 
ATOM   803  N N     . ALA A 1 123 ? 10.907  12.424  -7.151  1.00 14.53 ? 117 ALA A N     1 
ATOM   804  C CA    . ALA A 1 123 ? 11.847  13.439  -7.618  1.00 14.44 ? 117 ALA A CA    1 
ATOM   805  C C     . ALA A 1 123 ? 11.392  14.831  -7.188  1.00 18.76 ? 117 ALA A C     1 
ATOM   806  O O     . ALA A 1 123 ? 12.203  15.748  -7.054  1.00 23.17 ? 117 ALA A O     1 
ATOM   807  C CB    . ALA A 1 123 ? 11.994  13.366  -9.123  1.00 16.14 ? 117 ALA A CB    1 
ATOM   808  N N     . LYS A 1 124 ? 10.092  14.977  -6.955  1.00 17.93 ? 118 LYS A N     1 
ATOM   809  C CA    . LYS A 1 124 ? 9.516   16.273  -6.599  1.00 18.33 ? 118 LYS A CA    1 
ATOM   810  C C     . LYS A 1 124 ? 9.223   16.414  -5.107  1.00 20.72 ? 118 LYS A C     1 
ATOM   811  O O     . LYS A 1 124 ? 9.065   17.534  -4.602  1.00 25.90 ? 118 LYS A O     1 
ATOM   812  C CB    . LYS A 1 124 ? 8.240   16.535  -7.436  1.00 20.21 ? 118 LYS A CB    1 
ATOM   813  N N     . HIS A 1 125 ? 9.158   15.289  -4.395  1.00 20.06 ? 119 HIS A N     1 
ATOM   814  C CA    . HIS A 1 125 ? 8.753   15.316  -2.996  1.00 18.22 ? 119 HIS A CA    1 
ATOM   815  C C     . HIS A 1 125 ? 9.671   14.515  -2.087  1.00 16.99 ? 119 HIS A C     1 
ATOM   816  O O     . HIS A 1 125 ? 9.213   13.908  -1.134  1.00 16.54 ? 119 HIS A O     1 
ATOM   817  C CB    . HIS A 1 125 ? 7.306   14.826  -2.863  1.00 17.78 ? 119 HIS A CB    1 
ATOM   818  C CG    . HIS A 1 125 ? 6.336   15.638  -3.666  1.00 17.88 ? 119 HIS A CG    1 
ATOM   819  N ND1   . HIS A 1 125 ? 5.931   16.900  -3.286  1.00 21.55 ? 119 HIS A ND1   1 
ATOM   820  C CD2   . HIS A 1 125 ? 5.733   15.393  -4.855  1.00 17.65 ? 119 HIS A CD2   1 
ATOM   821  C CE1   . HIS A 1 125 ? 5.099   17.388  -4.191  1.00 19.39 ? 119 HIS A CE1   1 
ATOM   822  N NE2   . HIS A 1 125 ? 4.961   16.492  -5.155  1.00 20.15 ? 119 HIS A NE2   1 
ATOM   823  N N     . ALA A 1 126 ? 10.968  14.543  -2.366  1.00 16.45 ? 120 ALA A N     1 
ATOM   824  C CA    . ALA A 1 126 ? 11.911  13.729  -1.607  1.00 19.65 ? 120 ALA A CA    1 
ATOM   825  C C     . ALA A 1 126 ? 11.885  14.081  -0.123  1.00 21.76 ? 120 ALA A C     1 
ATOM   826  O O     . ALA A 1 126 ? 11.908  15.261  0.241   1.00 17.60 ? 120 ALA A O     1 
ATOM   827  C CB    . ALA A 1 126 ? 13.334  13.853  -2.186  1.00 18.92 ? 120 ALA A CB    1 
ATOM   828  N N     . GLY A 1 127 ? 11.776  13.051  0.718   1.00 15.38 ? 121 GLY A N     1 
ATOM   829  C CA    . GLY A 1 127 ? 11.904  13.194  2.162   1.00 19.54 ? 121 GLY A CA    1 
ATOM   830  C C     . GLY A 1 127 ? 10.784  13.946  2.868   1.00 20.28 ? 121 GLY A C     1 
ATOM   831  O O     . GLY A 1 127 ? 10.963  14.417  3.992   1.00 17.29 ? 121 GLY A O     1 
ATOM   832  N N     . GLN A 1 128 ? 9.629   14.055  2.220   1.00 16.84 ? 122 GLN A N     1 
ATOM   833  C CA    . GLN A 1 128 ? 8.508   14.794  2.787   1.00 19.77 ? 122 GLN A CA    1 
ATOM   834  C C     . GLN A 1 128 ? 7.581   13.929  3.644   1.00 19.93 ? 122 GLN A C     1 
ATOM   835  O O     . GLN A 1 128 ? 6.809   14.452  4.437   1.00 17.91 ? 122 GLN A O     1 
ATOM   836  C CB    . GLN A 1 128 ? 7.693   15.457  1.667   1.00 23.83 ? 122 GLN A CB    1 
ATOM   837  C CG    . GLN A 1 128 ? 8.432   16.559  0.901   1.00 23.62 ? 122 GLN A CG    1 
ATOM   838  C CD    . GLN A 1 128 ? 7.548   17.250  -0.136  1.00 34.79 ? 122 GLN A CD    1 
ATOM   839  O OE1   . GLN A 1 128 ? 6.382   16.883  -0.324  1.00 40.20 ? 122 GLN A OE1   1 
ATOM   840  N NE2   . GLN A 1 128 ? 8.102   18.254  -0.818  1.00 32.51 ? 122 GLN A NE2   1 
ATOM   841  N N     . TYR A 1 129 ? 7.622   12.612  3.485   1.00 15.03 ? 123 TYR A N     1 
ATOM   842  C CA    . TYR A 1 129 ? 6.602   11.782  4.143   1.00 13.79 ? 123 TYR A CA    1 
ATOM   843  C C     . TYR A 1 129 ? 7.073   11.095  5.422   1.00 16.89 ? 123 TYR A C     1 
ATOM   844  O O     . TYR A 1 129 ? 8.209   10.648  5.499   1.00 18.51 ? 123 TYR A O     1 
ATOM   845  C CB    . TYR A 1 129 ? 6.015   10.755  3.165   1.00 15.84 ? 123 TYR A CB    1 
ATOM   846  C CG    . TYR A 1 129 ? 5.217   11.398  2.041   1.00 16.93 ? 123 TYR A CG    1 
ATOM   847  C CD1   . TYR A 1 129 ? 3.870   11.708  2.205   1.00 12.98 ? 123 TYR A CD1   1 
ATOM   848  C CD2   . TYR A 1 129 ? 5.823   11.723  0.831   1.00 16.32 ? 123 TYR A CD2   1 
ATOM   849  C CE1   . TYR A 1 129 ? 3.132   12.308  1.175   1.00 14.45 ? 123 TYR A CE1   1 
ATOM   850  C CE2   . TYR A 1 129 ? 5.099   12.320  -0.204  1.00 18.82 ? 123 TYR A CE2   1 
ATOM   851  C CZ    . TYR A 1 129 ? 3.755   12.613  -0.019  1.00 16.11 ? 123 TYR A CZ    1 
ATOM   852  O OH    . TYR A 1 129 ? 3.045   13.203  -1.040  1.00 20.69 ? 123 TYR A OH    1 
ATOM   853  N N     . ASP A 1 130 ? 6.185   11.007  6.412   1.00 14.08 ? 124 ASP A N     1 
ATOM   854  C CA    . ASP A 1 130 ? 6.462   10.243  7.625   1.00 20.00 ? 124 ASP A CA    1 
ATOM   855  C C     . ASP A 1 130 ? 6.293   8.749   7.385   1.00 16.46 ? 124 ASP A C     1 
ATOM   856  O O     . ASP A 1 130 ? 6.995   7.925   7.987   1.00 16.93 ? 124 ASP A O     1 
ATOM   857  C CB    . ASP A 1 130 ? 5.514   10.652  8.742   1.00 16.51 ? 124 ASP A CB    1 
ATOM   858  C CG    . ASP A 1 130 ? 5.709   12.079  9.166   1.00 26.08 ? 124 ASP A CG    1 
ATOM   859  O OD1   . ASP A 1 130 ? 6.714   12.361  9.858   1.00 22.92 ? 124 ASP A OD1   1 
ATOM   860  O OD2   . ASP A 1 130 ? 4.854   12.913  8.798   1.00 20.43 ? 124 ASP A OD2   1 
ATOM   861  N N     . VAL A 1 131 ? 5.349   8.411   6.509   1.00 15.06 ? 125 VAL A N     1 
ATOM   862  C CA    . VAL A 1 131 ? 5.009   7.033   6.217   1.00 12.35 ? 125 VAL A CA    1 
ATOM   863  C C     . VAL A 1 131 ? 4.694   6.870   4.740   1.00 11.09 ? 125 VAL A C     1 
ATOM   864  O O     . VAL A 1 131 ? 3.982   7.688   4.154   1.00 11.67 ? 125 VAL A O     1 
ATOM   865  C CB    . VAL A 1 131 ? 3.748   6.577   7.000   1.00 15.21 ? 125 VAL A CB    1 
ATOM   866  C CG1   . VAL A 1 131 ? 3.341   5.167   6.575   1.00 13.19 ? 125 VAL A CG1   1 
ATOM   867  C CG2   . VAL A 1 131 ? 3.982   6.652   8.502   1.00 12.91 ? 125 VAL A CG2   1 
ATOM   868  N N     . VAL A 1 132 ? 5.231   5.809   4.142   1.00 10.95 ? 126 VAL A N     1 
ATOM   869  C CA    . VAL A 1 132 ? 4.855   5.409   2.784   1.00 11.26 ? 126 VAL A CA    1 
ATOM   870  C C     . VAL A 1 132 ? 4.330   3.983   2.855   1.00 15.84 ? 126 VAL A C     1 
ATOM   871  O O     . VAL A 1 132 ? 4.993   3.102   3.407   1.00 12.41 ? 126 VAL A O     1 
ATOM   872  C CB    . VAL A 1 132 ? 6.055   5.435   1.847   1.00 11.82 ? 126 VAL A CB    1 
ATOM   873  C CG1   . VAL A 1 132 ? 5.660   4.935   0.426   1.00 14.34 ? 126 VAL A CG1   1 
ATOM   874  C CG2   . VAL A 1 132 ? 6.620   6.836   1.776   1.00 12.04 ? 126 VAL A CG2   1 
ATOM   875  N N     . THR A 1 133 ? 3.141   3.752   2.304   1.00 15.23 ? 127 THR A N     1 
ATOM   876  C CA    . THR A 1 133 ? 2.573   2.407   2.270   1.00 15.03 ? 127 THR A CA    1 
ATOM   877  C C     . THR A 1 133 ? 2.492   1.970   0.827   1.00 18.77 ? 127 THR A C     1 
ATOM   878  O O     . THR A 1 133 ? 2.060   2.741   -0.034  1.00 17.21 ? 127 THR A O     1 
ATOM   879  C CB    . THR A 1 133 ? 1.161   2.334   2.917   1.00 18.67 ? 127 THR A CB    1 
ATOM   880  O OG1   . THR A 1 133 ? 0.259   3.219   2.225   1.00 23.78 ? 127 THR A OG1   1 
ATOM   881  C CG2   . THR A 1 133 ? 1.220   2.722   4.376   1.00 14.66 ? 127 THR A CG2   1 
ATOM   882  N N     . CYS A 1 134 ? 2.914   0.733   0.568   1.00 17.15 ? 128 CYS A N     1 
ATOM   883  C CA    . CYS A 1 134 ? 2.957   0.195   -0.784  1.00 20.56 ? 128 CYS A CA    1 
ATOM   884  C C     . CYS A 1 134 ? 2.390   -1.224  -0.764  1.00 20.93 ? 128 CYS A C     1 
ATOM   885  O O     . CYS A 1 134 ? 3.135   -2.193  -0.605  1.00 16.49 ? 128 CYS A O     1 
ATOM   886  C CB    . CYS A 1 134 ? 4.406   0.188   -1.286  1.00 19.85 ? 128 CYS A CB    1 
ATOM   887  S SG    . CYS A 1 134 ? 4.594   -0.421  -2.968  1.00 27.79 ? 128 CYS A SG    1 
ATOM   888  N N     . MET A 1 135 ? 1.070   -1.336  -0.925  1.00 15.55 ? 129 MET A N     1 
ATOM   889  C CA    . MET A 1 135 ? 0.351   -2.585  -0.679  1.00 19.94 ? 129 MET A CA    1 
ATOM   890  C C     . MET A 1 135 ? -0.189  -3.179  -1.972  1.00 22.08 ? 129 MET A C     1 
ATOM   891  O O     . MET A 1 135 ? -0.901  -2.497  -2.713  1.00 17.45 ? 129 MET A O     1 
ATOM   892  C CB    . MET A 1 135 ? -0.866  -2.338  0.226   1.00 20.06 ? 129 MET A CB    1 
ATOM   893  C CG    . MET A 1 135 ? -0.686  -1.367  1.375   1.00 20.72 ? 129 MET A CG    1 
ATOM   894  S SD    . MET A 1 135 ? -0.005  -2.162  2.851   1.00 36.05 ? 129 MET A SD    1 
ATOM   895  C CE    . MET A 1 135 ? 1.681   -1.697  2.638   1.00 18.13 ? 129 MET A CE    1 
ATOM   896  N N     . GLU A 1 136 ? 0.117   -4.453  -2.221  1.00 17.16 ? 130 GLU A N     1 
ATOM   897  C CA    . GLU A 1 136 ? -0.477  -5.194  -3.345  1.00 21.87 ? 130 GLU A CA    1 
ATOM   898  C C     . GLU A 1 136 ? -0.189  -4.506  -4.661  1.00 23.35 ? 130 GLU A C     1 
ATOM   899  O O     . GLU A 1 136 ? -1.001  -4.556  -5.582  1.00 30.88 ? 130 GLU A O     1 
ATOM   900  C CB    . GLU A 1 136 ? -2.004  -5.305  -3.214  1.00 23.14 ? 130 GLU A CB    1 
ATOM   901  C CG    . GLU A 1 136 ? -2.542  -5.601  -1.825  1.00 28.36 ? 130 GLU A CG    1 
ATOM   902  C CD    . GLU A 1 136 ? -2.157  -6.983  -1.326  1.00 34.03 ? 130 GLU A CD    1 
ATOM   903  O OE1   . GLU A 1 136 ? -1.965  -7.900  -2.158  1.00 33.45 ? 130 GLU A OE1   1 
ATOM   904  O OE2   . GLU A 1 136 ? -2.036  -7.144  -0.092  1.00 32.58 ? 130 GLU A OE2   1 
ATOM   905  N N     . MET A 1 137 ? 0.970   -3.876  -4.756  1.00 17.14 ? 131 MET A N     1 
ATOM   906  C CA    . MET A 1 137 ? 1.253   -2.976  -5.859  1.00 22.95 ? 131 MET A CA    1 
ATOM   907  C C     . MET A 1 137 ? 2.471   -3.432  -6.669  1.00 24.57 ? 131 MET A C     1 
ATOM   908  O O     . MET A 1 137 ? 2.448   -3.436  -7.908  1.00 20.71 ? 131 MET A O     1 
ATOM   909  C CB    . MET A 1 137 ? 1.445   -1.569  -5.291  1.00 25.20 ? 131 MET A CB    1 
ATOM   910  C CG    . MET A 1 137 ? 1.708   -0.499  -6.307  1.00 25.78 ? 131 MET A CG    1 
ATOM   911  S SD    . MET A 1 137 ? 3.468   -0.217  -6.483  1.00 33.72 ? 131 MET A SD    1 
ATOM   912  C CE    . MET A 1 137 ? 3.424   1.061   -7.742  1.00 34.28 ? 131 MET A CE    1 
ATOM   913  N N     . LEU A 1 138 ? 3.512   -3.861  -5.958  1.00 17.81 ? 132 LEU A N     1 
ATOM   914  C CA    . LEU A 1 138 ? 4.805   -4.209  -6.558  1.00 17.44 ? 132 LEU A CA    1 
ATOM   915  C C     . LEU A 1 138 ? 4.724   -5.283  -7.638  1.00 16.65 ? 132 LEU A C     1 
ATOM   916  O O     . LEU A 1 138 ? 5.494   -5.269  -8.604  1.00 16.73 ? 132 LEU A O     1 
ATOM   917  C CB    . LEU A 1 138 ? 5.777   -4.684  -5.473  1.00 20.77 ? 132 LEU A CB    1 
ATOM   918  C CG    . LEU A 1 138 ? 6.490   -3.629  -4.643  1.00 18.16 ? 132 LEU A CG    1 
ATOM   919  C CD1   . LEU A 1 138 ? 7.425   -4.302  -3.643  1.00 20.00 ? 132 LEU A CD1   1 
ATOM   920  C CD2   . LEU A 1 138 ? 7.273   -2.693  -5.576  1.00 19.52 ? 132 LEU A CD2   1 
ATOM   921  N N     . GLU A 1 139 ? 3.800   -6.220  -7.471  1.00 15.28 ? 133 GLU A N     1 
ATOM   922  C CA    . GLU A 1 139 ? 3.670   -7.333  -8.415  1.00 21.96 ? 133 GLU A CA    1 
ATOM   923  C C     . GLU A 1 139 ? 3.097   -6.888  -9.765  1.00 24.13 ? 133 GLU A C     1 
ATOM   924  O O     . GLU A 1 139 ? 3.095   -7.653  -10.735 1.00 22.29 ? 133 GLU A O     1 
ATOM   925  C CB    . GLU A 1 139 ? 2.835   -8.471  -7.801  1.00 28.83 ? 133 GLU A CB    1 
ATOM   926  C CG    . GLU A 1 139 ? 1.465   -8.056  -7.260  1.00 33.42 ? 133 GLU A CG    1 
ATOM   927  C CD    . GLU A 1 139 ? 1.491   -7.683  -5.776  1.00 36.06 ? 133 GLU A CD    1 
ATOM   928  O OE1   . GLU A 1 139 ? 0.541   -8.060  -5.045  1.00 40.11 ? 133 GLU A OE1   1 
ATOM   929  O OE2   . GLU A 1 139 ? 2.452   -7.005  -5.338  1.00 37.30 ? 133 GLU A OE2   1 
ATOM   930  N N     . HIS A 1 140 ? 2.656   -5.633  -9.837  1.00 14.47 ? 134 HIS A N     1 
ATOM   931  C CA    . HIS A 1 140 ? 2.071   -5.097  -11.061 1.00 19.60 ? 134 HIS A CA    1 
ATOM   932  C C     . HIS A 1 140 ? 3.015   -4.150  -11.799 1.00 22.14 ? 134 HIS A C     1 
ATOM   933  O O     . HIS A 1 140 ? 2.660   -3.607  -12.847 1.00 24.67 ? 134 HIS A O     1 
ATOM   934  C CB    . HIS A 1 140 ? 0.750   -4.383  -10.763 1.00 17.53 ? 134 HIS A CB    1 
ATOM   935  C CG    . HIS A 1 140 ? -0.288  -5.271  -10.148 1.00 21.21 ? 134 HIS A CG    1 
ATOM   936  N ND1   . HIS A 1 140 ? -0.946  -6.251  -10.862 1.00 21.13 ? 134 HIS A ND1   1 
ATOM   937  C CD2   . HIS A 1 140 ? -0.784  -5.328  -8.889  1.00 19.16 ? 134 HIS A CD2   1 
ATOM   938  C CE1   . HIS A 1 140 ? -1.798  -6.875  -10.069 1.00 24.09 ? 134 HIS A CE1   1 
ATOM   939  N NE2   . HIS A 1 140 ? -1.718  -6.335  -8.863  1.00 25.17 ? 134 HIS A NE2   1 
ATOM   940  N N     . VAL A 1 141 ? 4.210   -3.942  -11.260 1.00 18.54 ? 135 VAL A N     1 
ATOM   941  C CA    . VAL A 1 141 ? 5.142   -3.020  -11.897 1.00 18.45 ? 135 VAL A CA    1 
ATOM   942  C C     . VAL A 1 141 ? 6.253   -3.748  -12.655 1.00 23.17 ? 135 VAL A C     1 
ATOM   943  O O     . VAL A 1 141 ? 6.724   -4.800  -12.224 1.00 23.50 ? 135 VAL A O     1 
ATOM   944  C CB    . VAL A 1 141 ? 5.753   -2.026  -10.884 1.00 26.18 ? 135 VAL A CB    1 
ATOM   945  C CG1   . VAL A 1 141 ? 4.660   -1.325  -10.087 1.00 23.33 ? 135 VAL A CG1   1 
ATOM   946  C CG2   . VAL A 1 141 ? 6.660   -2.742  -9.958  1.00 24.55 ? 135 VAL A CG2   1 
ATOM   947  N N     . PRO A 1 142 ? 6.664   -3.184  -13.801 1.00 21.31 ? 136 PRO A N     1 
ATOM   948  C CA    . PRO A 1 142 ? 7.741   -3.747  -14.621 1.00 28.27 ? 136 PRO A CA    1 
ATOM   949  C C     . PRO A 1 142 ? 9.079   -3.752  -13.883 1.00 25.66 ? 136 PRO A C     1 
ATOM   950  O O     . PRO A 1 142 ? 9.850   -4.676  -14.085 1.00 23.57 ? 136 PRO A O     1 
ATOM   951  C CB    . PRO A 1 142 ? 7.793   -2.797  -15.820 1.00 25.95 ? 136 PRO A CB    1 
ATOM   952  C CG    . PRO A 1 142 ? 6.389   -2.246  -15.916 1.00 29.20 ? 136 PRO A CG    1 
ATOM   953  C CD    . PRO A 1 142 ? 5.964   -2.080  -14.486 1.00 26.87 ? 136 PRO A CD    1 
ATOM   954  N N     . ASP A 1 143 ? 9.337   -2.750  -13.038 1.00 26.45 ? 137 ASP A N     1 
ATOM   955  C CA    . ASP A 1 143 ? 10.615  -2.641  -12.326 1.00 25.20 ? 137 ASP A CA    1 
ATOM   956  C C     . ASP A 1 143 ? 10.362  -2.322  -10.859 1.00 22.53 ? 137 ASP A C     1 
ATOM   957  O O     . ASP A 1 143 ? 10.430  -1.161  -10.451 1.00 21.02 ? 137 ASP A O     1 
ATOM   958  C CB    . ASP A 1 143 ? 11.486  -1.547  -12.962 1.00 22.37 ? 137 ASP A CB    1 
ATOM   959  C CG    . ASP A 1 143 ? 12.844  -1.384  -12.279 1.00 32.79 ? 137 ASP A CG    1 
ATOM   960  O OD1   . ASP A 1 143 ? 13.183  -2.174  -11.366 1.00 31.31 ? 137 ASP A OD1   1 
ATOM   961  O OD2   . ASP A 1 143 ? 13.588  -0.459  -12.678 1.00 29.62 ? 137 ASP A OD2   1 
ATOM   962  N N     . PRO A 1 144 ? 10.056  -3.354  -10.065 1.00 21.07 ? 138 PRO A N     1 
ATOM   963  C CA    . PRO A 1 144 ? 9.728   -3.176  -8.644  1.00 22.91 ? 138 PRO A CA    1 
ATOM   964  C C     . PRO A 1 144 ? 10.872  -2.596  -7.830  1.00 21.34 ? 138 PRO A C     1 
ATOM   965  O O     . PRO A 1 144 ? 10.617  -1.896  -6.853  1.00 19.17 ? 138 PRO A O     1 
ATOM   966  C CB    . PRO A 1 144 ? 9.386   -4.600  -8.176  1.00 21.63 ? 138 PRO A CB    1 
ATOM   967  C CG    . PRO A 1 144 ? 9.985   -5.510  -9.212  1.00 27.88 ? 138 PRO A CG    1 
ATOM   968  C CD    . PRO A 1 144 ? 9.931   -4.755  -10.497 1.00 20.67 ? 138 PRO A CD    1 
ATOM   969  N N     . GLN A 1 145 ? 12.114  -2.863  -8.216  1.00 21.61 ? 139 GLN A N     1 
ATOM   970  C CA    . GLN A 1 145 ? 13.237  -2.325  -7.456  1.00 20.96 ? 139 GLN A CA    1 
ATOM   971  C C     . GLN A 1 145 ? 13.238  -0.795  -7.495  1.00 16.70 ? 139 GLN A C     1 
ATOM   972  O O     . GLN A 1 145 ? 13.550  -0.133  -6.506  1.00 16.60 ? 139 GLN A O     1 
ATOM   973  C CB    . GLN A 1 145 ? 14.552  -2.868  -8.006  1.00 26.17 ? 139 GLN A CB    1 
ATOM   974  C CG    . GLN A 1 145 ? 15.645  -2.998  -6.966  1.00 34.02 ? 139 GLN A CG    1 
ATOM   975  C CD    . GLN A 1 145 ? 16.211  -1.664  -6.535  1.00 41.64 ? 139 GLN A CD    1 
ATOM   976  O OE1   . GLN A 1 145 ? 16.338  -0.743  -7.352  1.00 49.10 ? 139 GLN A OE1   1 
ATOM   977  N NE2   . GLN A 1 145 ? 16.566  -1.548  -5.247  1.00 39.44 ? 139 GLN A NE2   1 
ATOM   978  N N     . SER A 1 146 ? 12.885  -0.240  -8.647  1.00 18.96 ? 140 SER A N     1 
ATOM   979  C CA    . SER A 1 146 ? 12.805  1.214   -8.806  1.00 19.98 ? 140 SER A CA    1 
ATOM   980  C C     . SER A 1 146 ? 11.747  1.814   -7.885  1.00 19.15 ? 140 SER A C     1 
ATOM   981  O O     . SER A 1 146 ? 11.883  2.954   -7.405  1.00 16.95 ? 140 SER A O     1 
ATOM   982  C CB    . SER A 1 146 ? 12.491  1.565   -10.266 1.00 21.48 ? 140 SER A CB    1 
ATOM   983  O OG    . SER A 1 146 ? 12.357  2.965   -10.458 1.00 23.84 ? 140 SER A OG    1 
ATOM   984  N N     . VAL A 1 147 ? 10.687  1.053   -7.634  1.00 19.69 ? 141 VAL A N     1 
ATOM   985  C CA    . VAL A 1 147 ? 9.621   1.530   -6.759  1.00 14.74 ? 141 VAL A CA    1 
ATOM   986  C C     . VAL A 1 147 ? 10.152  1.546   -5.327  1.00 19.67 ? 141 VAL A C     1 
ATOM   987  O O     . VAL A 1 147 ? 9.948   2.509   -4.584  1.00 15.75 ? 141 VAL A O     1 
ATOM   988  C CB    . VAL A 1 147 ? 8.358   0.651   -6.895  1.00 18.43 ? 141 VAL A CB    1 
ATOM   989  C CG1   . VAL A 1 147 ? 7.307   1.018   -5.834  1.00 14.20 ? 141 VAL A CG1   1 
ATOM   990  C CG2   . VAL A 1 147 ? 7.773   0.808   -8.297  1.00 17.01 ? 141 VAL A CG2   1 
ATOM   991  N N     . VAL A 1 148 ? 10.867  0.489   -4.954  1.00 15.69 ? 142 VAL A N     1 
ATOM   992  C CA    . VAL A 1 148 ? 11.442  0.413   -3.618  1.00 14.29 ? 142 VAL A CA    1 
ATOM   993  C C     . VAL A 1 148 ? 12.393  1.573   -3.392  1.00 11.82 ? 142 VAL A C     1 
ATOM   994  O O     . VAL A 1 148 ? 12.357  2.217   -2.333  1.00 17.03 ? 142 VAL A O     1 
ATOM   995  C CB    . VAL A 1 148 ? 12.168  -0.938  -3.389  1.00 17.58 ? 142 VAL A CB    1 
ATOM   996  C CG1   . VAL A 1 148 ? 12.919  -0.921  -2.069  1.00 14.74 ? 142 VAL A CG1   1 
ATOM   997  C CG2   . VAL A 1 148 ? 11.153  -2.099  -3.429  1.00 16.76 ? 142 VAL A CG2   1 
ATOM   998  N N     . ARG A 1 149 ? 13.232  1.855   -4.387  1.00 14.55 ? 143 ARG A N     1 
ATOM   999  C CA    . ARG A 1 149 ? 14.150  2.997   -4.304  1.00 17.35 ? 143 ARG A CA    1 
ATOM   1000 C C     . ARG A 1 149 ? 13.402  4.313   -4.113  1.00 18.53 ? 143 ARG A C     1 
ATOM   1001 O O     . ARG A 1 149 ? 13.780  5.150   -3.281  1.00 14.52 ? 143 ARG A O     1 
ATOM   1002 C CB    . ARG A 1 149 ? 15.010  3.089   -5.562  1.00 17.16 ? 143 ARG A CB    1 
ATOM   1003 C CG    . ARG A 1 149 ? 16.067  2.012   -5.673  1.00 26.22 ? 143 ARG A CG    1 
ATOM   1004 C CD    . ARG A 1 149 ? 17.104  2.382   -6.749  1.00 29.06 ? 143 ARG A CD    1 
ATOM   1005 N NE    . ARG A 1 149 ? 16.654  2.102   -8.115  1.00 31.67 ? 143 ARG A NE    1 
ATOM   1006 C CZ    . ARG A 1 149 ? 16.285  3.029   -9.000  1.00 36.10 ? 143 ARG A CZ    1 
ATOM   1007 N NH1   . ARG A 1 149 ? 15.899  2.663   -10.217 1.00 34.82 ? 143 ARG A NH1   1 
ATOM   1008 N NH2   . ARG A 1 149 ? 16.302  4.320   -8.676  1.00 37.66 ? 143 ARG A NH2   1 
ATOM   1009 N N     . ALA A 1 150 ? 12.336  4.488   -4.887  1.00 13.25 ? 144 ALA A N     1 
ATOM   1010 C CA    . ALA A 1 150 ? 11.502  5.692   -4.789  1.00 17.00 ? 144 ALA A CA    1 
ATOM   1011 C C     . ALA A 1 150 ? 10.878  5.885   -3.406  1.00 15.87 ? 144 ALA A C     1 
ATOM   1012 O O     . ALA A 1 150 ? 10.907  6.991   -2.859  1.00 14.21 ? 144 ALA A O     1 
ATOM   1013 C CB    . ALA A 1 150 ? 10.432  5.666   -5.859  1.00 15.72 ? 144 ALA A CB    1 
ATOM   1014 N N     . CYS A 1 151 ? 10.308  4.819   -2.842  1.00 15.08 ? 145 CYS A N     1 
ATOM   1015 C CA    . CYS A 1 151 ? 9.705   4.901   -1.515  1.00 18.43 ? 145 CYS A CA    1 
ATOM   1016 C C     . CYS A 1 151 ? 10.752  5.274   -0.456  1.00 17.94 ? 145 CYS A C     1 
ATOM   1017 O O     . CYS A 1 151 ? 10.467  6.026   0.474   1.00 17.43 ? 145 CYS A O     1 
ATOM   1018 C CB    . CYS A 1 151 ? 9.020   3.575   -1.138  1.00 16.52 ? 145 CYS A CB    1 
ATOM   1019 S SG    . CYS A 1 151 ? 7.611   3.076   -2.191  1.00 21.63 ? 145 CYS A SG    1 
ATOM   1020 N N     . ALA A 1 152 ? 11.965  4.750   -0.605  1.00 14.62 ? 146 ALA A N     1 
ATOM   1021 C CA    . ALA A 1 152 ? 13.057  5.119   0.289   1.00 16.46 ? 146 ALA A CA    1 
ATOM   1022 C C     . ALA A 1 152 ? 13.365  6.620   0.176   1.00 21.16 ? 146 ALA A C     1 
ATOM   1023 O O     . ALA A 1 152 ? 13.644  7.290   1.172   1.00 19.09 ? 146 ALA A O     1 
ATOM   1024 C CB    . ALA A 1 152 ? 14.291  4.281   -0.006  1.00 14.18 ? 146 ALA A CB    1 
ATOM   1025 N N     . GLN A 1 153 ? 13.302  7.152   -1.036  1.00 14.12 ? 147 GLN A N     1 
ATOM   1026 C CA    . GLN A 1 153 ? 13.589  8.572   -1.253  1.00 15.19 ? 147 GLN A CA    1 
ATOM   1027 C C     . GLN A 1 153 ? 12.451  9.460   -0.703  1.00 20.60 ? 147 GLN A C     1 
ATOM   1028 O O     . GLN A 1 153 ? 12.702  10.571  -0.215  1.00 17.23 ? 147 GLN A O     1 
ATOM   1029 C CB    . GLN A 1 153 ? 13.822  8.847   -2.750  1.00 20.21 ? 147 GLN A CB    1 
ATOM   1030 C CG    . GLN A 1 153 ? 14.169  10.309  -3.110  1.00 20.00 ? 147 GLN A CG    1 
ATOM   1031 C CD    . GLN A 1 153 ? 14.402  10.518  -4.607  1.00 20.66 ? 147 GLN A CD    1 
ATOM   1032 O OE1   . GLN A 1 153 ? 14.038  9.675   -5.430  1.00 22.00 ? 147 GLN A OE1   1 
ATOM   1033 N NE2   . GLN A 1 153 ? 15.031  11.635  -4.960  1.00 23.99 ? 147 GLN A NE2   1 
ATOM   1034 N N     . LEU A 1 154 ? 11.214  8.961   -0.750  1.00 16.46 ? 148 LEU A N     1 
ATOM   1035 C CA    . LEU A 1 154 ? 10.039  9.760   -0.346  1.00 19.48 ? 148 LEU A CA    1 
ATOM   1036 C C     . LEU A 1 154 ? 9.896   9.959   1.164   1.00 20.53 ? 148 LEU A C     1 
ATOM   1037 O O     . LEU A 1 154 ? 9.215   10.885  1.632   1.00 15.65 ? 148 LEU A O     1 
ATOM   1038 C CB    . LEU A 1 154 ? 8.752   9.145   -0.906  1.00 14.38 ? 148 LEU A CB    1 
ATOM   1039 C CG    . LEU A 1 154 ? 8.499   9.481   -2.377  1.00 17.79 ? 148 LEU A CG    1 
ATOM   1040 C CD1   . LEU A 1 154 ? 7.738   8.369   -3.077  1.00 16.73 ? 148 LEU A CD1   1 
ATOM   1041 C CD2   . LEU A 1 154 ? 7.726   10.773  -2.456  1.00 14.80 ? 148 LEU A CD2   1 
ATOM   1042 N N     . VAL A 1 155 ? 10.532  9.092   1.934   1.00 14.55 ? 149 VAL A N     1 
ATOM   1043 C CA    . VAL A 1 155 ? 10.295  9.104   3.364   1.00 21.92 ? 149 VAL A CA    1 
ATOM   1044 C C     . VAL A 1 155 ? 11.330  9.963   4.110   1.00 20.93 ? 149 VAL A C     1 
ATOM   1045 O O     . VAL A 1 155 ? 12.478  10.087  3.674   1.00 17.80 ? 149 VAL A O     1 
ATOM   1046 C CB    . VAL A 1 155 ? 10.192  7.652   3.881   1.00 24.09 ? 149 VAL A CB    1 
ATOM   1047 C CG1   . VAL A 1 155 ? 11.570  6.991   3.964   1.00 18.00 ? 149 VAL A CG1   1 
ATOM   1048 C CG2   . VAL A 1 155 ? 9.451   7.588   5.185   1.00 21.97 ? 149 VAL A CG2   1 
ATOM   1049 N N     . LYS A 1 156 ? 10.895  10.605  5.196   1.00 19.12 ? 150 LYS A N     1 
ATOM   1050 C CA    . LYS A 1 156 ? 11.782  11.368  6.075   1.00 21.17 ? 150 LYS A CA    1 
ATOM   1051 C C     . LYS A 1 156 ? 12.807  10.447  6.713   1.00 20.89 ? 150 LYS A C     1 
ATOM   1052 O O     . LYS A 1 156 ? 12.576  9.244   6.800   1.00 20.02 ? 150 LYS A O     1 
ATOM   1053 C CB    . LYS A 1 156 ? 10.980  11.994  7.223   1.00 20.20 ? 150 LYS A CB    1 
ATOM   1054 C CG    . LYS A 1 156 ? 9.989   13.077  6.849   1.00 28.62 ? 150 LYS A CG    1 
ATOM   1055 C CD    . LYS A 1 156 ? 9.379   13.613  8.144   1.00 23.02 ? 150 LYS A CD    1 
ATOM   1056 C CE    . LYS A 1 156 ? 8.407   14.732  7.905   1.00 27.39 ? 150 LYS A CE    1 
ATOM   1057 N NZ    . LYS A 1 156 ? 7.807   15.136  9.215   1.00 40.44 ? 150 LYS A NZ    1 
ATOM   1058 N N     . PRO A 1 157 ? 13.924  11.014  7.209   1.00 29.12 ? 151 PRO A N     1 
ATOM   1059 C CA    . PRO A 1 157 ? 14.821  10.195  8.037   1.00 28.24 ? 151 PRO A CA    1 
ATOM   1060 C C     . PRO A 1 157 ? 14.054  9.673   9.241   1.00 23.52 ? 151 PRO A C     1 
ATOM   1061 O O     . PRO A 1 157 ? 13.319  10.442  9.860   1.00 23.41 ? 151 PRO A O     1 
ATOM   1062 C CB    . PRO A 1 157 ? 15.914  11.185  8.478   1.00 29.55 ? 151 PRO A CB    1 
ATOM   1063 C CG    . PRO A 1 157 ? 15.365  12.567  8.172   1.00 32.45 ? 151 PRO A CG    1 
ATOM   1064 C CD    . PRO A 1 157 ? 14.434  12.383  7.012   1.00 30.16 ? 151 PRO A CD    1 
ATOM   1065 N N     . GLY A 1 158 ? 14.180  8.381   9.530   1.00 20.95 ? 152 GLY A N     1 
ATOM   1066 C CA    . GLY A 1 158 ? 13.441  7.753   10.609  1.00 19.50 ? 152 GLY A CA    1 
ATOM   1067 C C     . GLY A 1 158 ? 12.007  7.399   10.259  1.00 21.63 ? 152 GLY A C     1 
ATOM   1068 O O     . GLY A 1 158 ? 11.277  6.834   11.082  1.00 23.19 ? 152 GLY A O     1 
ATOM   1069 N N     . GLY A 1 159 ? 11.592  7.725   9.040   1.00 19.58 ? 153 GLY A N     1 
ATOM   1070 C CA    . GLY A 1 159 ? 10.227  7.453   8.620   1.00 20.09 ? 153 GLY A CA    1 
ATOM   1071 C C     . GLY A 1 159 ? 9.987   5.989   8.289   1.00 18.18 ? 153 GLY A C     1 
ATOM   1072 O O     . GLY A 1 159 ? 10.938  5.233   8.070   1.00 19.33 ? 153 GLY A O     1 
ATOM   1073 N N     . ASP A 1 160 ? 8.716   5.587   8.231   1.00 14.07 ? 154 ASP A N     1 
ATOM   1074 C CA    . ASP A 1 160 ? 8.357   4.178   8.067   1.00 13.49 ? 154 ASP A CA    1 
ATOM   1075 C C     . ASP A 1 160 ? 7.876   3.853   6.643   1.00 13.82 ? 154 ASP A C     1 
ATOM   1076 O O     . ASP A 1 160 ? 7.116   4.612   6.047   1.00 14.89 ? 154 ASP A O     1 
ATOM   1077 C CB    . ASP A 1 160 ? 7.270   3.807   9.091   1.00 13.17 ? 154 ASP A CB    1 
ATOM   1078 C CG    . ASP A 1 160 ? 7.686   4.130   10.526  1.00 21.99 ? 154 ASP A CG    1 
ATOM   1079 O OD1   . ASP A 1 160 ? 8.452   3.333   11.121  1.00 23.10 ? 154 ASP A OD1   1 
ATOM   1080 O OD2   . ASP A 1 160 ? 7.263   5.184   11.054  1.00 20.62 ? 154 ASP A OD2   1 
ATOM   1081 N N     . VAL A 1 161 ? 8.327   2.731   6.089   1.00 13.41 ? 155 VAL A N     1 
ATOM   1082 C CA    . VAL A 1 161 ? 7.844   2.291   4.771   1.00 13.22 ? 155 VAL A CA    1 
ATOM   1083 C C     . VAL A 1 161 ? 7.332   0.866   4.883   1.00 16.05 ? 155 VAL A C     1 
ATOM   1084 O O     . VAL A 1 161 ? 8.054   -0.026  5.359   1.00 16.92 ? 155 VAL A O     1 
ATOM   1085 C CB    . VAL A 1 161 ? 8.929   2.376   3.680   1.00 13.58 ? 155 VAL A CB    1 
ATOM   1086 C CG1   . VAL A 1 161 ? 8.363   1.904   2.321   1.00 14.42 ? 155 VAL A CG1   1 
ATOM   1087 C CG2   . VAL A 1 161 ? 9.449   3.805   3.569   1.00 15.95 ? 155 VAL A CG2   1 
ATOM   1088 N N     . PHE A 1 162 ? 6.081   0.658   4.479   1.00 14.88 ? 156 PHE A N     1 
ATOM   1089 C CA    . PHE A 1 162 ? 5.467   -0.662  4.549   1.00 11.60 ? 156 PHE A CA    1 
ATOM   1090 C C     . PHE A 1 162 ? 5.252   -1.216  3.145   1.00 14.58 ? 156 PHE A C     1 
ATOM   1091 O O     . PHE A 1 162 ? 4.790   -0.499  2.242   1.00 15.94 ? 156 PHE A O     1 
ATOM   1092 C CB    . PHE A 1 162 ? 4.116   -0.605  5.274   1.00 13.75 ? 156 PHE A CB    1 
ATOM   1093 C CG    . PHE A 1 162 ? 4.204   -0.156  6.704   1.00 16.14 ? 156 PHE A CG    1 
ATOM   1094 C CD1   . PHE A 1 162 ? 4.238   1.193   7.021   1.00 13.71 ? 156 PHE A CD1   1 
ATOM   1095 C CD2   . PHE A 1 162 ? 4.241   -1.083  7.732   1.00 17.86 ? 156 PHE A CD2   1 
ATOM   1096 C CE1   . PHE A 1 162 ? 4.321   1.614   8.352   1.00 16.79 ? 156 PHE A CE1   1 
ATOM   1097 C CE2   . PHE A 1 162 ? 4.324   -0.671  9.067   1.00 16.96 ? 156 PHE A CE2   1 
ATOM   1098 C CZ    . PHE A 1 162 ? 4.355   0.681   9.372   1.00 12.01 ? 156 PHE A CZ    1 
ATOM   1099 N N     . PHE A 1 163 ? 5.574   -2.493  2.976   1.00 12.23 ? 157 PHE A N     1 
ATOM   1100 C CA    . PHE A 1 163 ? 5.300   -3.227  1.745   1.00 13.04 ? 157 PHE A CA    1 
ATOM   1101 C C     . PHE A 1 163 ? 4.479   -4.458  2.099   1.00 17.14 ? 157 PHE A C     1 
ATOM   1102 O O     . PHE A 1 163 ? 4.707   -5.051  3.145   1.00 17.83 ? 157 PHE A O     1 
ATOM   1103 C CB    . PHE A 1 163 ? 6.600   -3.721  1.140   1.00 16.48 ? 157 PHE A CB    1 
ATOM   1104 C CG    . PHE A 1 163 ? 7.556   -2.630  0.770   1.00 15.92 ? 157 PHE A CG    1 
ATOM   1105 C CD1   . PHE A 1 163 ? 7.421   -1.955  -0.436  1.00 20.19 ? 157 PHE A CD1   1 
ATOM   1106 C CD2   . PHE A 1 163 ? 8.607   -2.297  1.613   1.00 17.99 ? 157 PHE A CD2   1 
ATOM   1107 C CE1   . PHE A 1 163 ? 8.320   -0.952  -0.789  1.00 16.43 ? 157 PHE A CE1   1 
ATOM   1108 C CE2   . PHE A 1 163 ? 9.508   -1.299  1.269   1.00 18.85 ? 157 PHE A CE2   1 
ATOM   1109 C CZ    . PHE A 1 163 ? 9.364   -0.627  0.071   1.00 14.56 ? 157 PHE A CZ    1 
ATOM   1110 N N     . SER A 1 164 ? 3.552   -4.872  1.233   1.00 14.34 ? 158 SER A N     1 
ATOM   1111 C CA    A SER A 1 164 ? 2.715   -6.016  1.542   0.48 18.16 ? 158 SER A CA    1 
ATOM   1112 C CA    B SER A 1 164 ? 2.716   -6.028  1.542   0.52 18.17 ? 158 SER A CA    1 
ATOM   1113 C C     . SER A 1 164 ? 2.135   -6.712  0.314   1.00 25.27 ? 158 SER A C     1 
ATOM   1114 O O     . SER A 1 164 ? 1.900   -6.083  -0.721  1.00 23.06 ? 158 SER A O     1 
ATOM   1115 C CB    A SER A 1 164 ? 1.585   -5.581  2.467   0.48 19.26 ? 158 SER A CB    1 
ATOM   1116 C CB    B SER A 1 164 ? 1.570   -5.632  2.472   0.52 19.38 ? 158 SER A CB    1 
ATOM   1117 O OG    A SER A 1 164 ? 0.864   -6.703  2.918   0.48 20.55 ? 158 SER A OG    1 
ATOM   1118 O OG    B SER A 1 164 ? 0.547   -4.955  1.761   0.52 20.95 ? 158 SER A OG    1 
ATOM   1119 N N     . THR A 1 165 ? 1.921   -8.015  0.445   1.00 17.57 ? 159 THR A N     1 
ATOM   1120 C CA    . THR A 1 165 ? 1.091   -8.772  -0.475  1.00 20.08 ? 159 THR A CA    1 
ATOM   1121 C C     . THR A 1 165 ? 0.317   -9.723  0.420   1.00 24.85 ? 159 THR A C     1 
ATOM   1122 O O     . THR A 1 165 ? 0.819   -10.780 0.802   1.00 23.92 ? 159 THR A O     1 
ATOM   1123 C CB    . THR A 1 165 ? 1.899   -9.562  -1.495  1.00 27.58 ? 159 THR A CB    1 
ATOM   1124 O OG1   . THR A 1 165 ? 2.684   -8.655  -2.280  1.00 36.80 ? 159 THR A OG1   1 
ATOM   1125 C CG2   . THR A 1 165 ? 0.958   -10.350 -2.418  1.00 28.16 ? 159 THR A CG2   1 
ATOM   1126 N N     . LEU A 1 166 ? -0.888  -9.322  0.792   1.00 23.37 ? 160 LEU A N     1 
ATOM   1127 C CA    . LEU A 1 166 ? -1.738  -10.128 1.664   1.00 24.38 ? 160 LEU A CA    1 
ATOM   1128 C C     . LEU A 1 166 ? -2.843  -10.820 0.878   1.00 30.45 ? 160 LEU A C     1 
ATOM   1129 O O     . LEU A 1 166 ? -3.518  -11.716 1.384   1.00 31.60 ? 160 LEU A O     1 
ATOM   1130 C CB    . LEU A 1 166 ? -2.343  -9.250  2.752   1.00 24.20 ? 160 LEU A CB    1 
ATOM   1131 C CG    . LEU A 1 166 ? -1.289  -8.644  3.671   1.00 22.48 ? 160 LEU A CG    1 
ATOM   1132 C CD1   . LEU A 1 166 ? -1.910  -7.701  4.689   1.00 22.55 ? 160 LEU A CD1   1 
ATOM   1133 C CD2   . LEU A 1 166 ? -0.492  -9.739  4.356   1.00 21.62 ? 160 LEU A CD2   1 
ATOM   1134 N N     . ASN A 1 167 ? -3.038  -10.391 -0.360  1.00 28.94 ? 161 ASN A N     1 
ATOM   1135 C CA    . ASN A 1 167 ? -4.064  -10.985 -1.191  1.00 29.55 ? 161 ASN A CA    1 
ATOM   1136 C C     . ASN A 1 167 ? -3.410  -11.744 -2.326  1.00 31.76 ? 161 ASN A C     1 
ATOM   1137 O O     . ASN A 1 167 ? -2.695  -11.162 -3.139  1.00 37.64 ? 161 ASN A O     1 
ATOM   1138 C CB    . ASN A 1 167 ? -4.995  -9.908  -1.747  1.00 25.83 ? 161 ASN A CB    1 
ATOM   1139 C CG    . ASN A 1 167 ? -6.152  -10.494 -2.534  1.00 37.59 ? 161 ASN A CG    1 
ATOM   1140 O OD1   . ASN A 1 167 ? -6.677  -11.562 -2.200  1.00 37.92 ? 161 ASN A OD1   1 
ATOM   1141 N ND2   . ASN A 1 167 ? -6.550  -9.800  -3.591  1.00 36.80 ? 161 ASN A ND2   1 
ATOM   1142 N N     . ARG A 1 168 ? -3.639  -13.049 -2.364  1.00 34.36 ? 162 ARG A N     1 
ATOM   1143 C CA    . ARG A 1 168 ? -3.143  -13.875 -3.455  1.00 33.21 ? 162 ARG A CA    1 
ATOM   1144 C C     . ARG A 1 168 ? -4.262  -14.191 -4.446  1.00 38.92 ? 162 ARG A C     1 
ATOM   1145 O O     . ARG A 1 168 ? -5.423  -14.336 -4.050  1.00 43.55 ? 162 ARG A O     1 
ATOM   1146 C CB    . ARG A 1 168 ? -2.540  -15.156 -2.894  1.00 36.06 ? 162 ARG A CB    1 
ATOM   1147 C CG    . ARG A 1 168 ? -1.370  -14.912 -1.954  1.00 33.65 ? 162 ARG A CG    1 
ATOM   1148 C CD    . ARG A 1 168 ? -0.181  -14.312 -2.702  1.00 34.02 ? 162 ARG A CD    1 
ATOM   1149 N NE    . ARG A 1 168 ? 0.220   -15.153 -3.828  1.00 34.55 ? 162 ARG A NE    1 
ATOM   1150 C CZ    . ARG A 1 168 ? 1.011   -16.215 -3.725  1.00 39.99 ? 162 ARG A CZ    1 
ATOM   1151 N NH1   . ARG A 1 168 ? 1.500   -16.577 -2.543  1.00 31.51 ? 162 ARG A NH1   1 
ATOM   1152 N NH2   . ARG A 1 168 ? 1.318   -16.919 -4.805  1.00 38.49 ? 162 ARG A NH2   1 
ATOM   1153 N N     . ASN A 1 169 ? -3.908  -14.280 -5.727  1.00 36.18 ? 163 ASN A N     1 
ATOM   1154 C CA    . ASN A 1 169 ? -4.859  -14.586 -6.806  1.00 39.88 ? 163 ASN A CA    1 
ATOM   1155 C C     . ASN A 1 169 ? -4.356  -15.718 -7.692  1.00 40.22 ? 163 ASN A C     1 
ATOM   1156 O O     . ASN A 1 169 ? -3.275  -16.260 -7.469  1.00 38.75 ? 163 ASN A O     1 
ATOM   1157 C CB    . ASN A 1 169 ? -5.090  -13.359 -7.701  1.00 38.61 ? 163 ASN A CB    1 
ATOM   1158 C CG    . ASN A 1 169 ? -6.180  -12.456 -7.186  1.00 43.36 ? 163 ASN A CG    1 
ATOM   1159 O OD1   . ASN A 1 169 ? -6.997  -12.857 -6.359  1.00 54.40 ? 163 ASN A OD1   1 
ATOM   1160 N ND2   . ASN A 1 169 ? -6.207  -11.225 -7.683  1.00 45.97 ? 163 ASN A ND2   1 
ATOM   1161 N N     . GLY A 1 170 ? -5.142  -16.060 -8.711  1.00 44.40 ? 187 GLY A N     1 
ATOM   1162 C CA    . GLY A 1 170 ? -4.711  -17.026 -9.708  1.00 36.41 ? 187 GLY A CA    1 
ATOM   1163 C C     . GLY A 1 170 ? -4.324  -16.351 -11.012 1.00 41.00 ? 187 GLY A C     1 
ATOM   1164 O O     . GLY A 1 170 ? -4.281  -16.996 -12.067 1.00 38.15 ? 187 GLY A O     1 
ATOM   1165 N N     . VAL A 1 171 ? -4.048  -15.048 -10.945 1.00 34.65 ? 188 VAL A N     1 
ATOM   1166 C CA    . VAL A 1 171 ? -3.710  -14.265 -12.132 1.00 34.71 ? 188 VAL A CA    1 
ATOM   1167 C CB    . VAL A 1 171 ? -4.619  -13.026 -12.270 1.00 35.67 ? 188 VAL A CB    1 
ATOM   1168 N N     . LYS A 1 172 ? -2.107  -12.879 -9.759  1.00 43.01 ? 189 LYS A N     1 
ATOM   1169 C CA    . LYS A 1 172 ? -0.941  -12.239 -10.352 1.00 45.16 ? 189 LYS A CA    1 
ATOM   1170 C C     . LYS A 1 172 ? 0.337   -12.937 -9.897  1.00 48.12 ? 189 LYS A C     1 
ATOM   1171 O O     . LYS A 1 172 ? 0.274   -13.929 -9.162  1.00 45.73 ? 189 LYS A O     1 
ATOM   1172 C CB    . LYS A 1 172 ? -0.894  -10.761 -9.969  1.00 39.20 ? 189 LYS A CB    1 
ATOM   1173 N N     . LYS A 1 173 ? 1.492   -12.428 -10.329 1.00 36.75 ? 190 LYS A N     1 
ATOM   1174 C CA    . LYS A 1 173 ? 2.764   -13.017 -9.914  1.00 39.81 ? 190 LYS A CA    1 
ATOM   1175 C C     . LYS A 1 173 ? 2.936   -12.785 -8.420  1.00 37.06 ? 190 LYS A C     1 
ATOM   1176 O O     . LYS A 1 173 ? 2.297   -11.902 -7.840  1.00 35.14 ? 190 LYS A O     1 
ATOM   1177 C CB    . LYS A 1 173 ? 3.941   -12.419 -10.700 1.00 34.65 ? 190 LYS A CB    1 
ATOM   1178 C CG    . LYS A 1 173 ? 4.572   -11.194 -10.058 1.00 43.22 ? 190 LYS A CG    1 
ATOM   1179 C CD    . LYS A 1 173 ? 5.752   -10.664 -10.873 1.00 40.81 ? 190 LYS A CD    1 
ATOM   1180 N N     . PHE A 1 174 ? 3.771   -13.597 -7.784  1.00 38.58 ? 191 PHE A N     1 
ATOM   1181 C CA    . PHE A 1 174 ? 4.052   -13.412 -6.370  1.00 35.46 ? 191 PHE A CA    1 
ATOM   1182 C C     . PHE A 1 174 ? 5.513   -13.037 -6.221  1.00 35.99 ? 191 PHE A C     1 
ATOM   1183 O O     . PHE A 1 174 ? 6.396   -13.776 -6.672  1.00 29.22 ? 191 PHE A O     1 
ATOM   1184 C CB    . PHE A 1 174 ? 3.753   -14.692 -5.593  1.00 40.95 ? 191 PHE A CB    1 
ATOM   1185 C CG    . PHE A 1 174 ? 4.072   -14.603 -4.127  1.00 33.97 ? 191 PHE A CG    1 
ATOM   1186 C CD1   . PHE A 1 174 ? 3.456   -13.654 -3.325  1.00 32.90 ? 191 PHE A CD1   1 
ATOM   1187 C CD2   . PHE A 1 174 ? 4.971   -15.481 -3.547  1.00 35.28 ? 191 PHE A CD2   1 
ATOM   1188 C CE1   . PHE A 1 174 ? 3.736   -13.578 -1.978  1.00 33.47 ? 191 PHE A CE1   1 
ATOM   1189 C CE2   . PHE A 1 174 ? 5.262   -15.409 -2.197  1.00 31.52 ? 191 PHE A CE2   1 
ATOM   1190 C CZ    . PHE A 1 174 ? 4.639   -14.459 -1.410  1.00 30.58 ? 191 PHE A CZ    1 
ATOM   1191 N N     . ILE A 1 175 ? 5.773   -11.889 -5.608  1.00 27.89 ? 192 ILE A N     1 
ATOM   1192 C CA    . ILE A 1 175 ? 7.150   -11.518 -5.325  1.00 33.57 ? 192 ILE A CA    1 
ATOM   1193 C C     . ILE A 1 175 ? 7.541   -12.059 -3.959  1.00 26.45 ? 192 ILE A C     1 
ATOM   1194 O O     . ILE A 1 175 ? 6.992   -11.644 -2.939  1.00 26.26 ? 192 ILE A O     1 
ATOM   1195 C CB    . ILE A 1 175 ? 7.365   -10.003 -5.357  1.00 31.24 ? 192 ILE A CB    1 
ATOM   1196 C CG1   . ILE A 1 175 ? 7.188   -9.477  -6.782  1.00 26.05 ? 192 ILE A CG1   1 
ATOM   1197 C CG2   . ILE A 1 175 ? 8.761   -9.667  -4.822  1.00 25.18 ? 192 ILE A CG2   1 
ATOM   1198 C CD1   . ILE A 1 175 ? 7.287   -7.962  -6.898  1.00 23.22 ? 192 ILE A CD1   1 
ATOM   1199 N N     . LYS A 1 176 ? 8.482   -12.998 -3.949  1.00 23.04 ? 193 LYS A N     1 
ATOM   1200 C CA    . LYS A 1 176 ? 8.921   -13.632 -2.708  1.00 26.92 ? 193 LYS A CA    1 
ATOM   1201 C C     . LYS A 1 176 ? 9.485   -12.593 -1.748  1.00 20.41 ? 193 LYS A C     1 
ATOM   1202 O O     . LYS A 1 176 ? 10.164  -11.659 -2.176  1.00 20.94 ? 193 LYS A O     1 
ATOM   1203 C CB    . LYS A 1 176 ? 9.978   -14.705 -3.000  1.00 27.95 ? 193 LYS A CB    1 
ATOM   1204 N N     . PRO A 1 177 ? 9.202   -12.751 -0.447  1.00 21.30 ? 194 PRO A N     1 
ATOM   1205 C CA    . PRO A 1 177 ? 9.693   -11.805 0.562   1.00 19.60 ? 194 PRO A CA    1 
ATOM   1206 C C     . PRO A 1 177 ? 11.217  -11.716 0.559   1.00 21.25 ? 194 PRO A C     1 
ATOM   1207 O O     . PRO A 1 177 ? 11.761  -10.624 0.701   1.00 19.19 ? 194 PRO A O     1 
ATOM   1208 C CB    . PRO A 1 177 ? 9.204   -12.404 1.885   1.00 23.13 ? 194 PRO A CB    1 
ATOM   1209 C CG    . PRO A 1 177 ? 8.089   -13.305 1.532   1.00 28.01 ? 194 PRO A CG    1 
ATOM   1210 C CD    . PRO A 1 177 ? 8.329   -13.790 0.132   1.00 26.90 ? 194 PRO A CD    1 
ATOM   1211 N N     . ALA A 1 178 ? 11.901  -12.847 0.399   1.00 18.60 ? 195 ALA A N     1 
ATOM   1212 C CA    . ALA A 1 178 ? 13.362  -12.831 0.391   1.00 24.28 ? 195 ALA A CA    1 
ATOM   1213 C C     . ALA A 1 178 ? 13.901  -11.955 -0.738  1.00 20.06 ? 195 ALA A C     1 
ATOM   1214 O O     . ALA A 1 178 ? 14.928  -11.289 -0.585  1.00 21.15 ? 195 ALA A O     1 
ATOM   1215 C CB    . ALA A 1 178 ? 13.931  -14.253 0.313   1.00 20.68 ? 195 ALA A CB    1 
ATOM   1216 N N     . GLU A 1 179 ? 13.212  -11.959 -1.877  1.00 18.36 ? 196 GLU A N     1 
ATOM   1217 C CA    . GLU A 1 179 ? 13.604  -11.118 -3.003  1.00 18.65 ? 196 GLU A CA    1 
ATOM   1218 C C     . GLU A 1 179 ? 13.401  -9.627  -2.708  1.00 21.63 ? 196 GLU A C     1 
ATOM   1219 O O     . GLU A 1 179 ? 14.253  -8.791  -3.039  1.00 20.19 ? 196 GLU A O     1 
ATOM   1220 C CB    . GLU A 1 179 ? 12.827  -11.528 -4.257  1.00 22.96 ? 196 GLU A CB    1 
ATOM   1221 C CG    . GLU A 1 179 ? 13.111  -10.659 -5.451  1.00 30.40 ? 196 GLU A CG    1 
ATOM   1222 C CD    . GLU A 1 179 ? 12.509  -11.223 -6.721  1.00 37.60 ? 196 GLU A CD    1 
ATOM   1223 O OE1   . GLU A 1 179 ? 11.471  -11.913 -6.632  1.00 43.84 ? 196 GLU A OE1   1 
ATOM   1224 O OE2   . GLU A 1 179 ? 13.082  -10.982 -7.803  1.00 43.42 ? 196 GLU A OE2   1 
ATOM   1225 N N     . LEU A 1 180 ? 12.265  -9.291  -2.097  1.00 15.31 ? 197 LEU A N     1 
ATOM   1226 C CA    . LEU A 1 180 ? 11.999  -7.908  -1.688  1.00 17.89 ? 197 LEU A CA    1 
ATOM   1227 C C     . LEU A 1 180 ? 13.054  -7.407  -0.695  1.00 19.14 ? 197 LEU A C     1 
ATOM   1228 O O     . LEU A 1 180 ? 13.509  -6.265  -0.792  1.00 18.02 ? 197 LEU A O     1 
ATOM   1229 C CB    . LEU A 1 180 ? 10.591  -7.788  -1.096  1.00 19.95 ? 197 LEU A CB    1 
ATOM   1230 C CG    . LEU A 1 180 ? 10.236  -6.464  -0.407  1.00 23.45 ? 197 LEU A CG    1 
ATOM   1231 C CD1   . LEU A 1 180 ? 10.351  -5.281  -1.371  1.00 15.33 ? 197 LEU A CD1   1 
ATOM   1232 C CD2   . LEU A 1 180 ? 8.841   -6.557  0.174   1.00 24.15 ? 197 LEU A CD2   1 
ATOM   1233 N N     . LEU A 1 181 ? 13.465  -8.264  0.240   1.00 15.89 ? 198 LEU A N     1 
ATOM   1234 C CA    . LEU A 1 181 ? 14.487  -7.868  1.217   1.00 18.71 ? 198 LEU A CA    1 
ATOM   1235 C C     . LEU A 1 181 ? 15.791  -7.446  0.534   1.00 17.92 ? 198 LEU A C     1 
ATOM   1236 O O     . LEU A 1 181 ? 16.476  -6.546  1.006   1.00 22.00 ? 198 LEU A O     1 
ATOM   1237 C CB    . LEU A 1 181 ? 14.774  -8.981  2.220   1.00 18.46 ? 198 LEU A CB    1 
ATOM   1238 C CG    . LEU A 1 181 ? 13.675  -9.485  3.146   1.00 23.67 ? 198 LEU A CG    1 
ATOM   1239 C CD1   . LEU A 1 181 ? 14.322  -10.309 4.261   1.00 23.29 ? 198 LEU A CD1   1 
ATOM   1240 C CD2   . LEU A 1 181 ? 12.856  -8.342  3.726   1.00 25.66 ? 198 LEU A CD2   1 
ATOM   1241 N N     . GLY A 1 182 ? 16.126  -8.098  -0.570  1.00 18.04 ? 199 GLY A N     1 
ATOM   1242 C CA    . GLY A 1 182 ? 17.314  -7.748  -1.329  1.00 19.53 ? 199 GLY A CA    1 
ATOM   1243 C C     . GLY A 1 182 ? 17.213  -6.337  -1.871  1.00 22.63 ? 199 GLY A C     1 
ATOM   1244 O O     . GLY A 1 182 ? 18.186  -5.569  -1.810  1.00 23.68 ? 199 GLY A O     1 
ATOM   1245 N N     . TRP A 1 183 ? 16.035  -5.988  -2.394  1.00 20.38 ? 200 TRP A N     1 
ATOM   1246 C CA    . TRP A 1 183 ? 15.797  -4.643  -2.923  1.00 17.93 ? 200 TRP A CA    1 
ATOM   1247 C C     . TRP A 1 183 ? 15.884  -3.590  -1.820  1.00 15.95 ? 200 TRP A C     1 
ATOM   1248 O O     . TRP A 1 183 ? 16.572  -2.572  -1.962  1.00 18.16 ? 200 TRP A O     1 
ATOM   1249 C CB    . TRP A 1 183 ? 14.437  -4.581  -3.617  1.00 16.72 ? 200 TRP A CB    1 
ATOM   1250 C CG    . TRP A 1 183 ? 14.329  -5.525  -4.785  1.00 17.80 ? 200 TRP A CG    1 
ATOM   1251 C CD1   . TRP A 1 183 ? 15.352  -6.016  -5.546  1.00 25.16 ? 200 TRP A CD1   1 
ATOM   1252 C CD2   . TRP A 1 183 ? 13.127  -6.101  -5.309  1.00 22.26 ? 200 TRP A CD2   1 
ATOM   1253 N NE1   . TRP A 1 183 ? 14.858  -6.862  -6.519  1.00 24.59 ? 200 TRP A NE1   1 
ATOM   1254 C CE2   . TRP A 1 183 ? 13.496  -6.932  -6.390  1.00 25.90 ? 200 TRP A CE2   1 
ATOM   1255 C CE3   . TRP A 1 183 ? 11.776  -5.998  -4.968  1.00 20.02 ? 200 TRP A CE3   1 
ATOM   1256 C CZ2   . TRP A 1 183 ? 12.560  -7.643  -7.135  1.00 28.27 ? 200 TRP A CZ2   1 
ATOM   1257 C CZ3   . TRP A 1 183 ? 10.849  -6.715  -5.704  1.00 27.55 ? 200 TRP A CZ3   1 
ATOM   1258 C CH2   . TRP A 1 183 ? 11.244  -7.526  -6.774  1.00 26.60 ? 200 TRP A CH2   1 
ATOM   1259 N N     . VAL A 1 184 ? 15.194  -3.842  -0.716  1.00 14.94 ? 201 VAL A N     1 
ATOM   1260 C CA    . VAL A 1 184 ? 15.273  -2.963  0.456   1.00 17.77 ? 201 VAL A CA    1 
ATOM   1261 C C     . VAL A 1 184 ? 16.722  -2.722  0.919   1.00 20.40 ? 201 VAL A C     1 
ATOM   1262 O O     . VAL A 1 184 ? 17.082  -1.604  1.318   1.00 18.85 ? 201 VAL A O     1 
ATOM   1263 C CB    . VAL A 1 184 ? 14.420  -3.518  1.628   1.00 18.45 ? 201 VAL A CB    1 
ATOM   1264 C CG1   . VAL A 1 184 ? 14.653  -2.709  2.908   1.00 16.46 ? 201 VAL A CG1   1 
ATOM   1265 C CG2   . VAL A 1 184 ? 12.949  -3.510  1.251   1.00 16.21 ? 201 VAL A CG2   1 
ATOM   1266 N N     . ASP A 1 185 ? 17.556  -3.759  0.851   1.00 21.00 ? 202 ASP A N     1 
ATOM   1267 C CA    . ASP A 1 185 ? 18.940  -3.674  1.346   1.00 20.31 ? 202 ASP A CA    1 
ATOM   1268 C C     . ASP A 1 185 ? 19.835  -2.773  0.509   1.00 25.29 ? 202 ASP A C     1 
ATOM   1269 O O     . ASP A 1 185 ? 20.922  -2.408  0.939   1.00 28.25 ? 202 ASP A O     1 
ATOM   1270 C CB    . ASP A 1 185 ? 19.569  -5.065  1.404   1.00 21.66 ? 202 ASP A CB    1 
ATOM   1271 C CG    . ASP A 1 185 ? 18.921  -5.934  2.448   1.00 34.78 ? 202 ASP A CG    1 
ATOM   1272 O OD1   . ASP A 1 185 ? 18.254  -5.354  3.326   1.00 34.92 ? 202 ASP A OD1   1 
ATOM   1273 O OD2   . ASP A 1 185 ? 19.065  -7.173  2.390   1.00 34.86 ? 202 ASP A OD2   1 
ATOM   1274 N N     . GLN A 1 186 ? 19.388  -2.427  -0.693  1.00 24.31 ? 203 GLN A N     1 
ATOM   1275 C CA    . GLN A 1 186 ? 20.178  -1.557  -1.558  1.00 24.62 ? 203 GLN A CA    1 
ATOM   1276 C C     . GLN A 1 186 ? 19.817  -0.088  -1.322  1.00 25.36 ? 203 GLN A C     1 
ATOM   1277 O O     . GLN A 1 186 ? 20.381  0.815   -1.958  1.00 23.07 ? 203 GLN A O     1 
ATOM   1278 C CB    . GLN A 1 186 ? 19.975  -1.939  -3.029  1.00 25.01 ? 203 GLN A CB    1 
ATOM   1279 C CG    . GLN A 1 186 ? 20.415  -3.350  -3.368  1.00 31.18 ? 203 GLN A CG    1 
ATOM   1280 C CD    . GLN A 1 186 ? 20.035  -3.758  -4.788  1.00 36.45 ? 203 GLN A CD    1 
ATOM   1281 N N     . THR A 1 187 ? 18.902  0.149   -0.384  1.00 17.54 ? 204 THR A N     1 
ATOM   1282 C CA    . THR A 1 187 ? 18.442  1.508   -0.101  1.00 14.08 ? 204 THR A CA    1 
ATOM   1283 C C     . THR A 1 187 ? 18.779  1.897   1.325   1.00 14.04 ? 204 THR A C     1 
ATOM   1284 O O     . THR A 1 187 ? 19.403  1.127   2.047   1.00 17.23 ? 204 THR A O     1 
ATOM   1285 C CB    . THR A 1 187 ? 16.925  1.626   -0.269  1.00 21.03 ? 204 THR A CB    1 
ATOM   1286 O OG1   . THR A 1 187 ? 16.284  1.023   0.864   1.00 16.07 ? 204 THR A OG1   1 
ATOM   1287 C CG2   . THR A 1 187 ? 16.482  0.916   -1.553  1.00 16.29 ? 204 THR A CG2   1 
ATOM   1288 N N     . SER A 1 188 ? 18.325  3.075   1.741   1.00 14.02 ? 205 SER A N     1 
ATOM   1289 C CA    . SER A 1 188 ? 18.562  3.546   3.101   1.00 16.33 ? 205 SER A CA    1 
ATOM   1290 C C     . SER A 1 188 ? 17.561  2.955   4.114   1.00 23.80 ? 205 SER A C     1 
ATOM   1291 O O     . SER A 1 188 ? 17.652  3.225   5.323   1.00 19.61 ? 205 SER A O     1 
ATOM   1292 C CB    . SER A 1 188 ? 18.482  5.066   3.136   1.00 17.68 ? 205 SER A CB    1 
ATOM   1293 O OG    . SER A 1 188 ? 17.176  5.505   2.780   1.00 18.69 ? 205 SER A OG    1 
ATOM   1294 N N     . LEU A 1 189 ? 16.608  2.162   3.630   1.00 14.92 ? 206 LEU A N     1 
ATOM   1295 C CA    . LEU A 1 189 ? 15.628  1.509   4.520   1.00 14.32 ? 206 LEU A CA    1 
ATOM   1296 C C     . LEU A 1 189 ? 16.197  0.275   5.238   1.00 16.09 ? 206 LEU A C     1 
ATOM   1297 O O     . LEU A 1 189 ? 16.978  -0.499  4.666   1.00 17.29 ? 206 LEU A O     1 
ATOM   1298 C CB    . LEU A 1 189 ? 14.381  1.104   3.730   1.00 14.24 ? 206 LEU A CB    1 
ATOM   1299 C CG    . LEU A 1 189 ? 13.597  2.237   3.072   1.00 12.27 ? 206 LEU A CG    1 
ATOM   1300 C CD1   . LEU A 1 189 ? 12.474  1.678   2.174   1.00 12.50 ? 206 LEU A CD1   1 
ATOM   1301 C CD2   . LEU A 1 189 ? 13.016  3.196   4.127   1.00 13.66 ? 206 LEU A CD2   1 
ATOM   1302 N N     . LYS A 1 190 ? 15.798  0.092   6.495   1.00 18.66 ? 207 LYS A N     1 
ATOM   1303 C CA    . LYS A 1 190 ? 16.220  -1.067  7.277   1.00 17.81 ? 207 LYS A CA    1 
ATOM   1304 C C     . LYS A 1 190 ? 14.990  -1.877  7.664   1.00 18.49 ? 207 LYS A C     1 
ATOM   1305 O O     . LYS A 1 190 ? 14.025  -1.321  8.186   1.00 15.33 ? 207 LYS A O     1 
ATOM   1306 C CB    . LYS A 1 190 ? 16.962  -0.614  8.547   1.00 23.03 ? 207 LYS A CB    1 
ATOM   1307 N N     . GLU A 1 191 ? 15.016  -3.181  7.404   1.00 19.86 ? 208 GLU A N     1 
ATOM   1308 C CA    . GLU A 1 191 ? 13.905  -4.049  7.801   1.00 21.88 ? 208 GLU A CA    1 
ATOM   1309 C C     . GLU A 1 191 ? 13.781  -4.076  9.311   1.00 22.98 ? 208 GLU A C     1 
ATOM   1310 O O     . GLU A 1 191 ? 14.787  -4.154  10.017  1.00 23.85 ? 208 GLU A O     1 
ATOM   1311 C CB    . GLU A 1 191 ? 14.122  -5.474  7.301   1.00 23.98 ? 208 GLU A CB    1 
ATOM   1312 C CG    . GLU A 1 191 ? 14.253  -5.585  5.800   1.00 24.30 ? 208 GLU A CG    1 
ATOM   1313 C CD    . GLU A 1 191 ? 15.702  -5.607  5.349   1.00 38.17 ? 208 GLU A CD    1 
ATOM   1314 O OE1   . GLU A 1 191 ? 16.579  -5.127  6.110   1.00 29.33 ? 208 GLU A OE1   1 
ATOM   1315 O OE2   . GLU A 1 191 ? 15.957  -6.111  4.234   1.00 28.94 ? 208 GLU A OE2   1 
ATOM   1316 N N     . ARG A 1 192 ? 12.549  -4.028  9.806   1.00 17.35 ? 209 ARG A N     1 
ATOM   1317 C CA    . ARG A 1 192 ? 12.303  -4.032  11.237  1.00 15.58 ? 209 ARG A CA    1 
ATOM   1318 C C     . ARG A 1 192 ? 11.450  -5.228  11.648  1.00 18.80 ? 209 ARG A C     1 
ATOM   1319 O O     . ARG A 1 192 ? 11.654  -5.814  12.704  1.00 17.35 ? 209 ARG A O     1 
ATOM   1320 C CB    . ARG A 1 192 ? 11.598  -2.740  11.658  1.00 21.25 ? 209 ARG A CB    1 
ATOM   1321 C CG    . ARG A 1 192 ? 12.435  -1.485  11.516  1.00 23.01 ? 209 ARG A CG    1 
ATOM   1322 C CD    . ARG A 1 192 ? 13.626  -1.496  12.479  1.00 27.82 ? 209 ARG A CD    1 
ATOM   1323 N NE    . ARG A 1 192 ? 14.129  -0.142  12.709  1.00 37.21 ? 209 ARG A NE    1 
ATOM   1324 C CZ    . ARG A 1 192 ? 15.419  0.195   12.685  1.00 47.56 ? 209 ARG A CZ    1 
ATOM   1325 N NH1   . ARG A 1 192 ? 16.343  -0.722  12.442  1.00 39.00 ? 209 ARG A NH1   1 
ATOM   1326 N NH2   . ARG A 1 192 ? 15.785  1.452   12.909  1.00 38.42 ? 209 ARG A NH2   1 
ATOM   1327 N N     . HIS A 1 193 ? 10.478  -5.592  10.823  1.00 14.56 ? 210 HIS A N     1 
ATOM   1328 C CA    . HIS A 1 193 ? 9.577   -6.668  11.213  1.00 16.60 ? 210 HIS A CA    1 
ATOM   1329 C C     . HIS A 1 193 ? 8.863   -7.180  9.980   1.00 19.67 ? 210 HIS A C     1 
ATOM   1330 O O     . HIS A 1 193 ? 8.607   -6.416  9.045   1.00 18.79 ? 210 HIS A O     1 
ATOM   1331 C CB    . HIS A 1 193 ? 8.573   -6.145  12.238  1.00 17.54 ? 210 HIS A CB    1 
ATOM   1332 C CG    . HIS A 1 193 ? 7.685   -7.199  12.821  1.00 19.25 ? 210 HIS A CG    1 
ATOM   1333 N ND1   . HIS A 1 193 ? 6.385   -7.395  12.403  1.00 18.55 ? 210 HIS A ND1   1 
ATOM   1334 C CD2   . HIS A 1 193 ? 7.904   -8.105  13.804  1.00 21.18 ? 210 HIS A CD2   1 
ATOM   1335 C CE1   . HIS A 1 193 ? 5.841   -8.373  13.103  1.00 20.03 ? 210 HIS A CE1   1 
ATOM   1336 N NE2   . HIS A 1 193 ? 6.745   -8.828  13.957  1.00 23.84 ? 210 HIS A NE2   1 
ATOM   1337 N N     . ILE A 1 194 ? 8.562   -8.474  9.961   1.00 16.50 ? 211 ILE A N     1 
ATOM   1338 C CA    . ILE A 1 194 ? 7.770   -9.040  8.876   1.00 13.82 ? 211 ILE A CA    1 
ATOM   1339 C C     . ILE A 1 194 ? 6.757   -10.018 9.482   1.00 18.35 ? 211 ILE A C     1 
ATOM   1340 O O     . ILE A 1 194 ? 7.011   -10.618 10.526  1.00 16.61 ? 211 ILE A O     1 
ATOM   1341 C CB    . ILE A 1 194 ? 8.677   -9.684  7.787   1.00 18.72 ? 211 ILE A CB    1 
ATOM   1342 C CG1   . ILE A 1 194 ? 7.911   -9.853  6.467   1.00 16.69 ? 211 ILE A CG1   1 
ATOM   1343 C CG2   . ILE A 1 194 ? 9.314   -10.999 8.289   1.00 15.71 ? 211 ILE A CG2   1 
ATOM   1344 C CD1   . ILE A 1 194 ? 8.751   -10.417 5.322   1.00 17.28 ? 211 ILE A CD1   1 
ATOM   1345 N N     . THR A 1 195 ? 5.591   -10.143 8.864   1.00 15.33 ? 212 THR A N     1 
ATOM   1346 C CA    . THR A 1 195 ? 4.547   -10.991 9.411   1.00 14.97 ? 212 THR A CA    1 
ATOM   1347 C C     . THR A 1 195 ? 3.733   -11.548 8.252   1.00 20.99 ? 212 THR A C     1 
ATOM   1348 O O     . THR A 1 195 ? 3.788   -11.023 7.138   1.00 18.83 ? 212 THR A O     1 
ATOM   1349 C CB    . THR A 1 195 ? 3.628   -10.204 10.377  1.00 20.06 ? 212 THR A CB    1 
ATOM   1350 O OG1   . THR A 1 195 ? 2.700   -11.101 11.002  1.00 27.20 ? 212 THR A OG1   1 
ATOM   1351 C CG2   . THR A 1 195 ? 2.860   -9.129  9.622   1.00 21.34 ? 212 THR A CG2   1 
ATOM   1352 N N     . GLY A 1 196 ? 2.990   -12.619 8.507   1.00 24.62 ? 213 GLY A N     1 
ATOM   1353 C CA    . GLY A 1 196 ? 2.126   -13.187 7.488   1.00 24.12 ? 213 GLY A CA    1 
ATOM   1354 C C     . GLY A 1 196 ? 0.690   -13.083 7.941   1.00 25.64 ? 213 GLY A C     1 
ATOM   1355 O O     . GLY A 1 196 ? 0.431   -12.665 9.065   1.00 24.34 ? 213 GLY A O     1 
ATOM   1356 N N     . LEU A 1 197 ? -0.236  -13.447 7.060   1.00 23.59 ? 214 LEU A N     1 
ATOM   1357 C CA    . LEU A 1 197 ? -1.661  -13.413 7.356   1.00 23.05 ? 214 LEU A CA    1 
ATOM   1358 C C     . LEU A 1 197 ? -2.176  -14.856 7.363   1.00 27.65 ? 214 LEU A C     1 
ATOM   1359 O O     . LEU A 1 197 ? -1.959  -15.602 6.402   1.00 21.46 ? 214 LEU A O     1 
ATOM   1360 C CB    . LEU A 1 197 ? -2.372  -12.586 6.276   1.00 23.96 ? 214 LEU A CB    1 
ATOM   1361 C CG    . LEU A 1 197 ? -3.880  -12.337 6.288   1.00 30.15 ? 214 LEU A CG    1 
ATOM   1362 C CD1   . LEU A 1 197 ? -4.652  -13.495 5.667   1.00 37.56 ? 214 LEU A CD1   1 
ATOM   1363 C CD2   . LEU A 1 197 ? -4.367  -12.036 7.698   1.00 20.97 ? 214 LEU A CD2   1 
ATOM   1364 N N     . HIS A 1 198 ? -2.856  -15.249 8.433   1.00 21.32 ? 215 HIS A N     1 
ATOM   1365 C CA    . HIS A 1 198 ? -3.264  -16.645 8.581   1.00 27.30 ? 215 HIS A CA    1 
ATOM   1366 C C     . HIS A 1 198 ? -4.652  -16.791 9.180   1.00 28.65 ? 215 HIS A C     1 
ATOM   1367 O O     . HIS A 1 198 ? -5.102  -15.932 9.946   1.00 22.40 ? 215 HIS A O     1 
ATOM   1368 C CB    . HIS A 1 198 ? -2.250  -17.404 9.445   1.00 28.42 ? 215 HIS A CB    1 
ATOM   1369 C CG    . HIS A 1 198 ? -0.858  -17.381 8.898   1.00 30.87 ? 215 HIS A CG    1 
ATOM   1370 N ND1   . HIS A 1 198 ? -0.474  -18.135 7.810   1.00 35.94 ? 215 HIS A ND1   1 
ATOM   1371 C CD2   . HIS A 1 198 ? 0.238   -16.681 9.277   1.00 30.98 ? 215 HIS A CD2   1 
ATOM   1372 C CE1   . HIS A 1 198 ? 0.800   -17.909 7.548   1.00 30.96 ? 215 HIS A CE1   1 
ATOM   1373 N NE2   . HIS A 1 198 ? 1.257   -17.032 8.424   1.00 28.46 ? 215 HIS A NE2   1 
ATOM   1374 N N     . TYR A 1 199 ? -5.336  -17.877 8.825   1.00 24.00 ? 216 TYR A N     1 
ATOM   1375 C CA    . TYR A 1 199 ? -6.613  -18.192 9.465   1.00 24.76 ? 216 TYR A CA    1 
ATOM   1376 C C     . TYR A 1 199 ? -6.347  -18.809 10.829  1.00 24.57 ? 216 TYR A C     1 
ATOM   1377 O O     . TYR A 1 199 ? -5.514  -19.712 10.951  1.00 22.12 ? 216 TYR A O     1 
ATOM   1378 C CB    . TYR A 1 199 ? -7.474  -19.135 8.610   1.00 25.98 ? 216 TYR A CB    1 
ATOM   1379 C CG    . TYR A 1 199 ? -8.781  -19.518 9.285   1.00 22.81 ? 216 TYR A CG    1 
ATOM   1380 C CD1   . TYR A 1 199 ? -9.812  -18.596 9.422   1.00 21.04 ? 216 TYR A CD1   1 
ATOM   1381 C CD2   . TYR A 1 199 ? -8.976  -20.796 9.794   1.00 21.32 ? 216 TYR A CD2   1 
ATOM   1382 C CE1   . TYR A 1 199 ? -11.010 -18.941 10.046  1.00 24.40 ? 216 TYR A CE1   1 
ATOM   1383 C CE2   . TYR A 1 199 ? -10.168 -21.152 10.416  1.00 21.77 ? 216 TYR A CE2   1 
ATOM   1384 C CZ    . TYR A 1 199 ? -11.176 -20.224 10.542  1.00 22.33 ? 216 TYR A CZ    1 
ATOM   1385 O OH    . TYR A 1 199 ? -12.357 -20.575 11.161  1.00 23.76 ? 216 TYR A OH    1 
ATOM   1386 N N     . ASN A 1 200 ? -7.036  -18.291 11.847  1.00 22.38 ? 217 ASN A N     1 
ATOM   1387 C CA    . ASN A 1 200 ? -6.956  -18.803 13.212  1.00 19.29 ? 217 ASN A CA    1 
ATOM   1388 C C     . ASN A 1 200 ? -8.262  -19.496 13.608  1.00 19.09 ? 217 ASN A C     1 
ATOM   1389 O O     . ASN A 1 200 ? -9.254  -18.829 13.866  1.00 20.21 ? 217 ASN A O     1 
ATOM   1390 C CB    . ASN A 1 200 ? -6.669  -17.654 14.191  1.00 24.76 ? 217 ASN A CB    1 
ATOM   1391 C CG    . ASN A 1 200 ? -6.356  -18.151 15.600  1.00 34.96 ? 217 ASN A CG    1 
ATOM   1392 O OD1   . ASN A 1 200 ? -7.125  -18.906 16.196  1.00 34.11 ? 217 ASN A OD1   1 
ATOM   1393 N ND2   . ASN A 1 200 ? -5.214  -17.741 16.127  1.00 39.39 ? 217 ASN A ND2   1 
ATOM   1394 N N     . PRO A 1 201 ? -8.260  -20.836 13.661  1.00 22.52 ? 218 PRO A N     1 
ATOM   1395 C CA    . PRO A 1 201 ? -9.486  -21.621 13.884  1.00 22.36 ? 218 PRO A CA    1 
ATOM   1396 C C     . PRO A 1 201 ? -10.103 -21.361 15.246  1.00 23.05 ? 218 PRO A C     1 
ATOM   1397 O O     . PRO A 1 201 ? -11.323 -21.414 15.378  1.00 27.42 ? 218 PRO A O     1 
ATOM   1398 C CB    . PRO A 1 201 ? -9.000  -23.073 13.828  1.00 21.67 ? 218 PRO A CB    1 
ATOM   1399 C CG    . PRO A 1 201 ? -7.668  -23.015 13.128  1.00 27.44 ? 218 PRO A CG    1 
ATOM   1400 C CD    . PRO A 1 201 ? -7.075  -21.695 13.468  1.00 22.90 ? 218 PRO A CD    1 
ATOM   1401 N N     . ILE A 1 202 ? -9.266  -21.096 16.246  1.00 24.14 ? 219 ILE A N     1 
ATOM   1402 C CA    . ILE A 1 202 ? -9.744  -20.888 17.611  1.00 25.34 ? 219 ILE A CA    1 
ATOM   1403 C C     . ILE A 1 202 ? -10.665 -19.666 17.712  1.00 26.84 ? 219 ILE A C     1 
ATOM   1404 O O     . ILE A 1 202 ? -11.763 -19.745 18.285  1.00 27.83 ? 219 ILE A O     1 
ATOM   1405 C CB    . ILE A 1 202 ? -8.563  -20.766 18.594  1.00 28.36 ? 219 ILE A CB    1 
ATOM   1406 C CG1   . ILE A 1 202 ? -7.927  -22.141 18.806  1.00 33.78 ? 219 ILE A CG1   1 
ATOM   1407 C CG2   . ILE A 1 202 ? -9.031  -20.215 19.919  1.00 31.13 ? 219 ILE A CG2   1 
ATOM   1408 C CD1   . ILE A 1 202 ? -6.482  -22.101 19.245  1.00 36.71 ? 219 ILE A CD1   1 
ATOM   1409 N N     . THR A 1 203 ? -10.223 -18.546 17.146  1.00 23.25 ? 220 THR A N     1 
ATOM   1410 C CA    . THR A 1 203 ? -11.020 -17.318 17.144  1.00 24.59 ? 220 THR A CA    1 
ATOM   1411 C C     . THR A 1 203 ? -11.941 -17.191 15.925  1.00 28.44 ? 220 THR A C     1 
ATOM   1412 O O     . THR A 1 203 ? -12.808 -16.319 15.893  1.00 28.42 ? 220 THR A O     1 
ATOM   1413 C CB    . THR A 1 203 ? -10.121 -16.065 17.214  1.00 31.13 ? 220 THR A CB    1 
ATOM   1414 O OG1   . THR A 1 203 ? -9.249  -16.020 16.077  1.00 24.99 ? 220 THR A OG1   1 
ATOM   1415 C CG2   . THR A 1 203 ? -9.285  -16.073 18.495  1.00 33.10 ? 220 THR A CG2   1 
ATOM   1416 N N     . ASN A 1 204 ? -11.740 -18.054 14.929  1.00 25.01 ? 221 ASN A N     1 
ATOM   1417 C CA    . ASN A 1 204 ? -12.470 -17.980 13.659  1.00 21.55 ? 221 ASN A CA    1 
ATOM   1418 C C     . ASN A 1 204 ? -12.272 -16.621 12.994  1.00 28.97 ? 221 ASN A C     1 
ATOM   1419 O O     . ASN A 1 204 ? -13.224 -15.995 12.536  1.00 27.53 ? 221 ASN A O     1 
ATOM   1420 C CB    . ASN A 1 204 ? -13.963 -18.259 13.863  1.00 24.67 ? 221 ASN A CB    1 
ATOM   1421 C CG    . ASN A 1 204 ? -14.711 -18.427 12.559  1.00 28.00 ? 221 ASN A CG    1 
ATOM   1422 O OD1   . ASN A 1 204 ? -14.244 -19.097 11.633  1.00 28.11 ? 221 ASN A OD1   1 
ATOM   1423 N ND2   . ASN A 1 204 ? -15.877 -17.811 12.477  1.00 25.63 ? 221 ASN A ND2   1 
ATOM   1424 N N     . THR A 1 205 ? -11.025 -16.164 12.963  1.00 30.29 ? 222 THR A N     1 
ATOM   1425 C CA    . THR A 1 205 ? -10.698 -14.867 12.390  1.00 26.57 ? 222 THR A CA    1 
ATOM   1426 C C     . THR A 1 205 ? -9.374  -14.976 11.673  1.00 25.15 ? 222 THR A C     1 
ATOM   1427 O O     . THR A 1 205 ? -8.576  -15.882 11.945  1.00 24.29 ? 222 THR A O     1 
ATOM   1428 C CB    . THR A 1 205 ? -10.523 -13.778 13.483  1.00 28.53 ? 222 THR A CB    1 
ATOM   1429 O OG1   . THR A 1 205 ? -9.499  -14.187 14.403  1.00 26.54 ? 222 THR A OG1   1 
ATOM   1430 C CG2   . THR A 1 205 ? -11.827 -13.531 14.239  1.00 32.28 ? 222 THR A CG2   1 
ATOM   1431 N N     . PHE A 1 206 ? -9.119  -14.035 10.777  1.00 24.41 ? 223 PHE A N     1 
ATOM   1432 C CA    . PHE A 1 206 ? -7.794  -13.920 10.190  1.00 25.50 ? 223 PHE A CA    1 
ATOM   1433 C C     . PHE A 1 206 ? -6.938  -12.993 11.044  1.00 24.64 ? 223 PHE A C     1 
ATOM   1434 O O     . PHE A 1 206 ? -7.420  -11.977 11.539  1.00 24.31 ? 223 PHE A O     1 
ATOM   1435 C CB    . PHE A 1 206 ? -7.892  -13.440 8.750   1.00 29.46 ? 223 PHE A CB    1 
ATOM   1436 C CG    . PHE A 1 206 ? -8.377  -14.499 7.812   1.00 33.64 ? 223 PHE A CG    1 
ATOM   1437 C CD1   . PHE A 1 206 ? -9.731  -14.705 7.617   1.00 38.30 ? 223 PHE A CD1   1 
ATOM   1438 C CD2   . PHE A 1 206 ? -7.472  -15.319 7.151   1.00 31.56 ? 223 PHE A CD2   1 
ATOM   1439 C CE1   . PHE A 1 206 ? -10.176 -15.700 6.762   1.00 33.79 ? 223 PHE A CE1   1 
ATOM   1440 C CE2   . PHE A 1 206 ? -7.909  -16.315 6.294   1.00 32.90 ? 223 PHE A CE2   1 
ATOM   1441 C CZ    . PHE A 1 206 ? -9.259  -16.507 6.101   1.00 32.56 ? 223 PHE A CZ    1 
ATOM   1442 N N     . LYS A 1 207 ? -5.678  -13.370 11.239  1.00 27.75 ? 224 LYS A N     1 
ATOM   1443 C CA    . LYS A 1 207 ? -4.778  -12.641 12.125  1.00 27.93 ? 224 LYS A CA    1 
ATOM   1444 C C     . LYS A 1 207 ? -3.402  -12.552 11.498  1.00 28.54 ? 224 LYS A C     1 
ATOM   1445 O O     . LYS A 1 207 ? -2.993  -13.441 10.744  1.00 25.13 ? 224 LYS A O     1 
ATOM   1446 C CB    . LYS A 1 207 ? -4.654  -13.370 13.462  1.00 25.19 ? 224 LYS A CB    1 
ATOM   1447 N N     . LEU A 1 208 ? -2.680  -11.488 11.820  1.00 23.68 ? 225 LEU A N     1 
ATOM   1448 C CA    . LEU A 1 208 ? -1.285  -11.396 11.430  1.00 27.55 ? 225 LEU A CA    1 
ATOM   1449 C C     . LEU A 1 208 ? -0.452  -12.281 12.353  1.00 28.16 ? 225 LEU A C     1 
ATOM   1450 O O     . LEU A 1 208 ? -0.714  -12.355 13.552  1.00 27.15 ? 225 LEU A O     1 
ATOM   1451 C CB    . LEU A 1 208 ? -0.808  -9.948  11.484  1.00 27.17 ? 225 LEU A CB    1 
ATOM   1452 C CG    . LEU A 1 208 ? -1.554  -8.989  10.554  1.00 24.58 ? 225 LEU A CG    1 
ATOM   1453 C CD1   . LEU A 1 208 ? -1.008  -7.577  10.721  1.00 28.38 ? 225 LEU A CD1   1 
ATOM   1454 C CD2   . LEU A 1 208 ? -1.475  -9.435  9.099   1.00 22.33 ? 225 LEU A CD2   1 
ATOM   1455 N N     . GLY A 1 209 ? 0.530   -12.980 11.794  1.00 23.46 ? 226 GLY A N     1 
ATOM   1456 C CA    . GLY A 1 209 ? 1.386   -13.827 12.600  1.00 21.91 ? 226 GLY A CA    1 
ATOM   1457 C C     . GLY A 1 209 ? 2.489   -14.445 11.771  1.00 24.76 ? 226 GLY A C     1 
ATOM   1458 O O     . GLY A 1 209 ? 2.581   -14.174 10.566  1.00 21.81 ? 226 GLY A O     1 
ATOM   1459 N N     . PRO A 1 210 ? 3.344   -15.257 12.417  1.00 28.80 ? 227 PRO A N     1 
ATOM   1460 C CA    . PRO A 1 210 ? 4.491   -15.915 11.783  1.00 29.24 ? 227 PRO A CA    1 
ATOM   1461 C C     . PRO A 1 210 ? 4.129   -16.807 10.596  1.00 28.33 ? 227 PRO A C     1 
ATOM   1462 O O     . PRO A 1 210 ? 3.030   -17.369 10.536  1.00 27.11 ? 227 PRO A O     1 
ATOM   1463 C CB    . PRO A 1 210 ? 5.076   -16.752 12.923  1.00 28.86 ? 227 PRO A CB    1 
ATOM   1464 C CG    . PRO A 1 210 ? 4.775   -15.954 14.137  1.00 33.55 ? 227 PRO A CG    1 
ATOM   1465 C CD    . PRO A 1 210 ? 3.398   -15.377 13.890  1.00 25.87 ? 227 PRO A CD    1 
ATOM   1466 N N     . GLY A 1 211 ? 5.066   -16.935 9.659   1.00 25.10 ? 228 GLY A N     1 
ATOM   1467 C CA    . GLY A 1 211 ? 4.827   -17.679 8.439   1.00 25.14 ? 228 GLY A CA    1 
ATOM   1468 C C     . GLY A 1 211 ? 4.555   -16.746 7.272   1.00 25.79 ? 228 GLY A C     1 
ATOM   1469 O O     . GLY A 1 211 ? 3.456   -16.198 7.143   1.00 25.60 ? 228 GLY A O     1 
ATOM   1470 N N     . VAL A 1 212 ? 5.557   -16.571 6.415   1.00 24.79 ? 229 VAL A N     1 
ATOM   1471 C CA    . VAL A 1 212 ? 5.437   -15.684 5.262   1.00 26.34 ? 229 VAL A CA    1 
ATOM   1472 C C     . VAL A 1 212 ? 5.639   -16.434 3.938   1.00 34.34 ? 229 VAL A C     1 
ATOM   1473 O O     . VAL A 1 212 ? 6.072   -15.847 2.945   1.00 33.86 ? 229 VAL A O     1 
ATOM   1474 C CB    . VAL A 1 212 ? 6.442   -14.521 5.353   1.00 27.14 ? 229 VAL A CB    1 
ATOM   1475 C CG1   . VAL A 1 212 ? 6.138   -13.643 6.562   1.00 21.61 ? 229 VAL A CG1   1 
ATOM   1476 C CG2   . VAL A 1 212 ? 7.872   -15.059 5.436   1.00 24.55 ? 229 VAL A CG2   1 
ATOM   1477 N N     . ASP A 1 213 ? 5.314   -17.725 3.926   1.00 32.72 ? 230 ASP A N     1 
ATOM   1478 C CA    . ASP A 1 213 ? 5.502   -18.551 2.736   1.00 34.27 ? 230 ASP A CA    1 
ATOM   1479 C C     . ASP A 1 213 ? 4.594   -18.131 1.572   1.00 35.76 ? 230 ASP A C     1 
ATOM   1480 O O     . ASP A 1 213 ? 4.944   -18.310 0.401   1.00 31.20 ? 230 ASP A O     1 
ATOM   1481 C CB    . ASP A 1 213 ? 5.257   -20.026 3.076   1.00 35.98 ? 230 ASP A CB    1 
ATOM   1482 N N     . VAL A 1 214 ? 3.446   -17.546 1.905   1.00 30.79 ? 231 VAL A N     1 
ATOM   1483 C CA    . VAL A 1 214 ? 2.354   -17.363 0.949   1.00 27.48 ? 231 VAL A CA    1 
ATOM   1484 C C     . VAL A 1 214 ? 1.883   -15.901 0.841   1.00 27.64 ? 231 VAL A C     1 
ATOM   1485 O O     . VAL A 1 214 ? 1.353   -15.476 -0.189  1.00 26.91 ? 231 VAL A O     1 
ATOM   1486 C CB    . VAL A 1 214 ? 1.181   -18.328 1.319   1.00 33.54 ? 231 VAL A CB    1 
ATOM   1487 C CG1   . VAL A 1 214 ? -0.181  -17.650 1.240   1.00 37.43 ? 231 VAL A CG1   1 
ATOM   1488 C CG2   . VAL A 1 214 ? 1.243   -19.593 0.466   1.00 33.94 ? 231 VAL A CG2   1 
ATOM   1489 N N     . ASN A 1 215 ? 2.100   -15.135 1.906   1.00 21.48 ? 232 ASN A N     1 
ATOM   1490 C CA    . ASN A 1 215 ? 1.761   -13.713 1.927   1.00 21.20 ? 232 ASN A CA    1 
ATOM   1491 C C     . ASN A 1 215 ? 2.614   -13.046 2.991   1.00 24.42 ? 232 ASN A C     1 
ATOM   1492 O O     . ASN A 1 215 ? 3.218   -13.736 3.815   1.00 23.34 ? 232 ASN A O     1 
ATOM   1493 C CB    . ASN A 1 215 ? 0.266   -13.507 2.214   1.00 23.00 ? 232 ASN A CB    1 
ATOM   1494 C CG    . ASN A 1 215 ? -0.182  -14.153 3.521   1.00 26.74 ? 232 ASN A CG    1 
ATOM   1495 O OD1   . ASN A 1 215 ? 0.502   -14.065 4.545   1.00 29.77 ? 232 ASN A OD1   1 
ATOM   1496 N ND2   . ASN A 1 215 ? -1.340  -14.810 3.487   1.00 25.66 ? 232 ASN A ND2   1 
ATOM   1497 N N     . TYR A 1 216 ? 2.687   -11.721 2.978   1.00 15.75 ? 233 TYR A N     1 
ATOM   1498 C CA    . TYR A 1 216 ? 3.452   -11.022 4.009   1.00 19.50 ? 233 TYR A CA    1 
ATOM   1499 C C     . TYR A 1 216 ? 3.118   -9.541  4.097   1.00 19.71 ? 233 TYR A C     1 
ATOM   1500 O O     . TYR A 1 216 ? 2.529   -8.967  3.182   1.00 20.20 ? 233 TYR A O     1 
ATOM   1501 C CB    . TYR A 1 216 ? 4.946   -11.154 3.731   1.00 15.74 ? 233 TYR A CB    1 
ATOM   1502 C CG    . TYR A 1 216 ? 5.341   -10.547 2.406   1.00 20.01 ? 233 TYR A CG    1 
ATOM   1503 C CD1   . TYR A 1 216 ? 5.312   -11.304 1.247   1.00 28.05 ? 233 TYR A CD1   1 
ATOM   1504 C CD2   . TYR A 1 216 ? 5.718   -9.216  2.307   1.00 22.46 ? 233 TYR A CD2   1 
ATOM   1505 C CE1   . TYR A 1 216 ? 5.658   -10.764 0.042   1.00 28.41 ? 233 TYR A CE1   1 
ATOM   1506 C CE2   . TYR A 1 216 ? 6.057   -8.663  1.096   1.00 30.14 ? 233 TYR A CE2   1 
ATOM   1507 C CZ    . TYR A 1 216 ? 6.027   -9.446  -0.034  1.00 36.97 ? 233 TYR A CZ    1 
ATOM   1508 O OH    . TYR A 1 216 ? 6.375   -8.914  -1.251  1.00 44.10 ? 233 TYR A OH    1 
ATOM   1509 N N     . MET A 1 217 ? 3.526   -8.940  5.207   1.00 19.46 ? 234 MET A N     1 
ATOM   1510 C CA    . MET A 1 217 ? 3.561   -7.494  5.363   1.00 23.16 ? 234 MET A CA    1 
ATOM   1511 C C     . MET A 1 217 ? 4.879   -7.167  6.047   1.00 19.66 ? 234 MET A C     1 
ATOM   1512 O O     . MET A 1 217 ? 5.227   -7.784  7.057   1.00 14.95 ? 234 MET A O     1 
ATOM   1513 C CB    . MET A 1 217 ? 2.392   -6.987  6.203   1.00 21.16 ? 234 MET A CB    1 
ATOM   1514 C CG    . MET A 1 217 ? 2.404   -5.459  6.385   1.00 25.23 ? 234 MET A CG    1 
ATOM   1515 S SD    . MET A 1 217 ? 0.731   -4.820  6.426   1.00 35.90 ? 234 MET A SD    1 
ATOM   1516 C CE    . MET A 1 217 ? -0.042  -5.976  7.569   1.00 24.62 ? 234 MET A CE    1 
ATOM   1517 N N     . LEU A 1 218 ? 5.622   -6.227  5.466   1.00 15.00 ? 235 LEU A N     1 
ATOM   1518 C CA    . LEU A 1 218 ? 6.971   -5.892  5.907   1.00 14.51 ? 235 LEU A CA    1 
ATOM   1519 C C     . LEU A 1 218 ? 7.032   -4.455  6.413   1.00 18.84 ? 235 LEU A C     1 
ATOM   1520 O O     . LEU A 1 218 ? 6.618   -3.523  5.709   1.00 13.24 ? 235 LEU A O     1 
ATOM   1521 C CB    . LEU A 1 218 ? 7.943   -6.059  4.730   1.00 17.04 ? 235 LEU A CB    1 
ATOM   1522 C CG    . LEU A 1 218 ? 9.403   -5.637  4.889   1.00 20.10 ? 235 LEU A CG    1 
ATOM   1523 C CD1   . LEU A 1 218 ? 10.125  -6.555  5.874   1.00 17.88 ? 235 LEU A CD1   1 
ATOM   1524 C CD2   . LEU A 1 218 ? 10.107  -5.640  3.523   1.00 17.01 ? 235 LEU A CD2   1 
ATOM   1525 N N     . HIS A 1 219 ? 7.540   -4.280  7.633   1.00 16.76 ? 236 HIS A N     1 
ATOM   1526 C CA    . HIS A 1 219 ? 7.812   -2.949  8.178   1.00 13.02 ? 236 HIS A CA    1 
ATOM   1527 C C     . HIS A 1 219 ? 9.293   -2.594  8.038   1.00 15.80 ? 236 HIS A C     1 
ATOM   1528 O O     . HIS A 1 219 ? 10.162  -3.298  8.570   1.00 16.48 ? 236 HIS A O     1 
ATOM   1529 C CB    . HIS A 1 219 ? 7.419   -2.891  9.646   1.00 15.56 ? 236 HIS A CB    1 
ATOM   1530 C CG    . HIS A 1 219 ? 7.769   -1.594  10.305  1.00 18.46 ? 236 HIS A CG    1 
ATOM   1531 N ND1   . HIS A 1 219 ? 8.313   -1.524  11.568  1.00 15.30 ? 236 HIS A ND1   1 
ATOM   1532 C CD2   . HIS A 1 219 ? 7.668   -0.318  9.863   1.00 14.08 ? 236 HIS A CD2   1 
ATOM   1533 C CE1   . HIS A 1 219 ? 8.525   -0.258  11.881  1.00 17.33 ? 236 HIS A CE1   1 
ATOM   1534 N NE2   . HIS A 1 219 ? 8.141   0.494   10.865  1.00 14.83 ? 236 HIS A NE2   1 
ATOM   1535 N N     . THR A 1 220 ? 9.583   -1.521  7.307   1.00 13.21 ? 237 THR A N     1 
ATOM   1536 C CA    . THR A 1 220 ? 10.942  -0.991  7.206   1.00 16.33 ? 237 THR A CA    1 
ATOM   1537 C C     . THR A 1 220 ? 10.996  0.441   7.733   1.00 21.08 ? 237 THR A C     1 
ATOM   1538 O O     . THR A 1 220 ? 9.989   1.169   7.714   1.00 15.24 ? 237 THR A O     1 
ATOM   1539 C CB    . THR A 1 220 ? 11.449  -0.971  5.760   1.00 16.37 ? 237 THR A CB    1 
ATOM   1540 O OG1   . THR A 1 220 ? 10.809  0.091   5.050   1.00 19.71 ? 237 THR A OG1   1 
ATOM   1541 C CG2   . THR A 1 220 ? 11.155  -2.295  5.062   1.00 13.06 ? 237 THR A CG2   1 
ATOM   1542 N N     . GLN A 1 221 ? 12.173  0.854   8.191   1.00 15.28 ? 238 GLN A N     1 
ATOM   1543 C CA    . GLN A 1 221 ? 12.325  2.206   8.710   1.00 17.43 ? 238 GLN A CA    1 
ATOM   1544 C C     . GLN A 1 221 ? 13.561  2.865   8.103   1.00 18.81 ? 238 GLN A C     1 
ATOM   1545 O O     . GLN A 1 221 ? 14.617  2.233   7.952   1.00 15.70 ? 238 GLN A O     1 
ATOM   1546 C CB    . GLN A 1 221 ? 12.420  2.163   10.230  1.00 17.94 ? 238 GLN A CB    1 
ATOM   1547 C CG    . GLN A 1 221 ? 12.135  3.481   10.895  1.00 29.05 ? 238 GLN A CG    1 
ATOM   1548 C CD    . GLN A 1 221 ? 12.394  3.437   12.384  1.00 39.53 ? 238 GLN A CD    1 
ATOM   1549 O OE1   . GLN A 1 221 ? 12.864  2.426   12.917  1.00 36.12 ? 238 GLN A OE1   1 
ATOM   1550 N NE2   . GLN A 1 221 ? 12.105  4.545   13.067  1.00 40.78 ? 238 GLN A NE2   1 
ATOM   1551 N N     . ASN A 1 222 ? 13.438  4.137   7.750   1.00 12.69 ? 239 ASN A N     1 
ATOM   1552 C CA    . ASN A 1 222 ? 14.542  4.820   7.086   1.00 13.57 ? 239 ASN A CA    1 
ATOM   1553 C C     . ASN A 1 222 ? 15.662  5.128   8.075   1.00 22.14 ? 239 ASN A C     1 
ATOM   1554 O O     . ASN A 1 222 ? 15.405  5.561   9.199   1.00 24.47 ? 239 ASN A O     1 
ATOM   1555 C CB    . ASN A 1 222 ? 14.062  6.113   6.428   1.00 21.42 ? 239 ASN A CB    1 
ATOM   1556 C CG    . ASN A 1 222 ? 15.074  6.668   5.441   1.00 27.87 ? 239 ASN A CG    1 
ATOM   1557 O OD1   . ASN A 1 222 ? 15.931  5.935   4.942   1.00 27.46 ? 239 ASN A OD1   1 
ATOM   1558 N ND2   . ASN A 1 222 ? 14.980  7.959   5.156   1.00 31.03 ? 239 ASN A ND2   1 
ATOM   1559 N N     . LYS A 1 223 ? 16.903  4.908   7.661   1.00 28.14 ? 240 LYS A N     1 
ATOM   1560 C CA    . LYS A 1 223 ? 18.043  5.177   8.535   1.00 35.48 ? 240 LYS A CA    1 
ATOM   1561 C C     . LYS A 1 223 ? 18.748  6.470   8.145   1.00 46.02 ? 240 LYS A C     1 
ATOM   1562 O O     . LYS A 1 223 ? 19.865  6.448   7.617   1.00 45.72 ? 240 LYS A O     1 
HETATM 1563 N N     . SAH B 2 .   ? -3.024  -0.427  -2.610  1.00 16.58 ? 301 SAH A N     1 
HETATM 1564 C CA    . SAH B 2 .   ? -4.483  -0.522  -2.697  1.00 19.95 ? 301 SAH A CA    1 
HETATM 1565 C CB    . SAH B 2 .   ? -4.924  -0.985  -4.085  1.00 18.53 ? 301 SAH A CB    1 
HETATM 1566 C CG    . SAH B 2 .   ? -4.077  -2.122  -4.645  1.00 18.05 ? 301 SAH A CG    1 
HETATM 1567 S SD    . SAH B 2 .   ? -4.748  -2.743  -6.212  1.00 22.80 ? 301 SAH A SD    1 
HETATM 1568 C C     . SAH B 2 .   ? -4.990  -1.488  -1.635  1.00 24.68 ? 301 SAH A C     1 
HETATM 1569 O O     . SAH B 2 .   ? -4.270  -2.413  -1.256  1.00 24.57 ? 301 SAH A O     1 
HETATM 1570 O OXT   . SAH B 2 .   ? -6.116  -1.373  -1.142  1.00 26.85 ? 301 SAH A OXT   1 
HETATM 1571 C "C5'" . SAH B 2 .   ? -3.272  -2.223  -7.132  1.00 17.32 ? 301 SAH A "C5'" 1 
HETATM 1572 C "C4'" . SAH B 2 .   ? -3.302  -0.775  -7.615  1.00 18.35 ? 301 SAH A "C4'" 1 
HETATM 1573 O "O4'" . SAH B 2 .   ? -2.004  -0.371  -8.029  1.00 22.27 ? 301 SAH A "O4'" 1 
HETATM 1574 C "C3'" . SAH B 2 .   ? -4.232  -0.514  -8.794  1.00 22.17 ? 301 SAH A "C3'" 1 
HETATM 1575 O "O3'" . SAH B 2 .   ? -5.142  0.509   -8.445  1.00 23.90 ? 301 SAH A "O3'" 1 
HETATM 1576 C "C2'" . SAH B 2 .   ? -3.331  -0.014  -9.907  1.00 19.14 ? 301 SAH A "C2'" 1 
HETATM 1577 O "O2'" . SAH B 2 .   ? -3.938  0.955   -10.753 1.00 21.20 ? 301 SAH A "O2'" 1 
HETATM 1578 C "C1'" . SAH B 2 .   ? -2.125  0.497   -9.139  1.00 17.82 ? 301 SAH A "C1'" 1 
HETATM 1579 N N9    . SAH B 2 .   ? -0.898  0.448   -9.960  1.00 20.11 ? 301 SAH A N9    1 
HETATM 1580 C C8    . SAH B 2 .   ? -0.455  -0.600  -10.738 1.00 21.72 ? 301 SAH A C8    1 
HETATM 1581 N N7    . SAH B 2 .   ? 0.710   -0.226  -11.323 1.00 21.16 ? 301 SAH A N7    1 
HETATM 1582 C C5    . SAH B 2 .   ? 1.002   1.037   -10.933 1.00 21.21 ? 301 SAH A C5    1 
HETATM 1583 C C6    . SAH B 2 .   ? 2.060   1.884   -11.229 1.00 25.29 ? 301 SAH A C6    1 
HETATM 1584 N N6    . SAH B 2 .   ? 3.029   1.476   -12.053 1.00 21.45 ? 301 SAH A N6    1 
HETATM 1585 N N1    . SAH B 2 .   ? 2.090   3.144   -10.656 1.00 22.23 ? 301 SAH A N1    1 
HETATM 1586 C C2    . SAH B 2 .   ? 1.087   3.556   -9.800  1.00 21.65 ? 301 SAH A C2    1 
HETATM 1587 N N3    . SAH B 2 .   ? 0.037   2.707   -9.507  1.00 19.45 ? 301 SAH A N3    1 
HETATM 1588 C C4    . SAH B 2 .   ? 0.002   1.471   -10.071 1.00 20.36 ? 301 SAH A C4    1 
HETATM 1589 O O     . HOH C 3 .   ? -7.744  0.532   -2.486  1.00 14.77 ? 401 HOH A O     1 
HETATM 1590 O O     . HOH C 3 .   ? -0.624  1.013   -1.655  1.00 20.59 ? 402 HOH A O     1 
HETATM 1591 O O     . HOH C 3 .   ? -11.090 7.407   -1.133  1.00 15.74 ? 403 HOH A O     1 
HETATM 1592 O O     . HOH C 3 .   ? 17.727  5.035   -0.698  1.00 14.37 ? 404 HOH A O     1 
HETATM 1593 O O     . HOH C 3 .   ? 2.311   -1.240  -13.541 1.00 19.97 ? 405 HOH A O     1 
HETATM 1594 O O     . HOH C 3 .   ? -5.623  2.678   -0.599  1.00 18.55 ? 406 HOH A O     1 
HETATM 1595 O O     . HOH C 3 .   ? -2.182  -5.253  1.996   1.00 24.28 ? 407 HOH A O     1 
HETATM 1596 O O     . HOH C 3 .   ? -5.838  13.193  4.672   1.00 19.17 ? 408 HOH A O     1 
HETATM 1597 O O     . HOH C 3 .   ? 8.782   -2.952  14.212  1.00 23.39 ? 409 HOH A O     1 
HETATM 1598 O O     . HOH C 3 .   ? -3.007  0.747   -0.309  1.00 25.45 ? 410 HOH A O     1 
HETATM 1599 O O     . HOH C 3 .   ? 6.245   2.942   -11.187 1.00 22.17 ? 411 HOH A O     1 
HETATM 1600 O O     . HOH C 3 .   ? 16.433  5.634   -2.846  1.00 18.31 ? 412 HOH A O     1 
HETATM 1601 O O     . HOH C 3 .   ? 4.447   4.287   -10.019 1.00 25.18 ? 413 HOH A O     1 
HETATM 1602 O O     . HOH C 3 .   ? -15.572 -5.206  -4.768  1.00 27.79 ? 414 HOH A O     1 
HETATM 1603 O O     . HOH C 3 .   ? -12.559 13.897  -2.437  1.00 19.46 ? 415 HOH A O     1 
HETATM 1604 O O     . HOH C 3 .   ? 14.455  7.005   -6.253  1.00 20.79 ? 416 HOH A O     1 
HETATM 1605 O O     . HOH C 3 .   ? -1.486  8.856   16.316  1.00 22.80 ? 417 HOH A O     1 
HETATM 1606 O O     . HOH C 3 .   ? -11.531 1.604   4.033   1.00 20.14 ? 418 HOH A O     1 
HETATM 1607 O O     . HOH C 3 .   ? -9.936  4.229   9.713   1.00 24.17 ? 419 HOH A O     1 
HETATM 1608 O O     . HOH C 3 .   ? -4.358  15.233  2.152   1.00 25.39 ? 420 HOH A O     1 
HETATM 1609 O O     . HOH C 3 .   ? 0.101   13.939  2.204   1.00 20.02 ? 421 HOH A O     1 
HETATM 1610 O O     . HOH C 3 .   ? -10.208 4.761   -16.372 1.00 31.62 ? 422 HOH A O     1 
HETATM 1611 O O     . HOH C 3 .   ? -22.536 6.133   -4.067  1.00 29.25 ? 423 HOH A O     1 
HETATM 1612 O O     . HOH C 3 .   ? -20.362 14.401  1.535   1.00 19.06 ? 424 HOH A O     1 
HETATM 1613 O O     . HOH C 3 .   ? -11.366 14.272  -0.096  1.00 21.95 ? 425 HOH A O     1 
HETATM 1614 O O     . HOH C 3 .   ? 12.592  16.352  -4.256  1.00 24.60 ? 426 HOH A O     1 
HETATM 1615 O O     . HOH C 3 .   ? -13.029 -22.774 13.074  1.00 29.58 ? 427 HOH A O     1 
HETATM 1616 O O     . HOH C 3 .   ? -10.983 -0.789  7.381   1.00 28.51 ? 428 HOH A O     1 
HETATM 1617 O O     . HOH C 3 .   ? 8.281   5.881   -13.826 1.00 25.90 ? 429 HOH A O     1 
HETATM 1618 O O     . HOH C 3 .   ? -2.901  -0.306  16.303  1.00 28.63 ? 430 HOH A O     1 
HETATM 1619 O O     . HOH C 3 .   ? 13.159  -4.796  -10.291 1.00 26.15 ? 431 HOH A O     1 
HETATM 1620 O O     . HOH C 3 .   ? 3.790   -19.496 5.972   1.00 36.38 ? 432 HOH A O     1 
HETATM 1621 O O     . HOH C 3 .   ? 6.360   7.561   11.149  1.00 23.38 ? 433 HOH A O     1 
HETATM 1622 O O     . HOH C 3 .   ? 16.417  -9.158  -4.409  1.00 26.39 ? 434 HOH A O     1 
HETATM 1623 O O     . HOH C 3 .   ? 6.658   -6.708  -10.662 1.00 24.64 ? 435 HOH A O     1 
HETATM 1624 O O     . HOH C 3 .   ? 13.015  15.043  5.398   1.00 31.97 ? 436 HOH A O     1 
HETATM 1625 O O     . HOH C 3 .   ? 18.698  0.020   -7.944  1.00 40.56 ? 437 HOH A O     1 
HETATM 1626 O O     . HOH C 3 .   ? 13.392  5.164   -8.278  1.00 30.04 ? 438 HOH A O     1 
HETATM 1627 O O     . HOH C 3 .   ? -20.938 -3.036  -0.366  1.00 30.64 ? 439 HOH A O     1 
HETATM 1628 O O     . HOH C 3 .   ? 16.127  -2.817  -11.419 1.00 48.04 ? 440 HOH A O     1 
HETATM 1629 O O     . HOH C 3 .   ? -1.607  -9.404  -4.600  1.00 38.97 ? 441 HOH A O     1 
HETATM 1630 O O     . HOH C 3 .   ? -7.853  14.873  -4.551  1.00 28.26 ? 442 HOH A O     1 
HETATM 1631 O O     . HOH C 3 .   ? 10.857  -15.805 0.413   1.00 27.59 ? 443 HOH A O     1 
HETATM 1632 O O     . HOH C 3 .   ? -18.907 16.193  3.328   1.00 26.12 ? 444 HOH A O     1 
HETATM 1633 O O     . HOH C 3 .   ? -9.788  -0.599  -19.127 1.00 24.82 ? 445 HOH A O     1 
HETATM 1634 O O     . HOH C 3 .   ? 1.414   -3.390  -21.461 1.00 41.16 ? 446 HOH A O     1 
HETATM 1635 O O     . HOH C 3 .   ? 2.232   -16.823 4.791   1.00 29.78 ? 447 HOH A O     1 
HETATM 1636 O O     . HOH C 3 .   ? -4.975  -7.110  -5.185  1.00 44.29 ? 448 HOH A O     1 
HETATM 1637 O O     . HOH C 3 .   ? -5.594  11.936  -17.037 1.00 41.48 ? 449 HOH A O     1 
HETATM 1638 O O     . HOH C 3 .   ? -13.295 -1.105  3.429   1.00 30.76 ? 450 HOH A O     1 
HETATM 1639 O O     . HOH C 3 .   ? 11.185  5.474   -14.683 1.00 41.22 ? 451 HOH A O     1 
HETATM 1640 O O     . HOH C 3 .   ? -11.139 -9.272  8.730   1.00 45.71 ? 452 HOH A O     1 
HETATM 1641 O O     . HOH C 3 .   ? 4.625   10.501  -13.563 1.00 36.58 ? 453 HOH A O     1 
HETATM 1642 O O     . HOH C 3 .   ? 15.042  11.549  0.457   1.00 21.78 ? 454 HOH A O     1 
HETATM 1643 O O     . HOH C 3 .   ? 8.275   -16.803 1.625   1.00 40.24 ? 455 HOH A O     1 
HETATM 1644 O O     . HOH C 3 .   ? -13.492 -21.230 19.832  1.00 30.41 ? 456 HOH A O     1 
HETATM 1645 O O     . HOH C 3 .   ? -18.972 2.762   0.644   1.00 40.41 ? 457 HOH A O     1 
HETATM 1646 O O     . HOH C 3 .   ? -7.740  13.413  7.832   1.00 33.10 ? 458 HOH A O     1 
HETATM 1647 O O     . HOH C 3 .   ? -13.444 4.021   4.322   1.00 32.76 ? 459 HOH A O     1 
HETATM 1648 O O     . HOH C 3 .   ? -11.213 -12.049 10.544  1.00 32.89 ? 460 HOH A O     1 
HETATM 1649 O O     . HOH C 3 .   ? -1.775  0.886   17.867  1.00 27.61 ? 461 HOH A O     1 
HETATM 1650 O O     . HOH C 3 .   ? -17.762 -11.020 -7.507  1.00 46.46 ? 462 HOH A O     1 
HETATM 1651 O O     . HOH C 3 .   ? -12.661 -2.475  5.564   1.00 29.77 ? 463 HOH A O     1 
HETATM 1652 O O     . HOH C 3 .   ? 16.690  -8.215  7.097   1.00 31.02 ? 464 HOH A O     1 
HETATM 1653 O O     . HOH C 3 .   ? -9.956  14.015  -3.039  1.00 28.62 ? 465 HOH A O     1 
HETATM 1654 O O     . HOH C 3 .   ? -15.941 -0.331  3.733   1.00 36.58 ? 466 HOH A O     1 
HETATM 1655 O O     . HOH C 3 .   ? -5.479  1.334   -12.701 1.00 30.66 ? 467 HOH A O     1 
HETATM 1656 O O     . HOH C 3 .   ? 0.666   -17.786 12.265  1.00 36.24 ? 468 HOH A O     1 
HETATM 1657 O O     . HOH C 3 .   ? 9.458   -5.925  16.865  1.00 32.71 ? 469 HOH A O     1 
HETATM 1658 O O     . HOH C 3 .   ? 0.692   10.926  16.062  1.00 29.88 ? 470 HOH A O     1 
HETATM 1659 O O     . HOH C 3 .   ? -8.715  5.449   -18.888 1.00 43.37 ? 471 HOH A O     1 
HETATM 1660 O O     . HOH C 3 .   ? -4.345  -19.486 6.581   1.00 36.91 ? 472 HOH A O     1 
# 
